data_2C6X
#
_entry.id   2C6X
#
_cell.length_a   53.504
_cell.length_b   185.563
_cell.length_c   82.563
_cell.angle_alpha   90.00
_cell.angle_beta   106.62
_cell.angle_gamma   90.00
#
_symmetry.space_group_name_H-M   'P 1 21 1'
#
loop_
_entity.id
_entity.type
_entity.pdbx_description
1 polymer 'CITRATE SYNTHASE 1'
2 non-polymer 'COENZYME A'
3 non-polymer 'CITRIC ACID'
#
_entity_poly.entity_id   1
_entity_poly.type   'polypeptide(L)'
_entity_poly.pdbx_seq_one_letter_code
;VHYGLKGITCVETSISHIDGEKGRLIYRGHHAKDIALNHSFEEAAYLILFGKLPSTEELQVFKDKLAAERNLPEHIERLI
QSLPNNMDDMSVLRTVVSALGENTYTFHPKTEEAIRLIAITPSIIAYRKRWTRGEQAIAPSSQYGHVENYYYMLTGEQPS
EAKKKALETYMILATEHGMNASTFSARVTLSTESDLVSAVTAALGTMKGPLHGGAPSAVTKMLEDIGEKEHAEAYLKEKL
EKGERLMGFGHRVYKTKDPRAEALRQKAEEVAGNDRDLDLALHVEAEAIRLLEIYKPGRKLYTNVEFYAAAVMRAIDFDD
ELFTPTFSASRMVGWCAHVLEQAENNMIFRPSAQYTGAIPEEV
;
_entity_poly.pdbx_strand_id   A,B,C,D
#
# COMPACT_ATOMS: atom_id res chain seq x y z
N VAL A 1 51.36 -33.18 -15.53
CA VAL A 1 52.15 -34.02 -14.55
C VAL A 1 53.15 -33.18 -13.69
N HIS A 2 52.94 -33.16 -12.36
CA HIS A 2 53.80 -32.41 -11.44
C HIS A 2 54.73 -33.32 -10.63
N TYR A 3 55.83 -33.75 -11.25
CA TYR A 3 56.82 -34.65 -10.61
C TYR A 3 57.36 -34.13 -9.24
N GLY A 4 57.15 -34.92 -8.19
CA GLY A 4 57.60 -34.54 -6.85
C GLY A 4 56.80 -33.39 -6.24
N LEU A 5 55.80 -32.92 -6.98
CA LEU A 5 54.89 -31.83 -6.57
C LEU A 5 55.56 -30.47 -6.26
N LYS A 6 56.69 -30.17 -6.91
CA LYS A 6 57.40 -28.89 -6.69
C LYS A 6 56.53 -27.72 -7.15
N GLY A 7 56.36 -26.75 -6.26
CA GLY A 7 55.52 -25.61 -6.58
C GLY A 7 54.05 -25.89 -6.32
N ILE A 8 53.74 -27.15 -5.96
CA ILE A 8 52.36 -27.54 -5.66
C ILE A 8 52.07 -27.26 -4.16
N THR A 9 51.13 -26.34 -3.93
CA THR A 9 50.74 -25.91 -2.59
C THR A 9 49.46 -26.60 -2.06
N CYS A 10 49.60 -27.85 -1.65
CA CYS A 10 48.47 -28.62 -1.16
C CYS A 10 48.08 -28.38 0.30
N VAL A 11 48.60 -27.34 0.94
CA VAL A 11 48.21 -27.10 2.34
C VAL A 11 48.13 -25.65 2.81
N GLU A 12 47.27 -25.45 3.80
CA GLU A 12 47.03 -24.16 4.40
C GLU A 12 47.51 -24.38 5.84
N THR A 13 48.24 -23.43 6.42
CA THR A 13 48.73 -23.58 7.80
C THR A 13 49.15 -22.30 8.49
N SER A 14 48.87 -22.22 9.78
CA SER A 14 49.25 -21.05 10.56
C SER A 14 50.34 -21.44 11.57
N ILE A 15 51.21 -22.36 11.18
CA ILE A 15 52.30 -22.82 12.04
C ILE A 15 53.62 -22.18 11.69
N SER A 16 53.95 -22.16 10.40
CA SER A 16 55.23 -21.60 10.03
C SER A 16 55.27 -21.20 8.58
N HIS A 17 56.19 -20.28 8.26
CA HIS A 17 56.38 -19.82 6.89
C HIS A 17 57.86 -19.62 6.61
N ILE A 18 58.29 -20.03 5.43
CA ILE A 18 59.68 -19.88 5.07
C ILE A 18 59.68 -19.04 3.78
N ASP A 19 60.45 -17.96 3.78
CA ASP A 19 60.54 -17.06 2.62
C ASP A 19 61.96 -17.00 2.07
N GLY A 20 62.22 -17.73 1.00
CA GLY A 20 63.54 -17.73 0.39
C GLY A 20 64.05 -16.30 0.17
N GLU A 21 63.47 -15.60 -0.80
CA GLU A 21 63.86 -14.24 -1.11
C GLU A 21 64.23 -13.46 0.13
N LYS A 22 63.25 -12.85 0.77
CA LYS A 22 63.57 -12.10 1.99
C LYS A 22 64.16 -13.16 2.94
N GLY A 23 65.31 -12.86 3.53
CA GLY A 23 65.92 -13.83 4.44
C GLY A 23 65.20 -13.99 5.77
N ARG A 24 63.96 -14.52 5.76
CA ARG A 24 63.21 -14.69 7.01
C ARG A 24 62.39 -15.99 7.16
N LEU A 25 62.27 -16.46 8.42
CA LEU A 25 61.53 -17.67 8.78
C LEU A 25 60.69 -17.38 10.02
N ILE A 26 59.38 -17.56 9.93
CA ILE A 26 58.48 -17.26 11.02
C ILE A 26 57.75 -18.43 11.64
N TYR A 27 57.72 -18.43 12.98
CA TYR A 27 57.03 -19.45 13.74
C TYR A 27 55.80 -18.75 14.30
N ARG A 28 54.62 -19.30 14.05
CA ARG A 28 53.37 -18.75 14.58
C ARG A 28 53.31 -17.22 14.79
N GLY A 29 53.89 -16.43 13.89
CA GLY A 29 53.82 -14.98 14.08
C GLY A 29 55.08 -14.32 14.61
N HIS A 30 56.00 -15.09 15.18
CA HIS A 30 57.25 -14.54 15.68
C HIS A 30 58.37 -15.02 14.78
N HIS A 31 59.52 -14.39 14.94
CA HIS A 31 60.70 -14.77 14.17
C HIS A 31 61.41 -15.91 14.86
N ALA A 32 62.00 -16.79 14.06
CA ALA A 32 62.72 -17.91 14.63
C ALA A 32 63.93 -17.39 15.38
N LYS A 33 64.69 -16.50 14.74
CA LYS A 33 65.88 -15.91 15.34
C LYS A 33 65.59 -15.57 16.78
N ASP A 34 64.58 -14.74 16.98
CA ASP A 34 64.20 -14.30 18.31
C ASP A 34 63.91 -15.47 19.24
N ILE A 35 63.15 -16.45 18.78
CA ILE A 35 62.86 -17.58 19.65
C ILE A 35 64.10 -18.39 19.96
N ALA A 36 64.88 -18.68 18.94
CA ALA A 36 66.10 -19.45 19.13
C ALA A 36 67.02 -18.80 20.16
N LEU A 37 67.28 -17.52 19.95
CA LEU A 37 68.17 -16.73 20.79
C LEU A 37 67.74 -16.39 22.21
N ASN A 38 66.51 -15.90 22.36
CA ASN A 38 66.06 -15.46 23.67
C ASN A 38 65.06 -16.34 24.43
N HIS A 39 64.85 -17.56 23.99
CA HIS A 39 63.90 -18.43 24.66
C HIS A 39 64.40 -19.84 24.89
N SER A 40 63.60 -20.61 25.63
CA SER A 40 63.91 -21.98 25.97
C SER A 40 63.09 -22.92 25.14
N PHE A 41 63.70 -24.01 24.68
CA PHE A 41 63.01 -25.00 23.87
C PHE A 41 61.55 -25.14 24.28
N GLU A 42 61.31 -25.31 25.58
CA GLU A 42 59.97 -25.47 26.07
C GLU A 42 59.07 -24.32 25.67
N GLU A 43 59.58 -23.10 25.79
CA GLU A 43 58.76 -21.97 25.40
C GLU A 43 58.46 -22.19 23.92
N ALA A 44 59.50 -22.42 23.14
CA ALA A 44 59.35 -22.63 21.72
C ALA A 44 58.27 -23.65 21.41
N ALA A 45 58.47 -24.86 21.90
CA ALA A 45 57.51 -25.91 21.67
C ALA A 45 56.11 -25.35 21.89
N TYR A 46 55.88 -24.85 23.10
CA TYR A 46 54.61 -24.27 23.48
C TYR A 46 54.07 -23.28 22.48
N LEU A 47 54.96 -22.66 21.71
CA LEU A 47 54.50 -21.70 20.74
C LEU A 47 53.98 -22.43 19.52
N ILE A 48 54.86 -23.18 18.85
CA ILE A 48 54.47 -23.93 17.67
C ILE A 48 53.20 -24.72 17.93
N LEU A 49 53.12 -25.30 19.12
CA LEU A 49 51.98 -26.10 19.54
C LEU A 49 50.66 -25.38 19.71
N PHE A 50 50.69 -24.29 20.48
CA PHE A 50 49.48 -23.55 20.76
C PHE A 50 49.25 -22.21 20.06
N GLY A 51 50.31 -21.48 19.71
CA GLY A 51 50.05 -20.24 19.00
C GLY A 51 50.56 -18.94 19.54
N LYS A 52 51.13 -18.96 20.75
CA LYS A 52 51.66 -17.76 21.39
C LYS A 52 52.73 -18.16 22.42
N LEU A 53 53.47 -17.20 22.96
CA LEU A 53 54.47 -17.51 23.97
C LEU A 53 53.67 -17.81 25.22
N PRO A 54 54.27 -18.45 26.23
CA PRO A 54 53.50 -18.77 27.43
C PRO A 54 53.61 -17.80 28.60
N SER A 55 52.54 -17.69 29.37
CA SER A 55 52.53 -16.83 30.53
C SER A 55 53.49 -17.37 31.57
N THR A 56 53.83 -16.54 32.54
CA THR A 56 54.77 -16.95 33.58
C THR A 56 54.26 -18.23 34.28
N GLU A 57 52.96 -18.31 34.56
CA GLU A 57 52.41 -19.52 35.19
C GLU A 57 52.09 -20.53 34.08
N GLU A 58 51.57 -20.02 32.97
CA GLU A 58 51.19 -20.83 31.81
C GLU A 58 52.25 -21.84 31.46
N LEU A 59 53.50 -21.41 31.54
CA LEU A 59 54.60 -22.27 31.22
C LEU A 59 54.85 -23.33 32.27
N GLN A 60 55.21 -22.89 33.47
CA GLN A 60 55.52 -23.82 34.54
C GLN A 60 54.66 -25.10 34.48
N VAL A 61 53.37 -24.99 34.17
CA VAL A 61 52.53 -26.19 34.11
C VAL A 61 52.91 -27.10 32.93
N PHE A 62 53.17 -26.48 31.79
CA PHE A 62 53.57 -27.19 30.58
C PHE A 62 54.78 -28.04 30.96
N LYS A 63 55.79 -27.42 31.54
CA LYS A 63 56.98 -28.14 31.96
C LYS A 63 56.55 -29.37 32.75
N ASP A 64 55.88 -29.14 33.86
CA ASP A 64 55.41 -30.24 34.69
C ASP A 64 54.91 -31.39 33.83
N LYS A 65 53.89 -31.11 33.01
CA LYS A 65 53.31 -32.12 32.13
C LYS A 65 54.39 -32.85 31.37
N LEU A 66 55.41 -32.09 30.93
CA LEU A 66 56.51 -32.68 30.18
C LEU A 66 57.35 -33.55 31.11
N ALA A 67 58.04 -32.89 32.04
CA ALA A 67 58.88 -33.56 32.99
C ALA A 67 58.30 -34.89 33.44
N ALA A 68 56.97 -34.94 33.58
CA ALA A 68 56.27 -36.13 34.03
C ALA A 68 56.22 -37.26 33.01
N GLU A 69 56.04 -36.90 31.74
CA GLU A 69 55.95 -37.90 30.68
C GLU A 69 57.30 -38.33 30.10
N ARG A 70 58.38 -37.98 30.79
CA ARG A 70 59.71 -38.36 30.32
C ARG A 70 60.04 -39.81 30.68
N ASN A 71 59.47 -40.29 31.77
CA ASN A 71 59.76 -41.64 32.19
C ASN A 71 59.34 -42.68 31.18
N LEU A 72 60.20 -43.66 30.99
CA LEU A 72 59.93 -44.73 30.05
C LEU A 72 59.13 -45.79 30.72
N PRO A 73 57.95 -46.11 30.17
CA PRO A 73 57.13 -47.15 30.75
C PRO A 73 57.97 -48.38 30.93
N GLU A 74 57.56 -49.15 31.92
CA GLU A 74 58.23 -50.37 32.29
C GLU A 74 58.62 -51.21 31.06
N HIS A 75 57.63 -51.65 30.29
CA HIS A 75 57.86 -52.49 29.12
C HIS A 75 58.64 -51.86 27.97
N ILE A 76 58.60 -50.53 27.88
CA ILE A 76 59.30 -49.82 26.82
C ILE A 76 60.80 -49.93 27.07
N GLU A 77 61.21 -49.55 28.28
CA GLU A 77 62.61 -49.63 28.65
C GLU A 77 63.08 -51.02 28.27
N ARG A 78 62.28 -52.02 28.64
CA ARG A 78 62.59 -53.42 28.37
C ARG A 78 62.72 -53.71 26.88
N LEU A 79 61.76 -53.21 26.10
CA LEU A 79 61.73 -53.41 24.65
C LEU A 79 63.01 -52.92 23.99
N ILE A 80 63.38 -51.68 24.28
CA ILE A 80 64.57 -51.09 23.70
C ILE A 80 65.73 -52.05 23.71
N GLN A 81 65.83 -52.86 24.76
CA GLN A 81 66.91 -53.81 24.87
C GLN A 81 66.58 -55.13 24.13
N SER A 82 65.29 -55.38 23.89
CA SER A 82 64.90 -56.58 23.16
C SER A 82 65.50 -56.41 21.78
N LEU A 83 65.32 -55.21 21.24
CA LEU A 83 65.81 -54.88 19.92
C LEU A 83 67.29 -55.14 19.72
N PRO A 84 67.61 -56.08 18.83
CA PRO A 84 68.95 -56.51 18.46
C PRO A 84 69.93 -55.39 18.09
N ASN A 85 71.20 -55.68 18.32
CA ASN A 85 72.26 -54.73 18.06
C ASN A 85 72.37 -54.16 16.66
N ASN A 86 71.71 -54.81 15.70
CA ASN A 86 71.74 -54.30 14.34
C ASN A 86 70.49 -53.45 14.08
N MET A 87 70.45 -52.26 14.68
CA MET A 87 69.32 -51.37 14.49
C MET A 87 69.67 -49.92 14.80
N ASP A 88 69.73 -49.10 13.75
CA ASP A 88 70.11 -47.70 13.94
C ASP A 88 69.34 -47.19 15.11
N ASP A 89 69.93 -46.24 15.81
CA ASP A 89 69.24 -45.64 16.92
C ASP A 89 67.93 -45.17 16.28
N MET A 90 67.97 -44.96 14.96
CA MET A 90 66.81 -44.51 14.20
C MET A 90 65.81 -45.61 13.95
N SER A 91 66.27 -46.70 13.34
CA SER A 91 65.39 -47.84 13.06
C SER A 91 64.64 -48.14 14.34
N VAL A 92 65.28 -47.87 15.46
CA VAL A 92 64.68 -48.11 16.75
C VAL A 92 63.65 -47.06 17.15
N LEU A 93 64.11 -45.81 17.26
CA LEU A 93 63.24 -44.71 17.62
C LEU A 93 61.91 -44.93 16.91
N ARG A 94 61.99 -45.21 15.61
CA ARG A 94 60.81 -45.44 14.80
C ARG A 94 59.98 -46.57 15.41
N THR A 95 60.63 -47.69 15.66
CA THR A 95 59.95 -48.84 16.24
C THR A 95 59.34 -48.46 17.58
N VAL A 96 60.20 -48.27 18.57
CA VAL A 96 59.75 -47.94 19.89
C VAL A 96 58.59 -46.96 19.93
N VAL A 97 58.75 -45.80 19.31
CA VAL A 97 57.67 -44.84 19.29
C VAL A 97 56.39 -45.56 18.89
N SER A 98 56.44 -46.27 17.79
CA SER A 98 55.26 -47.00 17.36
C SER A 98 54.74 -47.84 18.50
N ALA A 99 55.63 -48.39 19.29
CA ALA A 99 55.22 -49.23 20.42
C ALA A 99 54.29 -48.49 21.38
N LEU A 100 54.37 -47.16 21.37
CA LEU A 100 53.54 -46.37 22.26
C LEU A 100 52.07 -46.37 21.86
N GLY A 101 51.81 -46.56 20.58
CA GLY A 101 50.45 -46.56 20.07
C GLY A 101 49.54 -47.57 20.76
N GLU A 102 48.45 -47.08 21.30
CA GLU A 102 47.53 -47.93 22.01
C GLU A 102 46.13 -47.60 21.56
N ASN A 103 45.20 -47.69 22.50
CA ASN A 103 43.82 -47.39 22.21
C ASN A 103 43.70 -45.91 22.49
N THR A 104 44.46 -45.43 23.48
CA THR A 104 44.45 -44.02 23.85
C THR A 104 44.64 -43.13 22.62
N TYR A 105 45.35 -43.64 21.62
CA TYR A 105 45.60 -42.88 20.40
C TYR A 105 44.62 -43.26 19.31
N THR A 106 43.58 -42.44 19.21
CA THR A 106 42.48 -42.57 18.26
C THR A 106 42.58 -41.45 17.27
N PHE A 107 41.55 -41.33 16.41
CA PHE A 107 41.54 -40.29 15.38
C PHE A 107 41.91 -38.91 15.86
N HIS A 108 41.01 -38.22 16.56
CA HIS A 108 41.43 -36.90 16.96
C HIS A 108 42.57 -36.96 17.97
N PRO A 109 43.76 -36.55 17.51
CA PRO A 109 44.96 -36.54 18.33
C PRO A 109 44.73 -35.55 19.45
N LYS A 110 45.40 -35.75 20.57
CA LYS A 110 45.18 -34.85 21.69
C LYS A 110 46.46 -34.23 22.23
N THR A 111 46.37 -32.98 22.67
CA THR A 111 47.53 -32.34 23.22
C THR A 111 48.17 -33.31 24.22
N GLU A 112 47.40 -33.80 25.20
CA GLU A 112 47.92 -34.77 26.17
C GLU A 112 48.96 -35.61 25.46
N GLU A 113 48.55 -36.12 24.29
CA GLU A 113 49.36 -36.99 23.43
C GLU A 113 50.56 -36.28 22.84
N ALA A 114 50.32 -35.24 22.05
CA ALA A 114 51.40 -34.49 21.42
C ALA A 114 52.48 -34.24 22.42
N ILE A 115 52.07 -34.07 23.66
CA ILE A 115 53.02 -33.80 24.71
C ILE A 115 53.84 -35.04 25.03
N ARG A 116 53.18 -36.10 25.49
CA ARG A 116 53.91 -37.32 25.83
C ARG A 116 55.01 -37.48 24.79
N LEU A 117 54.61 -37.64 23.53
CA LEU A 117 55.60 -37.81 22.49
C LEU A 117 56.79 -36.89 22.59
N ILE A 118 56.56 -35.59 22.40
CA ILE A 118 57.62 -34.60 22.44
C ILE A 118 58.60 -34.80 23.59
N ALA A 119 58.03 -35.08 24.76
CA ALA A 119 58.78 -35.25 25.99
C ALA A 119 59.57 -36.52 26.14
N ILE A 120 58.99 -37.62 25.65
CA ILE A 120 59.61 -38.92 25.78
C ILE A 120 60.64 -39.22 24.70
N THR A 121 60.45 -38.67 23.53
CA THR A 121 61.38 -38.95 22.47
C THR A 121 62.84 -38.96 22.94
N PRO A 122 63.38 -37.80 23.38
CA PRO A 122 64.78 -37.90 23.80
C PRO A 122 65.11 -39.08 24.69
N SER A 123 64.27 -39.37 25.67
CA SER A 123 64.55 -40.49 26.55
C SER A 123 64.79 -41.78 25.79
N ILE A 124 63.89 -42.11 24.85
CA ILE A 124 64.07 -43.31 24.04
C ILE A 124 65.48 -43.23 23.50
N ILE A 125 65.69 -42.24 22.65
CA ILE A 125 66.98 -42.01 22.00
C ILE A 125 68.15 -42.35 22.88
N ALA A 126 68.16 -41.74 24.06
CA ALA A 126 69.22 -41.90 25.05
C ALA A 126 69.32 -43.29 25.62
N TYR A 127 68.31 -43.72 26.36
CA TYR A 127 68.33 -45.04 26.94
C TYR A 127 68.87 -46.01 25.92
N ARG A 128 68.49 -45.80 24.68
CA ARG A 128 68.97 -46.70 23.65
C ARG A 128 70.46 -46.47 23.43
N LYS A 129 70.84 -45.23 23.19
CA LYS A 129 72.25 -44.93 22.97
C LYS A 129 73.07 -45.55 24.06
N ARG A 130 72.71 -45.30 25.31
CA ARG A 130 73.46 -45.86 26.42
C ARG A 130 73.60 -47.37 26.29
N TRP A 131 72.48 -48.08 26.30
CA TRP A 131 72.49 -49.53 26.19
C TRP A 131 73.48 -50.07 25.15
N THR A 132 73.38 -49.58 23.92
CA THR A 132 74.27 -50.04 22.86
C THR A 132 75.73 -49.84 23.27
N ARG A 133 76.01 -48.68 23.86
CA ARG A 133 77.36 -48.33 24.31
C ARG A 133 77.72 -49.03 25.63
N GLY A 134 76.95 -50.04 26.01
CA GLY A 134 77.22 -50.77 27.24
C GLY A 134 77.36 -49.93 28.51
N GLU A 135 76.86 -48.71 28.45
CA GLU A 135 76.91 -47.82 29.61
C GLU A 135 75.68 -48.15 30.44
N GLN A 136 75.71 -47.80 31.72
CA GLN A 136 74.55 -48.07 32.58
C GLN A 136 73.50 -47.02 32.22
N ALA A 137 72.23 -47.41 32.24
CA ALA A 137 71.17 -46.49 31.90
C ALA A 137 71.06 -45.35 32.91
N ILE A 138 70.69 -44.17 32.40
CA ILE A 138 70.54 -42.98 33.23
C ILE A 138 69.09 -42.52 33.16
N ALA A 139 68.44 -42.45 34.32
CA ALA A 139 67.05 -42.05 34.40
C ALA A 139 66.93 -40.54 34.31
N PRO A 140 65.90 -40.05 33.59
CA PRO A 140 65.69 -38.61 33.44
C PRO A 140 65.42 -38.03 34.81
N SER A 141 65.38 -36.72 34.92
CA SER A 141 65.13 -36.12 36.22
C SER A 141 64.34 -34.86 36.08
N SER A 142 63.23 -34.78 36.81
CA SER A 142 62.36 -33.62 36.77
C SER A 142 63.12 -32.35 37.18
N GLN A 143 64.41 -32.50 37.48
CA GLN A 143 65.23 -31.39 37.95
C GLN A 143 65.89 -30.47 36.91
N TYR A 144 66.31 -31.02 35.78
CA TYR A 144 66.96 -30.21 34.75
C TYR A 144 65.98 -29.70 33.69
N GLY A 145 66.47 -28.93 32.73
CA GLY A 145 65.61 -28.41 31.68
C GLY A 145 65.23 -29.56 30.74
N HIS A 146 64.91 -29.29 29.48
CA HIS A 146 64.56 -30.36 28.56
C HIS A 146 65.79 -30.68 27.73
N VAL A 147 66.30 -29.65 27.08
CA VAL A 147 67.46 -29.78 26.25
C VAL A 147 68.62 -30.22 27.12
N GLU A 148 68.63 -29.77 28.36
CA GLU A 148 69.71 -30.10 29.27
C GLU A 148 69.59 -31.55 29.74
N ASN A 149 68.36 -32.00 29.98
CA ASN A 149 68.11 -33.37 30.41
C ASN A 149 68.55 -34.32 29.31
N TYR A 150 68.30 -33.94 28.06
CA TYR A 150 68.70 -34.77 26.94
C TYR A 150 70.21 -35.04 27.01
N TYR A 151 70.98 -34.03 27.42
CA TYR A 151 72.41 -34.21 27.53
C TYR A 151 72.69 -35.20 28.65
N TYR A 152 72.16 -34.88 29.83
CA TYR A 152 72.35 -35.70 31.01
C TYR A 152 72.09 -37.18 30.77
N MET A 153 70.94 -37.54 30.24
CA MET A 153 70.66 -38.95 30.03
C MET A 153 71.53 -39.57 29.01
N LEU A 154 72.32 -38.76 28.34
CA LEU A 154 73.20 -39.27 27.31
C LEU A 154 74.63 -39.42 27.81
N THR A 155 75.05 -38.45 28.61
CA THR A 155 76.40 -38.39 29.14
C THR A 155 76.53 -38.68 30.63
N GLY A 156 75.70 -38.03 31.42
CA GLY A 156 75.75 -38.21 32.85
C GLY A 156 76.26 -36.96 33.51
N GLU A 157 76.62 -35.98 32.69
CA GLU A 157 77.14 -34.73 33.22
C GLU A 157 76.21 -33.58 32.86
N GLN A 158 76.54 -32.41 33.41
CA GLN A 158 75.79 -31.21 33.14
C GLN A 158 76.69 -30.41 32.20
N PRO A 159 76.18 -30.05 31.04
CA PRO A 159 76.89 -29.30 30.00
C PRO A 159 77.31 -27.86 30.33
N SER A 160 78.33 -27.37 29.62
CA SER A 160 78.85 -26.01 29.78
C SER A 160 77.71 -25.05 29.55
N GLU A 161 77.72 -23.91 30.24
CA GLU A 161 76.66 -22.92 30.07
C GLU A 161 76.58 -22.65 28.57
N ALA A 162 77.74 -22.67 27.93
CA ALA A 162 77.82 -22.44 26.49
C ALA A 162 77.32 -23.67 25.76
N LYS A 163 77.92 -24.84 26.03
CA LYS A 163 77.50 -26.05 25.38
C LYS A 163 75.97 -26.17 25.41
N LYS A 164 75.35 -25.78 26.52
CA LYS A 164 73.90 -25.84 26.66
C LYS A 164 73.20 -24.81 25.79
N LYS A 165 73.31 -23.54 26.17
CA LYS A 165 72.69 -22.45 25.43
C LYS A 165 72.73 -22.68 23.92
N ALA A 166 73.86 -23.17 23.41
CA ALA A 166 74.01 -23.43 21.98
C ALA A 166 73.06 -24.49 21.48
N LEU A 167 73.24 -25.70 21.96
CA LEU A 167 72.39 -26.81 21.57
C LEU A 167 70.93 -26.37 21.57
N GLU A 168 70.49 -25.80 22.69
CA GLU A 168 69.12 -25.37 22.83
C GLU A 168 68.74 -24.51 21.64
N THR A 169 69.46 -23.42 21.41
CA THR A 169 69.13 -22.59 20.29
C THR A 169 69.11 -23.41 19.02
N TYR A 170 69.92 -24.45 18.96
CA TYR A 170 69.92 -25.26 17.76
C TYR A 170 68.60 -25.99 17.62
N MET A 171 68.33 -26.89 18.56
CA MET A 171 67.10 -27.67 18.51
C MET A 171 65.90 -26.81 18.18
N ILE A 172 65.80 -25.66 18.82
CA ILE A 172 64.69 -24.75 18.55
C ILE A 172 64.58 -24.44 17.06
N LEU A 173 65.69 -24.23 16.40
CA LEU A 173 65.68 -23.95 14.98
C LEU A 173 65.31 -25.17 14.18
N ALA A 174 65.54 -26.34 14.75
CA ALA A 174 65.22 -27.58 14.09
C ALA A 174 63.77 -27.97 14.35
N THR A 175 63.17 -27.31 15.33
CA THR A 175 61.80 -27.57 15.73
C THR A 175 60.78 -27.68 14.62
N GLU A 176 60.64 -26.60 13.87
CA GLU A 176 59.68 -26.58 12.80
C GLU A 176 60.36 -25.89 11.66
N HIS A 177 60.04 -26.28 10.44
CA HIS A 177 60.61 -25.65 9.28
C HIS A 177 59.72 -25.96 8.10
N GLY A 178 58.53 -25.38 8.13
CA GLY A 178 57.56 -25.55 7.06
C GLY A 178 57.25 -26.97 6.63
N MET A 179 56.78 -27.07 5.40
CA MET A 179 56.39 -28.34 4.81
C MET A 179 57.57 -29.06 4.22
N ASN A 180 57.94 -30.17 4.82
CA ASN A 180 59.07 -30.91 4.32
C ASN A 180 58.79 -32.37 4.41
N ALA A 181 59.37 -33.11 3.48
CA ALA A 181 59.22 -34.54 3.42
C ALA A 181 58.45 -35.18 4.59
N SER A 182 59.09 -35.30 5.74
CA SER A 182 58.47 -35.91 6.89
C SER A 182 57.21 -35.19 7.33
N THR A 183 57.34 -33.95 7.79
CA THR A 183 56.16 -33.20 8.21
C THR A 183 55.00 -33.46 7.27
N PHE A 184 55.29 -33.52 5.98
CA PHE A 184 54.26 -33.77 4.98
C PHE A 184 53.81 -35.22 5.13
N SER A 185 54.76 -36.09 5.41
CA SER A 185 54.47 -37.50 5.57
C SER A 185 53.43 -37.70 6.65
N ALA A 186 53.62 -37.08 7.80
CA ALA A 186 52.67 -37.25 8.88
C ALA A 186 51.30 -36.78 8.45
N ARG A 187 51.23 -35.56 7.94
CA ARG A 187 49.94 -35.05 7.52
C ARG A 187 49.29 -36.11 6.66
N VAL A 188 49.96 -36.48 5.57
CA VAL A 188 49.43 -37.50 4.68
C VAL A 188 48.89 -38.66 5.46
N THR A 189 49.70 -39.21 6.34
CA THR A 189 49.28 -40.35 7.14
C THR A 189 48.05 -40.09 8.00
N LEU A 190 47.98 -38.91 8.61
CA LEU A 190 46.82 -38.65 9.44
C LEU A 190 45.62 -38.43 8.56
N SER A 191 45.87 -38.15 7.30
CA SER A 191 44.81 -37.88 6.33
C SER A 191 43.66 -38.88 6.36
N THR A 192 43.94 -40.13 6.74
CA THR A 192 42.89 -41.16 6.79
C THR A 192 42.33 -41.40 8.19
N GLU A 193 42.18 -40.32 8.94
CA GLU A 193 41.68 -40.37 10.31
C GLU A 193 42.48 -41.34 11.18
N SER A 194 43.80 -41.33 11.01
CA SER A 194 44.68 -42.20 11.77
C SER A 194 45.13 -41.57 13.08
N ASP A 195 46.09 -42.20 13.77
CA ASP A 195 46.57 -41.68 15.07
C ASP A 195 47.84 -40.85 15.06
N LEU A 196 48.05 -40.08 16.11
CA LEU A 196 49.24 -39.25 16.19
C LEU A 196 50.45 -40.12 16.03
N VAL A 197 50.51 -41.20 16.81
CA VAL A 197 51.65 -42.11 16.75
C VAL A 197 51.92 -42.62 15.34
N SER A 198 50.89 -43.18 14.70
CA SER A 198 51.10 -43.70 13.37
C SER A 198 51.67 -42.62 12.48
N ALA A 199 51.33 -41.37 12.75
CA ALA A 199 51.83 -40.25 11.95
C ALA A 199 53.30 -40.00 12.26
N VAL A 200 53.60 -39.80 13.53
CA VAL A 200 54.98 -39.56 13.91
C VAL A 200 55.81 -40.75 13.43
N THR A 201 55.35 -41.97 13.71
CA THR A 201 56.04 -43.18 13.28
C THR A 201 56.35 -43.12 11.82
N ALA A 202 55.42 -42.55 11.06
CA ALA A 202 55.61 -42.42 9.64
C ALA A 202 56.72 -41.41 9.44
N ALA A 203 56.46 -40.19 9.88
CA ALA A 203 57.44 -39.13 9.74
C ALA A 203 58.83 -39.64 10.13
N LEU A 204 58.92 -40.25 11.29
CA LEU A 204 60.18 -40.79 11.77
C LEU A 204 60.80 -41.63 10.66
N GLY A 205 60.06 -42.65 10.22
CA GLY A 205 60.55 -43.52 9.18
C GLY A 205 61.07 -42.71 8.02
N THR A 206 60.42 -41.59 7.76
CA THR A 206 60.82 -40.73 6.66
C THR A 206 62.07 -39.94 6.96
N MET A 207 62.30 -39.60 8.23
CA MET A 207 63.49 -38.86 8.60
C MET A 207 64.73 -39.71 8.40
N LYS A 208 64.65 -40.98 8.81
CA LYS A 208 65.79 -41.90 8.68
C LYS A 208 66.54 -41.67 7.38
N GLY A 209 65.79 -41.47 6.31
CA GLY A 209 66.39 -41.23 5.01
C GLY A 209 67.57 -40.29 5.12
N PRO A 210 68.57 -40.44 4.23
CA PRO A 210 69.73 -39.56 4.29
C PRO A 210 69.54 -38.19 3.66
N LEU A 211 68.52 -38.02 2.84
CA LEU A 211 68.29 -36.74 2.19
C LEU A 211 67.59 -35.71 3.07
N HIS A 212 67.22 -36.14 4.26
CA HIS A 212 66.55 -35.27 5.20
C HIS A 212 67.27 -35.41 6.53
N GLY A 213 67.66 -34.29 7.12
CA GLY A 213 68.35 -34.33 8.39
C GLY A 213 69.48 -35.32 8.56
N GLY A 214 70.39 -35.36 7.60
CA GLY A 214 71.51 -36.27 7.72
C GLY A 214 72.62 -35.46 8.35
N ALA A 215 73.57 -36.12 9.00
CA ALA A 215 74.66 -35.40 9.63
C ALA A 215 75.46 -34.66 8.57
N PRO A 216 76.04 -33.50 8.93
CA PRO A 216 76.84 -32.66 8.04
C PRO A 216 78.25 -33.17 8.05
N SER A 217 78.39 -34.48 8.14
CA SER A 217 79.69 -35.13 8.12
C SER A 217 80.69 -34.37 7.25
N ALA A 218 80.28 -34.01 6.03
CA ALA A 218 81.14 -33.28 5.11
C ALA A 218 81.77 -32.05 5.78
N VAL A 219 81.00 -31.39 6.61
CA VAL A 219 81.48 -30.22 7.32
C VAL A 219 82.26 -30.67 8.53
N THR A 220 81.64 -31.50 9.38
CA THR A 220 82.30 -31.97 10.57
C THR A 220 83.77 -32.30 10.29
N LYS A 221 84.07 -32.92 9.16
CA LYS A 221 85.47 -33.24 8.84
C LYS A 221 86.26 -31.96 8.61
N MET A 222 85.66 -31.03 7.88
CA MET A 222 86.33 -29.77 7.61
C MET A 222 86.92 -29.23 8.89
N LEU A 223 86.08 -29.11 9.91
CA LEU A 223 86.54 -28.59 11.19
C LEU A 223 87.57 -29.48 11.84
N GLU A 224 87.27 -30.77 11.94
CA GLU A 224 88.15 -31.75 12.55
C GLU A 224 89.56 -31.74 11.94
N ASP A 225 89.67 -31.18 10.74
CA ASP A 225 90.96 -31.14 10.06
C ASP A 225 91.82 -29.94 10.41
N ILE A 226 91.32 -29.05 11.25
CA ILE A 226 92.09 -27.87 11.62
C ILE A 226 91.86 -27.35 13.02
N GLY A 227 91.94 -28.25 13.99
CA GLY A 227 91.73 -27.90 15.39
C GLY A 227 92.06 -26.48 15.84
N GLU A 228 93.00 -25.82 15.18
CA GLU A 228 93.39 -24.45 15.55
C GLU A 228 93.01 -23.41 14.49
N LYS A 229 92.72 -22.18 14.93
CA LYS A 229 92.34 -21.11 14.03
C LYS A 229 93.43 -20.74 13.02
N GLU A 230 94.71 -20.91 13.39
CA GLU A 230 95.80 -20.57 12.48
C GLU A 230 95.59 -21.14 11.10
N HIS A 231 95.47 -22.47 11.02
CA HIS A 231 95.27 -23.20 9.75
C HIS A 231 93.98 -22.79 9.06
N ALA A 232 93.26 -21.83 9.63
CA ALA A 232 92.00 -21.37 9.04
C ALA A 232 92.12 -21.19 7.54
N GLU A 233 92.57 -20.00 7.11
CA GLU A 233 92.72 -19.71 5.68
C GLU A 233 93.43 -20.82 4.92
N ALA A 234 94.63 -21.19 5.36
CA ALA A 234 95.39 -22.25 4.71
C ALA A 234 94.49 -23.28 4.04
N TYR A 235 93.75 -24.03 4.85
CA TYR A 235 92.83 -25.09 4.40
C TYR A 235 91.88 -24.57 3.35
N LEU A 236 91.01 -23.66 3.77
CA LEU A 236 90.05 -23.08 2.85
C LEU A 236 90.76 -22.76 1.54
N LYS A 237 91.68 -21.80 1.61
CA LYS A 237 92.44 -21.38 0.44
C LYS A 237 92.80 -22.54 -0.50
N GLU A 238 93.40 -23.61 0.02
CA GLU A 238 93.78 -24.73 -0.86
C GLU A 238 92.67 -25.27 -1.73
N LYS A 239 91.66 -25.88 -1.12
CA LYS A 239 90.58 -26.47 -1.89
C LYS A 239 89.74 -25.45 -2.63
N LEU A 240 89.95 -24.17 -2.33
CA LEU A 240 89.18 -23.13 -3.00
C LEU A 240 89.85 -22.70 -4.31
N GLU A 241 91.05 -23.23 -4.54
CA GLU A 241 91.77 -22.88 -5.75
C GLU A 241 91.45 -23.80 -6.92
N LYS A 242 91.42 -25.11 -6.69
CA LYS A 242 91.07 -25.98 -7.82
C LYS A 242 89.54 -26.07 -7.91
N GLY A 243 88.87 -25.11 -7.28
CA GLY A 243 87.43 -25.05 -7.35
C GLY A 243 86.61 -25.96 -6.46
N GLU A 244 87.25 -26.70 -5.56
CA GLU A 244 86.48 -27.56 -4.65
C GLU A 244 85.51 -26.61 -3.92
N ARG A 245 84.37 -27.12 -3.45
CA ARG A 245 83.38 -26.29 -2.77
C ARG A 245 83.50 -26.36 -1.24
N LEU A 246 83.19 -25.25 -0.56
CA LEU A 246 83.25 -25.17 0.91
C LEU A 246 81.91 -25.62 1.48
N MET A 247 81.89 -26.84 2.02
CA MET A 247 80.72 -27.51 2.55
C MET A 247 79.56 -26.80 3.28
N GLY A 248 79.83 -25.95 4.24
CA GLY A 248 78.71 -25.35 4.94
C GLY A 248 78.10 -24.09 4.35
N PHE A 249 78.27 -23.86 3.06
CA PHE A 249 77.75 -22.62 2.51
C PHE A 249 76.94 -22.63 1.22
N GLY A 250 76.07 -21.63 1.12
CA GLY A 250 75.20 -21.50 -0.04
C GLY A 250 73.95 -22.25 0.27
N HIS A 251 72.85 -21.90 -0.37
CA HIS A 251 71.60 -22.62 -0.12
C HIS A 251 70.65 -22.60 -1.32
N ARG A 252 69.92 -23.69 -1.47
CA ARG A 252 68.95 -23.87 -2.55
C ARG A 252 67.74 -22.95 -2.47
N VAL A 253 67.19 -22.84 -1.26
CA VAL A 253 65.99 -22.05 -1.03
C VAL A 253 66.23 -20.64 -0.46
N TYR A 254 67.39 -20.43 0.17
CA TYR A 254 67.69 -19.11 0.72
C TYR A 254 68.56 -18.29 -0.23
N LYS A 255 67.93 -17.38 -0.93
CA LYS A 255 68.67 -16.53 -1.83
C LYS A 255 69.55 -15.65 -0.96
N THR A 256 68.97 -15.06 0.09
CA THR A 256 69.72 -14.23 1.04
C THR A 256 70.25 -15.23 2.05
N LYS A 257 71.02 -14.78 3.04
CA LYS A 257 71.53 -15.72 4.02
C LYS A 257 70.46 -16.41 4.86
N ASP A 258 70.82 -17.57 5.39
CA ASP A 258 69.94 -18.41 6.20
C ASP A 258 69.78 -17.82 7.58
N PRO A 259 68.54 -17.62 8.02
CA PRO A 259 68.23 -17.07 9.35
C PRO A 259 68.66 -18.01 10.45
N ARG A 260 68.46 -19.31 10.23
CA ARG A 260 68.85 -20.32 11.21
C ARG A 260 70.35 -20.24 11.39
N ALA A 261 71.08 -20.36 10.31
CA ALA A 261 72.52 -20.30 10.37
C ALA A 261 72.91 -19.02 11.06
N GLU A 262 72.12 -17.98 10.83
CA GLU A 262 72.39 -16.68 11.41
C GLU A 262 72.16 -16.70 12.91
N ALA A 263 70.94 -17.07 13.30
CA ALA A 263 70.57 -17.14 14.70
C ALA A 263 71.55 -17.99 15.47
N LEU A 264 72.28 -18.84 14.78
CA LEU A 264 73.25 -19.69 15.45
C LEU A 264 74.54 -18.94 15.65
N ARG A 265 75.13 -18.45 14.57
CA ARG A 265 76.40 -17.75 14.68
C ARG A 265 76.29 -16.72 15.80
N GLN A 266 75.11 -16.11 15.92
CA GLN A 266 74.92 -15.10 16.93
C GLN A 266 75.04 -15.65 18.34
N LYS A 267 74.25 -16.65 18.66
CA LYS A 267 74.29 -17.21 20.01
C LYS A 267 75.71 -17.58 20.33
N ALA A 268 76.43 -18.03 19.32
CA ALA A 268 77.81 -18.43 19.52
C ALA A 268 78.65 -17.27 20.06
N GLU A 269 78.51 -16.12 19.42
CA GLU A 269 79.27 -14.95 19.84
C GLU A 269 78.97 -14.65 21.30
N GLU A 270 77.70 -14.74 21.65
CA GLU A 270 77.30 -14.46 23.02
C GLU A 270 78.11 -15.29 24.01
N VAL A 271 78.27 -16.57 23.72
CA VAL A 271 79.01 -17.46 24.62
C VAL A 271 80.40 -17.78 24.14
N ALA A 272 81.01 -16.82 23.44
CA ALA A 272 82.37 -17.04 22.95
C ALA A 272 83.31 -17.34 24.11
N GLY A 273 84.58 -17.56 23.79
CA GLY A 273 85.60 -17.83 24.78
C GLY A 273 85.34 -18.92 25.80
N ASN A 274 84.17 -19.54 25.77
CA ASN A 274 83.85 -20.59 26.73
C ASN A 274 83.90 -21.96 26.09
N ASP A 275 84.04 -22.01 24.78
CA ASP A 275 84.07 -23.30 24.09
C ASP A 275 84.90 -23.30 22.83
N ARG A 276 86.13 -23.80 22.91
CA ARG A 276 87.03 -23.85 21.77
C ARG A 276 86.45 -24.46 20.49
N ASP A 277 85.69 -25.55 20.62
CA ASP A 277 85.10 -26.19 19.46
C ASP A 277 84.14 -25.21 18.77
N LEU A 278 83.61 -24.26 19.56
CA LEU A 278 82.67 -23.28 19.03
C LEU A 278 83.34 -22.04 18.55
N ASP A 279 84.21 -21.45 19.36
CA ASP A 279 84.90 -20.24 18.95
C ASP A 279 85.72 -20.47 17.70
N LEU A 280 86.07 -21.73 17.44
CA LEU A 280 86.83 -22.07 16.25
C LEU A 280 85.89 -21.87 15.06
N ALA A 281 84.73 -22.50 15.14
CA ALA A 281 83.76 -22.38 14.09
C ALA A 281 83.62 -20.91 13.75
N LEU A 282 83.24 -20.11 14.75
CA LEU A 282 83.07 -18.69 14.56
C LEU A 282 84.11 -18.19 13.58
N HIS A 283 85.38 -18.41 13.93
CA HIS A 283 86.49 -17.98 13.10
C HIS A 283 86.35 -18.58 11.71
N VAL A 284 86.48 -19.90 11.60
CA VAL A 284 86.37 -20.53 10.31
C VAL A 284 85.29 -19.88 9.47
N GLU A 285 84.11 -19.65 10.03
CA GLU A 285 83.07 -19.00 9.25
C GLU A 285 83.60 -17.69 8.71
N ALA A 286 83.66 -16.69 9.57
CA ALA A 286 84.13 -15.35 9.21
C ALA A 286 85.34 -15.31 8.29
N GLU A 287 86.24 -16.27 8.43
CA GLU A 287 87.44 -16.31 7.60
C GLU A 287 87.16 -16.95 6.24
N ALA A 288 86.09 -17.74 6.17
CA ALA A 288 85.73 -18.43 4.93
C ALA A 288 84.79 -17.60 4.08
N ILE A 289 83.90 -16.88 4.77
CA ILE A 289 82.91 -16.04 4.11
C ILE A 289 83.59 -14.88 3.42
N ARG A 290 84.76 -14.48 3.94
CA ARG A 290 85.53 -13.38 3.38
C ARG A 290 86.46 -13.88 2.29
N LEU A 291 86.51 -15.19 2.11
CA LEU A 291 87.36 -15.77 1.08
C LEU A 291 86.49 -16.10 -0.10
N LEU A 292 85.19 -16.17 0.14
CA LEU A 292 84.26 -16.48 -0.93
C LEU A 292 84.09 -15.18 -1.70
N GLU A 293 84.07 -14.09 -0.94
CA GLU A 293 83.94 -12.74 -1.50
C GLU A 293 85.07 -12.65 -2.53
N ILE A 294 86.26 -13.03 -2.09
CA ILE A 294 87.48 -13.00 -2.89
C ILE A 294 87.51 -13.94 -4.11
N TYR A 295 87.38 -15.24 -3.91
CA TYR A 295 87.44 -16.16 -5.04
C TYR A 295 86.22 -16.17 -5.95
N LYS A 296 85.03 -16.01 -5.37
CA LYS A 296 83.81 -15.99 -6.17
C LYS A 296 83.09 -14.69 -5.84
N PRO A 297 83.54 -13.56 -6.41
CA PRO A 297 82.90 -12.28 -6.13
C PRO A 297 81.56 -12.17 -6.84
N GLY A 298 80.60 -11.52 -6.18
CA GLY A 298 79.28 -11.36 -6.75
C GLY A 298 78.26 -12.33 -6.18
N ARG A 299 78.47 -13.62 -6.47
CA ARG A 299 77.58 -14.67 -5.99
C ARG A 299 77.43 -14.67 -4.48
N LYS A 300 76.33 -14.09 -4.02
CA LYS A 300 76.01 -14.00 -2.61
C LYS A 300 75.87 -15.40 -2.03
N LEU A 301 76.97 -15.94 -1.54
CA LEU A 301 76.98 -17.27 -0.92
C LEU A 301 77.08 -17.01 0.57
N TYR A 302 76.07 -17.43 1.31
CA TYR A 302 76.08 -17.22 2.74
C TYR A 302 76.06 -18.52 3.50
N THR A 303 76.70 -18.49 4.67
CA THR A 303 76.76 -19.64 5.54
C THR A 303 75.35 -20.19 5.69
N ASN A 304 75.21 -21.52 5.61
CA ASN A 304 73.92 -22.20 5.71
C ASN A 304 73.83 -23.02 6.99
N VAL A 305 72.64 -23.09 7.57
CA VAL A 305 72.43 -23.82 8.84
C VAL A 305 73.28 -25.07 9.01
N GLU A 306 73.21 -25.97 8.03
CA GLU A 306 73.97 -27.21 8.07
C GLU A 306 75.34 -26.99 8.72
N PHE A 307 76.00 -25.89 8.35
CA PHE A 307 77.31 -25.60 8.90
C PHE A 307 77.31 -25.66 10.41
N TYR A 308 76.56 -24.77 11.05
CA TYR A 308 76.54 -24.73 12.50
C TYR A 308 75.99 -25.94 13.20
N ALA A 309 75.09 -26.65 12.55
CA ALA A 309 74.54 -27.84 13.14
C ALA A 309 75.74 -28.78 13.32
N ALA A 310 76.66 -28.72 12.38
CA ALA A 310 77.83 -29.56 12.42
C ALA A 310 78.73 -29.16 13.57
N ALA A 311 78.79 -27.87 13.82
CA ALA A 311 79.63 -27.33 14.89
C ALA A 311 79.14 -27.63 16.28
N VAL A 312 77.90 -27.24 16.56
CA VAL A 312 77.29 -27.46 17.86
C VAL A 312 77.50 -28.90 18.28
N MET A 313 77.23 -29.85 17.39
CA MET A 313 77.42 -31.27 17.68
C MET A 313 78.88 -31.52 18.04
N ARG A 314 79.77 -31.07 17.17
CA ARG A 314 81.20 -31.26 17.39
C ARG A 314 81.59 -30.87 18.80
N ALA A 315 80.97 -29.81 19.31
CA ALA A 315 81.27 -29.32 20.64
C ALA A 315 80.83 -30.25 21.76
N ILE A 316 79.71 -30.92 21.56
CA ILE A 316 79.16 -31.80 22.56
C ILE A 316 79.42 -33.28 22.34
N ASP A 317 80.48 -33.61 21.63
CA ASP A 317 80.83 -35.00 21.40
C ASP A 317 79.63 -35.84 20.95
N PHE A 318 78.77 -35.24 20.12
CA PHE A 318 77.63 -35.96 19.59
C PHE A 318 78.04 -36.46 18.22
N ASP A 319 78.62 -37.65 18.18
CA ASP A 319 79.05 -38.19 16.91
C ASP A 319 77.89 -38.20 15.91
N ASP A 320 78.23 -38.37 14.65
CA ASP A 320 77.26 -38.37 13.58
C ASP A 320 76.06 -39.29 13.84
N GLU A 321 76.29 -40.45 14.45
CA GLU A 321 75.18 -41.38 14.68
C GLU A 321 73.97 -40.76 15.41
N LEU A 322 74.23 -39.89 16.39
CA LEU A 322 73.19 -39.26 17.17
C LEU A 322 72.58 -38.04 16.53
N PHE A 323 73.06 -37.69 15.35
CA PHE A 323 72.53 -36.52 14.69
C PHE A 323 71.03 -36.59 14.41
N THR A 324 70.65 -37.27 13.33
CA THR A 324 69.25 -37.41 12.97
C THR A 324 68.35 -37.58 14.19
N PRO A 325 68.65 -38.56 15.05
CA PRO A 325 67.78 -38.71 16.22
C PRO A 325 67.57 -37.35 16.85
N THR A 326 68.62 -36.81 17.45
CA THR A 326 68.54 -35.50 18.08
C THR A 326 67.68 -34.57 17.26
N PHE A 327 67.94 -34.52 15.96
CA PHE A 327 67.15 -33.66 15.10
C PHE A 327 65.69 -34.06 15.23
N SER A 328 65.41 -35.35 15.06
CA SER A 328 64.04 -35.84 15.17
C SER A 328 63.38 -35.33 16.44
N ALA A 329 63.94 -35.71 17.57
CA ALA A 329 63.40 -35.28 18.86
C ALA A 329 62.94 -33.83 18.82
N SER A 330 63.53 -33.02 17.97
CA SER A 330 63.15 -31.61 17.88
C SER A 330 62.04 -31.41 16.87
N ARG A 331 62.26 -31.84 15.65
CA ARG A 331 61.24 -31.68 14.63
C ARG A 331 59.98 -32.34 15.13
N MET A 332 60.11 -33.12 16.19
CA MET A 332 58.97 -33.81 16.77
C MET A 332 57.91 -32.79 17.11
N VAL A 333 58.34 -31.61 17.52
CA VAL A 333 57.41 -30.57 17.86
C VAL A 333 56.71 -30.21 16.57
N GLY A 334 57.50 -29.76 15.59
CA GLY A 334 56.95 -29.40 14.31
C GLY A 334 55.90 -30.37 13.84
N TRP A 335 56.21 -31.66 13.93
CA TRP A 335 55.29 -32.69 13.51
C TRP A 335 53.98 -32.62 14.24
N CYS A 336 54.00 -32.92 15.52
CA CYS A 336 52.79 -32.87 16.31
C CYS A 336 52.03 -31.66 15.92
N ALA A 337 52.65 -30.51 16.09
CA ALA A 337 52.02 -29.25 15.73
C ALA A 337 51.24 -29.44 14.43
N HIS A 338 51.96 -29.87 13.39
CA HIS A 338 51.36 -30.10 12.09
C HIS A 338 50.29 -31.16 12.12
N VAL A 339 50.48 -32.23 12.89
CA VAL A 339 49.46 -33.27 12.96
C VAL A 339 48.21 -32.65 13.55
N LEU A 340 48.36 -32.15 14.77
CA LEU A 340 47.27 -31.52 15.49
C LEU A 340 46.47 -30.57 14.62
N GLU A 341 47.15 -29.92 13.68
CA GLU A 341 46.48 -28.99 12.78
C GLU A 341 45.82 -29.71 11.62
N GLN A 342 46.48 -30.72 11.08
CA GLN A 342 45.93 -31.46 9.96
C GLN A 342 44.56 -31.99 10.35
N ALA A 343 44.48 -32.46 11.58
CA ALA A 343 43.25 -33.01 12.10
C ALA A 343 42.16 -31.97 12.30
N GLU A 344 42.55 -30.72 12.51
CA GLU A 344 41.58 -29.64 12.75
C GLU A 344 40.61 -29.55 11.60
N ASN A 345 41.17 -29.50 10.40
CA ASN A 345 40.36 -29.49 9.18
C ASN A 345 41.09 -30.47 8.30
N ASN A 346 40.60 -31.71 8.32
CA ASN A 346 41.21 -32.79 7.55
C ASN A 346 41.11 -32.61 6.05
N MET A 347 41.46 -33.66 5.33
CA MET A 347 41.41 -33.66 3.86
C MET A 347 41.60 -35.13 3.48
N ILE A 348 41.89 -35.40 2.22
CA ILE A 348 42.09 -36.78 1.79
C ILE A 348 43.09 -36.61 0.64
N PHE A 349 44.37 -36.83 0.95
CA PHE A 349 45.40 -36.60 -0.03
C PHE A 349 45.39 -37.34 -1.36
N ARG A 350 44.33 -38.10 -1.62
CA ARG A 350 44.20 -38.84 -2.89
C ARG A 350 44.76 -38.07 -4.11
N PRO A 351 46.03 -38.34 -4.49
CA PRO A 351 46.58 -37.64 -5.65
C PRO A 351 46.41 -38.74 -6.69
N SER A 352 46.68 -38.48 -7.96
CA SER A 352 46.52 -39.54 -8.94
C SER A 352 47.82 -39.66 -9.74
N ALA A 353 47.91 -40.66 -10.62
CA ALA A 353 49.10 -40.88 -11.41
C ALA A 353 48.83 -41.28 -12.86
N GLN A 354 49.86 -41.17 -13.69
CA GLN A 354 49.79 -41.52 -15.10
C GLN A 354 50.34 -42.92 -15.29
N TYR A 355 49.54 -43.79 -15.91
CA TYR A 355 49.96 -45.17 -16.16
C TYR A 355 50.76 -45.28 -17.47
N THR A 356 51.95 -45.84 -17.36
CA THR A 356 52.83 -46.03 -18.51
C THR A 356 52.34 -47.20 -19.34
N GLY A 357 52.50 -48.39 -18.76
CA GLY A 357 52.11 -49.67 -19.37
C GLY A 357 51.01 -49.74 -20.40
N ALA A 358 51.07 -50.77 -21.23
CA ALA A 358 50.07 -50.95 -22.27
C ALA A 358 48.82 -51.55 -21.67
N ILE A 359 47.65 -51.19 -22.22
CA ILE A 359 46.38 -51.74 -21.72
C ILE A 359 45.82 -52.83 -22.64
N PRO A 360 45.16 -53.84 -22.05
CA PRO A 360 44.57 -54.94 -22.84
C PRO A 360 43.20 -54.54 -23.39
N GLU A 361 42.80 -55.18 -24.50
CA GLU A 361 41.51 -54.88 -25.12
C GLU A 361 40.35 -55.65 -24.48
N GLU A 362 39.20 -54.97 -24.37
CA GLU A 362 37.97 -55.53 -23.79
C GLU A 362 37.58 -56.93 -24.34
N VAL A 363 37.78 -57.12 -25.65
CA VAL A 363 37.48 -58.38 -26.36
C VAL A 363 36.30 -59.19 -25.77
N VAL B 1 45.73 -23.12 -5.05
CA VAL B 1 45.67 -24.11 -3.90
C VAL B 1 44.86 -25.39 -4.25
N HIS B 2 45.54 -26.55 -4.22
CA HIS B 2 44.90 -27.83 -4.53
C HIS B 2 44.66 -28.69 -3.27
N TYR B 3 43.60 -28.39 -2.53
CA TYR B 3 43.26 -29.11 -1.28
C TYR B 3 43.13 -30.66 -1.45
N GLY B 4 43.96 -31.39 -0.70
CA GLY B 4 43.94 -32.86 -0.78
C GLY B 4 44.53 -33.41 -2.10
N LEU B 5 44.98 -32.49 -2.96
CA LEU B 5 45.59 -32.80 -4.26
C LEU B 5 44.71 -33.59 -5.26
N LYS B 6 43.38 -33.42 -5.18
CA LYS B 6 42.45 -34.11 -6.09
C LYS B 6 42.69 -33.66 -7.53
N GLY B 7 42.87 -34.64 -8.43
CA GLY B 7 43.12 -34.31 -9.81
C GLY B 7 44.60 -34.01 -10.05
N ILE B 8 45.39 -33.98 -8.97
CA ILE B 8 46.82 -33.74 -9.08
C ILE B 8 47.56 -35.08 -9.32
N THR B 9 48.19 -35.18 -10.49
CA THR B 9 48.90 -36.39 -10.92
C THR B 9 50.43 -36.32 -10.70
N CYS B 10 50.84 -36.49 -9.45
CA CYS B 10 52.25 -36.40 -9.11
C CYS B 10 53.07 -37.67 -9.35
N VAL B 11 52.54 -38.65 -10.08
CA VAL B 11 53.32 -39.87 -10.32
C VAL B 11 53.13 -40.59 -11.66
N GLU B 12 54.19 -41.26 -12.06
CA GLU B 12 54.24 -42.01 -13.30
C GLU B 12 54.42 -43.44 -12.80
N THR B 13 53.71 -44.42 -13.38
CA THR B 13 53.85 -45.81 -12.93
C THR B 13 53.34 -46.85 -13.90
N SER B 14 54.05 -47.98 -13.98
CA SER B 14 53.64 -49.07 -14.85
C SER B 14 53.20 -50.27 -14.01
N ILE B 15 52.57 -49.98 -12.88
CA ILE B 15 52.09 -51.04 -11.99
C ILE B 15 50.60 -51.27 -12.13
N SER B 16 49.83 -50.20 -12.14
CA SER B 16 48.39 -50.38 -12.22
C SER B 16 47.68 -49.14 -12.71
N HIS B 17 46.48 -49.34 -13.24
CA HIS B 17 45.66 -48.23 -13.73
C HIS B 17 44.21 -48.50 -13.39
N ILE B 18 43.51 -47.46 -12.96
CA ILE B 18 42.11 -47.60 -12.63
C ILE B 18 41.37 -46.59 -13.52
N ASP B 19 40.36 -47.07 -14.24
CA ASP B 19 39.57 -46.22 -15.14
C ASP B 19 38.10 -46.19 -14.74
N GLY B 20 37.70 -45.12 -14.05
CA GLY B 20 36.31 -44.99 -13.62
C GLY B 20 35.36 -45.26 -14.78
N GLU B 21 35.28 -44.32 -15.72
CA GLU B 21 34.40 -44.44 -16.87
C GLU B 21 34.30 -45.87 -17.35
N LYS B 22 35.21 -46.28 -18.22
CA LYS B 22 35.16 -47.66 -18.69
C LYS B 22 35.33 -48.51 -17.42
N GLY B 23 34.45 -49.49 -17.23
CA GLY B 23 34.56 -50.31 -16.03
C GLY B 23 35.73 -51.28 -16.02
N ARG B 24 36.98 -50.76 -15.99
CA ARG B 24 38.16 -51.63 -16.00
C ARG B 24 39.33 -51.24 -15.07
N LEU B 25 40.05 -52.25 -14.59
CA LEU B 25 41.21 -52.10 -13.68
C LEU B 25 42.32 -53.04 -14.16
N ILE B 26 43.49 -52.48 -14.48
CA ILE B 26 44.60 -53.27 -14.99
C ILE B 26 45.82 -53.36 -14.11
N TYR B 27 46.34 -54.58 -14.02
CA TYR B 27 47.55 -54.85 -13.25
C TYR B 27 48.63 -55.11 -14.30
N ARG B 28 49.73 -54.38 -14.24
CA ARG B 28 50.85 -54.59 -15.17
C ARG B 28 50.51 -55.08 -16.58
N GLY B 29 49.42 -54.61 -17.18
CA GLY B 29 49.11 -55.06 -18.53
C GLY B 29 48.00 -56.11 -18.65
N HIS B 30 47.66 -56.75 -17.55
CA HIS B 30 46.58 -57.74 -17.57
C HIS B 30 45.42 -57.17 -16.79
N HIS B 31 44.27 -57.82 -16.94
CA HIS B 31 43.08 -57.41 -16.23
C HIS B 31 43.07 -58.03 -14.84
N ALA B 32 42.52 -57.31 -13.89
CA ALA B 32 42.44 -57.82 -12.54
C ALA B 32 41.50 -59.03 -12.52
N LYS B 33 40.33 -58.85 -13.13
CA LYS B 33 39.33 -59.92 -13.18
C LYS B 33 40.02 -61.24 -13.49
N ASP B 34 40.74 -61.26 -14.60
CA ASP B 34 41.43 -62.46 -15.04
C ASP B 34 42.38 -62.98 -13.99
N ILE B 35 43.18 -62.10 -13.39
CA ILE B 35 44.11 -62.57 -12.37
C ILE B 35 43.38 -63.09 -11.15
N ALA B 36 42.40 -62.33 -10.68
CA ALA B 36 41.65 -62.74 -9.50
C ALA B 36 41.04 -64.12 -9.69
N LEU B 37 40.34 -64.28 -10.80
CA LEU B 37 39.63 -65.52 -11.13
C LEU B 37 40.44 -66.77 -11.48
N ASN B 38 41.41 -66.61 -12.37
CA ASN B 38 42.17 -67.76 -12.83
C ASN B 38 43.59 -67.96 -12.33
N HIS B 39 44.00 -67.21 -11.30
CA HIS B 39 45.35 -67.35 -10.78
C HIS B 39 45.42 -67.43 -9.27
N SER B 40 46.63 -67.69 -8.78
CA SER B 40 46.91 -67.82 -7.37
C SER B 40 47.61 -66.59 -6.86
N PHE B 41 47.23 -66.14 -5.67
CA PHE B 41 47.83 -64.96 -5.07
C PHE B 41 49.31 -64.83 -5.44
N GLU B 42 50.06 -65.91 -5.25
CA GLU B 42 51.48 -65.90 -5.55
C GLU B 42 51.76 -65.48 -6.98
N GLU B 43 50.98 -66.01 -7.91
CA GLU B 43 51.19 -65.63 -9.30
C GLU B 43 50.98 -64.13 -9.33
N ALA B 44 49.84 -63.69 -8.80
CA ALA B 44 49.51 -62.28 -8.78
C ALA B 44 50.64 -61.44 -8.25
N ALA B 45 51.02 -61.70 -7.01
CA ALA B 45 52.10 -60.95 -6.41
C ALA B 45 53.23 -60.82 -7.43
N TYR B 46 53.73 -61.97 -7.86
CA TYR B 46 54.82 -62.04 -8.82
C TYR B 46 54.60 -61.14 -10.03
N LEU B 47 53.35 -60.86 -10.36
CA LEU B 47 53.08 -60.01 -11.49
C LEU B 47 53.31 -58.57 -11.09
N ILE B 48 52.52 -58.07 -10.14
CA ILE B 48 52.65 -56.69 -9.69
C ILE B 48 54.10 -56.37 -9.39
N LEU B 49 54.79 -57.33 -8.79
CA LEU B 49 56.19 -57.17 -8.41
C LEU B 49 57.18 -57.05 -9.55
N PHE B 50 57.11 -57.99 -10.49
CA PHE B 50 58.05 -58.02 -11.59
C PHE B 50 57.58 -57.58 -12.97
N GLY B 51 56.31 -57.75 -13.30
CA GLY B 51 55.87 -57.28 -14.60
C GLY B 51 55.23 -58.23 -15.58
N LYS B 52 55.20 -59.51 -15.25
CA LYS B 52 54.60 -60.53 -16.12
C LYS B 52 54.18 -61.73 -15.27
N LEU B 53 53.44 -62.67 -15.85
CA LEU B 53 53.04 -63.88 -15.12
C LEU B 53 54.31 -64.70 -15.02
N PRO B 54 54.36 -65.68 -14.11
CA PRO B 54 55.58 -66.48 -14.00
C PRO B 54 55.62 -67.80 -14.75
N SER B 55 56.82 -68.19 -15.18
CA SER B 55 57.00 -69.44 -15.90
C SER B 55 56.71 -70.59 -14.95
N THR B 56 56.52 -71.78 -15.52
CA THR B 56 56.22 -72.95 -14.72
C THR B 56 57.32 -73.15 -13.65
N GLU B 57 58.59 -72.99 -14.02
CA GLU B 57 59.67 -73.13 -13.04
C GLU B 57 59.85 -71.79 -12.31
N GLU B 58 59.73 -70.71 -13.08
CA GLU B 58 59.88 -69.34 -12.56
C GLU B 58 59.13 -69.15 -11.26
N LEU B 59 57.94 -69.72 -11.20
CA LEU B 59 57.12 -69.59 -10.03
C LEU B 59 57.62 -70.43 -8.87
N GLN B 60 57.61 -71.74 -9.05
CA GLN B 60 58.04 -72.62 -7.98
C GLN B 60 59.16 -72.03 -7.11
N VAL B 61 60.14 -71.35 -7.70
CA VAL B 61 61.22 -70.77 -6.90
C VAL B 61 60.72 -69.62 -6.02
N PHE B 62 59.88 -68.77 -6.59
CA PHE B 62 59.30 -67.63 -5.90
C PHE B 62 58.64 -68.19 -4.63
N LYS B 63 57.78 -69.20 -4.80
CA LYS B 63 57.12 -69.80 -3.65
C LYS B 63 58.17 -70.14 -2.61
N ASP B 64 59.11 -71.00 -2.97
CA ASP B 64 60.17 -71.38 -2.05
C ASP B 64 60.64 -70.19 -1.24
N LYS B 65 61.13 -69.16 -1.93
CA LYS B 65 61.61 -67.95 -1.27
C LYS B 65 60.60 -67.44 -0.28
N LEU B 66 59.32 -67.51 -0.65
CA LEU B 66 58.25 -67.07 0.24
C LEU B 66 58.14 -68.01 1.43
N ALA B 67 57.68 -69.22 1.14
CA ALA B 67 57.51 -70.23 2.15
C ALA B 67 58.60 -70.18 3.21
N ALA B 68 59.82 -69.87 2.78
CA ALA B 68 60.97 -69.81 3.68
C ALA B 68 60.98 -68.62 4.61
N GLU B 69 60.55 -67.46 4.11
CA GLU B 69 60.54 -66.25 4.91
C GLU B 69 59.26 -66.06 5.75
N ARG B 70 58.47 -67.10 5.89
CA ARG B 70 57.26 -67.03 6.69
C ARG B 70 57.54 -67.16 8.17
N ASN B 71 58.61 -67.88 8.51
CA ASN B 71 58.93 -68.08 9.90
C ASN B 71 59.24 -66.80 10.62
N LEU B 72 58.71 -66.69 11.83
CA LEU B 72 58.92 -65.51 12.64
C LEU B 72 60.20 -65.64 13.40
N PRO B 73 61.12 -64.70 13.22
CA PRO B 73 62.37 -64.74 13.93
C PRO B 73 62.09 -64.91 15.40
N GLU B 74 63.05 -65.55 16.05
CA GLU B 74 62.98 -65.84 17.45
C GLU B 74 62.44 -64.66 18.27
N HIS B 75 63.15 -63.53 18.25
CA HIS B 75 62.77 -62.35 19.01
C HIS B 75 61.46 -61.67 18.62
N ILE B 76 61.05 -61.85 17.37
CA ILE B 76 59.81 -61.26 16.87
C ILE B 76 58.64 -61.96 17.54
N GLU B 77 58.61 -63.27 17.43
CA GLU B 77 57.56 -64.06 18.04
C GLU B 77 57.43 -63.56 19.48
N ARG B 78 58.58 -63.43 20.14
CA ARG B 78 58.63 -63.00 21.52
C ARG B 78 58.05 -61.60 21.71
N LEU B 79 58.44 -60.67 20.85
CA LEU B 79 57.98 -59.29 20.90
C LEU B 79 56.47 -59.19 20.85
N ILE B 80 55.87 -59.84 19.85
CA ILE B 80 54.43 -59.80 19.69
C ILE B 80 53.72 -59.99 21.01
N GLN B 81 54.28 -60.82 21.87
CA GLN B 81 53.66 -61.07 23.17
C GLN B 81 54.07 -60.00 24.20
N SER B 82 55.18 -59.31 23.96
CA SER B 82 55.63 -58.26 24.86
C SER B 82 54.53 -57.22 24.80
N LEU B 83 54.12 -56.92 23.59
CA LEU B 83 53.10 -55.93 23.34
C LEU B 83 51.81 -56.16 24.10
N PRO B 84 51.48 -55.25 25.01
CA PRO B 84 50.30 -55.25 25.87
C PRO B 84 48.97 -55.45 25.16
N ASN B 85 48.02 -56.02 25.90
CA ASN B 85 46.70 -56.32 25.38
C ASN B 85 45.91 -55.18 24.77
N ASN B 86 46.32 -53.95 25.05
CA ASN B 86 45.63 -52.81 24.48
C ASN B 86 46.36 -52.35 23.22
N MET B 87 46.26 -53.13 22.14
CA MET B 87 46.91 -52.78 20.90
C MET B 87 46.27 -53.49 19.71
N ASP B 88 45.57 -52.72 18.87
CA ASP B 88 44.88 -53.31 17.73
C ASP B 88 45.84 -54.25 17.08
N ASP B 89 45.28 -55.27 16.46
CA ASP B 89 46.12 -56.21 15.76
C ASP B 89 46.88 -55.29 14.79
N MET B 90 46.29 -54.14 14.50
CA MET B 90 46.88 -53.15 13.60
C MET B 90 48.01 -52.36 14.23
N SER B 91 47.71 -51.72 15.34
CA SER B 91 48.72 -50.94 16.07
C SER B 91 49.95 -51.81 16.18
N VAL B 92 49.72 -53.11 16.26
CA VAL B 92 50.81 -54.07 16.38
C VAL B 92 51.53 -54.31 15.05
N LEU B 93 50.79 -54.83 14.08
CA LEU B 93 51.35 -55.11 12.77
C LEU B 93 52.31 -53.98 12.43
N ARG B 94 51.83 -52.75 12.61
CA ARG B 94 52.64 -51.56 12.33
C ARG B 94 53.93 -51.63 13.13
N THR B 95 53.81 -51.84 14.43
CA THR B 95 54.97 -51.91 15.29
C THR B 95 55.89 -53.03 14.84
N VAL B 96 55.46 -54.25 15.06
CA VAL B 96 56.24 -55.40 14.70
C VAL B 96 56.98 -55.27 13.37
N VAL B 97 56.24 -54.98 12.30
CA VAL B 97 56.88 -54.83 11.01
C VAL B 97 58.07 -53.90 11.18
N SER B 98 57.84 -52.74 11.77
CA SER B 98 58.93 -51.81 11.98
C SER B 98 60.07 -52.53 12.67
N ALA B 99 59.76 -53.43 13.57
CA ALA B 99 60.80 -54.16 14.29
C ALA B 99 61.74 -54.90 13.34
N LEU B 100 61.27 -55.19 12.15
CA LEU B 100 62.09 -55.91 11.19
C LEU B 100 63.22 -55.08 10.63
N GLY B 101 63.02 -53.77 10.59
CA GLY B 101 64.02 -52.85 10.07
C GLY B 101 65.38 -52.99 10.72
N GLU B 102 66.38 -53.24 9.92
CA GLU B 102 67.72 -53.41 10.43
C GLU B 102 68.68 -52.62 9.58
N ASN B 103 69.87 -53.16 9.42
CA ASN B 103 70.88 -52.53 8.60
C ASN B 103 70.62 -53.05 7.20
N THR B 104 70.19 -54.30 7.13
CA THR B 104 69.90 -54.94 5.85
C THR B 104 69.00 -54.06 4.99
N TYR B 105 68.16 -53.25 5.63
CA TYR B 105 67.26 -52.37 4.91
C TYR B 105 67.81 -50.97 4.82
N THR B 106 68.44 -50.71 3.66
CA THR B 106 69.08 -49.46 3.32
C THR B 106 68.28 -48.80 2.22
N PHE B 107 68.81 -47.70 1.68
CA PHE B 107 68.11 -46.97 0.61
C PHE B 107 67.55 -47.83 -0.49
N HIS B 108 68.39 -48.32 -1.39
CA HIS B 108 67.77 -49.11 -2.44
C HIS B 108 67.16 -50.41 -1.90
N PRO B 109 65.82 -50.44 -1.87
CA PRO B 109 65.08 -51.59 -1.38
C PRO B 109 65.40 -52.75 -2.28
N LYS B 110 65.30 -53.96 -1.76
CA LYS B 110 65.63 -55.11 -2.58
C LYS B 110 64.53 -56.16 -2.64
N THR B 111 64.39 -56.79 -3.80
CA THR B 111 63.38 -57.82 -3.94
C THR B 111 63.48 -58.74 -2.71
N GLU B 112 64.68 -59.29 -2.45
CA GLU B 112 64.89 -60.15 -1.28
C GLU B 112 63.98 -59.64 -0.18
N GLU B 113 64.06 -58.33 0.04
CA GLU B 113 63.29 -57.63 1.07
C GLU B 113 61.79 -57.61 0.79
N ALA B 114 61.40 -57.03 -0.33
CA ALA B 114 59.98 -56.94 -0.68
C ALA B 114 59.34 -58.27 -0.44
N ILE B 115 60.11 -59.32 -0.65
CA ILE B 115 59.59 -60.66 -0.45
C ILE B 115 59.39 -60.95 1.01
N ARG B 116 60.45 -60.94 1.80
CA ARG B 116 60.32 -61.23 3.23
C ARG B 116 59.02 -60.59 3.68
N LEU B 117 58.94 -59.27 3.59
CA LEU B 117 57.73 -58.59 4.02
C LEU B 117 56.44 -59.27 3.60
N ILE B 118 56.19 -59.28 2.30
CA ILE B 118 54.96 -59.88 1.77
C ILE B 118 54.60 -61.21 2.41
N ALA B 119 55.62 -62.04 2.55
CA ALA B 119 55.48 -63.39 3.09
C ALA B 119 55.25 -63.51 4.57
N ILE B 120 55.91 -62.65 5.32
CA ILE B 120 55.81 -62.68 6.77
C ILE B 120 54.60 -61.96 7.34
N THR B 121 54.15 -60.94 6.65
CA THR B 121 53.02 -60.20 7.17
C THR B 121 51.93 -61.11 7.74
N PRO B 122 51.27 -61.92 6.91
CA PRO B 122 50.23 -62.74 7.52
C PRO B 122 50.64 -63.42 8.83
N SER B 123 51.83 -63.99 8.87
CA SER B 123 52.27 -64.66 10.08
C SER B 123 52.17 -63.76 11.31
N ILE B 124 52.70 -62.55 11.21
CA ILE B 124 52.61 -61.61 12.31
C ILE B 124 51.15 -61.56 12.71
N ILE B 125 50.33 -61.06 11.79
CA ILE B 125 48.90 -60.92 11.99
C ILE B 125 48.31 -62.05 12.81
N ALA B 126 48.55 -63.27 12.34
CA ALA B 126 48.06 -64.49 12.96
C ALA B 126 48.61 -64.76 14.35
N TYR B 127 49.90 -65.03 14.42
CA TYR B 127 50.50 -65.29 15.72
C TYR B 127 49.94 -64.32 16.73
N ARG B 128 49.74 -63.08 16.29
CA ARG B 128 49.21 -62.11 17.21
C ARG B 128 47.77 -62.44 17.53
N LYS B 129 46.96 -62.60 16.49
CA LYS B 129 45.55 -62.91 16.70
C LYS B 129 45.43 -64.06 17.67
N ARG B 130 46.14 -65.14 17.41
CA ARG B 130 46.08 -66.29 18.29
C ARG B 130 46.37 -65.90 19.74
N TRP B 131 47.56 -65.40 19.99
CA TRP B 131 47.96 -65.00 21.33
C TRP B 131 46.88 -64.25 22.09
N THR B 132 46.35 -63.17 21.50
CA THR B 132 45.31 -62.39 22.16
C THR B 132 44.13 -63.27 22.54
N ARG B 133 43.75 -64.16 21.62
CA ARG B 133 42.64 -65.09 21.83
C ARG B 133 43.02 -66.27 22.71
N GLY B 134 44.16 -66.16 23.40
CA GLY B 134 44.61 -67.22 24.28
C GLY B 134 44.70 -68.61 23.67
N GLU B 135 44.74 -68.67 22.34
CA GLU B 135 44.86 -69.93 21.64
C GLU B 135 46.35 -70.23 21.56
N GLN B 136 46.70 -71.50 21.36
CA GLN B 136 48.12 -71.86 21.26
C GLN B 136 48.58 -71.41 19.87
N ALA B 137 49.81 -70.94 19.78
CA ALA B 137 50.34 -70.47 18.51
C ALA B 137 50.45 -71.60 17.50
N ILE B 138 50.23 -71.27 16.23
CA ILE B 138 50.31 -72.24 15.13
C ILE B 138 51.40 -71.80 14.18
N ALA B 139 52.38 -72.67 13.99
CA ALA B 139 53.51 -72.38 13.10
C ALA B 139 53.12 -72.57 11.65
N PRO B 140 53.59 -71.68 10.76
CA PRO B 140 53.28 -71.79 9.33
C PRO B 140 53.86 -73.08 8.82
N SER B 141 53.53 -73.46 7.61
CA SER B 141 54.05 -74.69 7.07
C SER B 141 54.31 -74.58 5.59
N SER B 142 55.52 -74.90 5.19
CA SER B 142 55.90 -74.82 3.78
C SER B 142 55.00 -75.72 2.92
N GLN B 143 54.04 -76.38 3.55
CA GLN B 143 53.16 -77.32 2.85
C GLN B 143 51.92 -76.77 2.16
N TYR B 144 51.29 -75.74 2.72
CA TYR B 144 50.08 -75.17 2.12
C TYR B 144 50.39 -73.99 1.20
N GLY B 145 49.35 -73.42 0.57
CA GLY B 145 49.55 -72.28 -0.31
C GLY B 145 49.88 -71.05 0.55
N HIS B 146 49.60 -69.85 0.07
CA HIS B 146 49.89 -68.65 0.87
C HIS B 146 48.61 -68.22 1.53
N VAL B 147 47.60 -68.00 0.71
CA VAL B 147 46.31 -67.58 1.19
C VAL B 147 45.75 -68.67 2.08
N GLU B 148 46.08 -69.91 1.77
CA GLU B 148 45.59 -71.03 2.56
C GLU B 148 46.31 -71.12 3.89
N ASN B 149 47.61 -70.84 3.87
CA ASN B 149 48.40 -70.88 5.10
C ASN B 149 47.90 -69.80 6.05
N TYR B 150 47.54 -68.65 5.50
CA TYR B 150 47.01 -67.57 6.32
C TYR B 150 45.81 -68.06 7.12
N TYR B 151 44.99 -68.90 6.51
CA TYR B 151 43.83 -69.42 7.21
C TYR B 151 44.31 -70.35 8.31
N TYR B 152 45.12 -71.32 7.92
CA TYR B 152 45.66 -72.30 8.85
C TYR B 152 46.24 -71.70 10.11
N MET B 153 47.16 -70.75 9.98
CA MET B 153 47.76 -70.17 11.17
C MET B 153 46.81 -69.38 11.98
N LEU B 154 45.60 -69.19 11.46
CA LEU B 154 44.62 -68.42 12.16
C LEU B 154 43.60 -69.31 12.86
N THR B 155 43.24 -70.38 12.18
CA THR B 155 42.23 -71.32 12.66
C THR B 155 42.76 -72.68 13.09
N GLY B 156 43.59 -73.28 12.25
CA GLY B 156 44.14 -74.58 12.57
C GLY B 156 43.56 -75.61 11.65
N GLU B 157 42.64 -75.18 10.81
CA GLU B 157 42.00 -76.09 9.87
C GLU B 157 42.31 -75.71 8.44
N GLN B 158 41.88 -76.56 7.52
CA GLN B 158 42.07 -76.33 6.11
C GLN B 158 40.68 -75.92 5.62
N PRO B 159 40.58 -74.75 4.99
CA PRO B 159 39.33 -74.18 4.47
C PRO B 159 38.65 -74.93 3.31
N SER B 160 37.34 -74.70 3.17
CA SER B 160 36.53 -75.31 2.12
C SER B 160 37.15 -74.93 0.78
N GLU B 161 37.04 -75.82 -0.21
CA GLU B 161 37.60 -75.52 -1.53
C GLU B 161 37.03 -74.16 -1.93
N ALA B 162 35.77 -73.95 -1.54
CA ALA B 162 35.10 -72.70 -1.84
C ALA B 162 35.63 -71.59 -0.95
N LYS B 163 35.57 -71.80 0.36
CA LYS B 163 36.06 -70.80 1.30
C LYS B 163 37.45 -70.31 0.84
N LYS B 164 38.30 -71.22 0.36
CA LYS B 164 39.63 -70.86 -0.10
C LYS B 164 39.59 -70.06 -1.39
N LYS B 165 39.24 -70.71 -2.49
CA LYS B 165 39.19 -70.06 -3.80
C LYS B 165 38.65 -68.62 -3.69
N ALA B 166 37.62 -68.42 -2.88
CA ALA B 166 37.03 -67.09 -2.69
C ALA B 166 38.01 -66.11 -2.11
N LEU B 167 38.39 -66.35 -0.87
CA LEU B 167 39.33 -65.47 -0.20
C LEU B 167 40.47 -65.10 -1.12
N GLU B 168 41.10 -66.12 -1.72
CA GLU B 168 42.23 -65.89 -2.61
C GLU B 168 41.85 -64.85 -3.64
N THR B 169 40.79 -65.10 -4.41
CA THR B 169 40.40 -64.13 -5.40
C THR B 169 40.19 -62.78 -4.75
N TYR B 170 39.79 -62.77 -3.50
CA TYR B 170 39.59 -61.49 -2.83
C TYR B 170 40.91 -60.79 -2.65
N MET B 171 41.78 -61.37 -1.83
CA MET B 171 43.07 -60.77 -1.56
C MET B 171 43.73 -60.25 -2.82
N ILE B 172 43.69 -61.05 -3.88
CA ILE B 172 44.30 -60.64 -5.14
C ILE B 172 43.74 -59.29 -5.60
N LEU B 173 42.45 -59.08 -5.44
CA LEU B 173 41.84 -57.83 -5.84
C LEU B 173 42.24 -56.72 -4.90
N ALA B 174 42.62 -57.08 -3.68
CA ALA B 174 43.03 -56.10 -2.70
C ALA B 174 44.51 -55.79 -2.85
N THR B 175 45.20 -56.64 -3.59
CA THR B 175 46.63 -56.52 -3.81
C THR B 175 47.14 -55.14 -4.19
N GLU B 176 46.65 -54.62 -5.30
CA GLU B 176 47.06 -53.33 -5.75
C GLU B 176 45.84 -52.65 -6.24
N HIS B 177 45.79 -51.33 -6.09
CA HIS B 177 44.64 -50.57 -6.57
C HIS B 177 45.08 -49.14 -6.71
N GLY B 178 45.95 -48.90 -7.68
CA GLY B 178 46.45 -47.57 -7.96
C GLY B 178 47.00 -46.78 -6.80
N MET B 179 46.98 -45.46 -6.98
CA MET B 179 47.49 -44.52 -5.99
C MET B 179 46.45 -44.21 -4.95
N ASN B 180 46.70 -44.65 -3.73
CA ASN B 180 45.75 -44.39 -2.68
C ASN B 180 46.48 -44.09 -1.42
N ALA B 181 45.85 -43.27 -0.60
CA ALA B 181 46.40 -42.85 0.68
C ALA B 181 47.71 -43.54 1.08
N SER B 182 47.61 -44.79 1.52
CA SER B 182 48.79 -45.52 1.96
C SER B 182 49.82 -45.67 0.87
N THR B 183 49.50 -46.40 -0.19
CA THR B 183 50.47 -46.57 -1.27
C THR B 183 51.20 -45.28 -1.54
N PHE B 184 50.48 -44.16 -1.47
CA PHE B 184 51.09 -42.86 -1.71
C PHE B 184 51.97 -42.53 -0.52
N SER B 185 51.51 -42.92 0.66
CA SER B 185 52.27 -42.68 1.88
C SER B 185 53.65 -43.30 1.78
N ALA B 186 53.73 -44.55 1.37
CA ALA B 186 55.00 -45.20 1.27
C ALA B 186 55.89 -44.46 0.30
N ARG B 187 55.39 -44.22 -0.90
CA ARG B 187 56.21 -43.53 -1.88
C ARG B 187 56.77 -42.30 -1.20
N VAL B 188 55.90 -41.44 -0.71
CA VAL B 188 56.34 -40.23 -0.03
C VAL B 188 57.47 -40.53 0.92
N THR B 189 57.25 -41.49 1.80
CA THR B 189 58.27 -41.85 2.78
C THR B 189 59.58 -42.30 2.16
N LEU B 190 59.52 -43.09 1.09
CA LEU B 190 60.76 -43.54 0.50
C LEU B 190 61.42 -42.39 -0.22
N SER B 191 60.63 -41.36 -0.50
CA SER B 191 61.12 -40.18 -1.21
C SER B 191 62.44 -39.63 -0.69
N THR B 192 62.73 -39.81 0.60
CA THR B 192 63.98 -39.29 1.18
C THR B 192 65.06 -40.35 1.31
N GLU B 193 65.15 -41.23 0.32
CA GLU B 193 66.12 -42.32 0.31
C GLU B 193 66.04 -43.17 1.57
N SER B 194 64.82 -43.44 2.03
CA SER B 194 64.60 -44.25 3.22
C SER B 194 64.50 -45.73 2.91
N ASP B 195 64.12 -46.56 3.89
CA ASP B 195 64.04 -48.02 3.70
C ASP B 195 62.67 -48.59 3.40
N LEU B 196 62.64 -49.79 2.84
CA LEU B 196 61.38 -50.41 2.50
C LEU B 196 60.52 -50.48 3.74
N VAL B 197 61.08 -50.99 4.83
CA VAL B 197 60.35 -51.11 6.08
C VAL B 197 59.74 -49.79 6.53
N SER B 198 60.57 -48.76 6.63
CA SER B 198 60.06 -47.49 7.07
C SER B 198 58.89 -47.07 6.19
N ALA B 199 58.90 -47.48 4.93
CA ALA B 199 57.82 -47.14 4.02
C ALA B 199 56.58 -47.95 4.34
N VAL B 200 56.73 -49.26 4.38
CA VAL B 200 55.59 -50.11 4.69
C VAL B 200 55.05 -49.68 6.05
N THR B 201 55.94 -49.54 7.03
CA THR B 201 55.55 -49.11 8.37
C THR B 201 54.70 -47.87 8.31
N ALA B 202 55.06 -46.99 7.37
CA ALA B 202 54.32 -45.77 7.20
C ALA B 202 52.97 -46.14 6.65
N ALA B 203 52.97 -46.74 5.47
CA ALA B 203 51.74 -47.14 4.82
C ALA B 203 50.83 -47.84 5.83
N LEU B 204 51.38 -48.82 6.53
CA LEU B 204 50.61 -49.54 7.53
C LEU B 204 49.92 -48.56 8.44
N GLY B 205 50.71 -47.69 9.08
CA GLY B 205 50.17 -46.70 9.98
C GLY B 205 49.02 -45.98 9.32
N THR B 206 49.15 -45.75 8.01
CA THR B 206 48.12 -45.05 7.27
C THR B 206 46.89 -45.91 7.02
N MET B 207 47.07 -47.22 6.90
CA MET B 207 45.94 -48.10 6.67
C MET B 207 45.05 -48.13 7.89
N LYS B 208 45.65 -48.22 9.08
CA LYS B 208 44.90 -48.28 10.33
C LYS B 208 43.68 -47.37 10.28
N GLY B 209 43.87 -46.18 9.73
CA GLY B 209 42.79 -45.22 9.61
C GLY B 209 41.50 -45.90 9.19
N PRO B 210 40.35 -45.37 9.60
CA PRO B 210 39.08 -45.99 9.22
C PRO B 210 38.58 -45.64 7.83
N LEU B 211 39.12 -44.58 7.23
CA LEU B 211 38.68 -44.18 5.90
C LEU B 211 39.30 -44.98 4.77
N HIS B 212 40.21 -45.87 5.12
CA HIS B 212 40.88 -46.71 4.15
C HIS B 212 40.79 -48.13 4.67
N GLY B 213 40.34 -49.04 3.82
CA GLY B 213 40.22 -50.43 4.21
C GLY B 213 39.60 -50.74 5.55
N GLY B 214 38.46 -50.14 5.85
CA GLY B 214 37.80 -50.43 7.10
C GLY B 214 36.82 -51.53 6.81
N ALA B 215 36.43 -52.30 7.82
CA ALA B 215 35.49 -53.38 7.60
C ALA B 215 34.17 -52.82 7.10
N PRO B 216 33.44 -53.58 6.27
CA PRO B 216 32.16 -53.20 5.72
C PRO B 216 31.08 -53.56 6.70
N SER B 217 31.38 -53.40 7.98
CA SER B 217 30.45 -53.68 9.04
C SER B 217 29.01 -53.35 8.62
N ALA B 218 28.82 -52.17 8.05
CA ALA B 218 27.49 -51.75 7.60
C ALA B 218 26.80 -52.83 6.75
N VAL B 219 27.60 -53.49 5.92
CA VAL B 219 27.08 -54.55 5.07
C VAL B 219 26.99 -55.83 5.87
N THR B 220 28.10 -56.23 6.48
CA THR B 220 28.12 -57.45 7.27
C THR B 220 26.83 -57.59 8.07
N LYS B 221 26.33 -56.51 8.66
CA LYS B 221 25.09 -56.60 9.44
C LYS B 221 23.92 -56.91 8.53
N MET B 222 23.88 -56.24 7.39
CA MET B 222 22.81 -56.48 6.44
C MET B 222 22.61 -57.96 6.26
N LEU B 223 23.68 -58.66 5.93
CA LEU B 223 23.61 -60.09 5.72
C LEU B 223 23.22 -60.84 6.98
N GLU B 224 23.93 -60.56 8.07
CA GLU B 224 23.68 -61.21 9.35
C GLU B 224 22.22 -61.09 9.80
N ASP B 225 21.49 -60.15 9.23
CA ASP B 225 20.10 -59.94 9.60
C ASP B 225 19.11 -60.80 8.82
N ILE B 226 19.61 -61.60 7.88
CA ILE B 226 18.70 -62.43 7.10
C ILE B 226 19.26 -63.76 6.65
N GLY B 227 19.83 -64.49 7.60
CA GLY B 227 20.44 -65.78 7.32
C GLY B 227 19.89 -66.61 6.16
N GLU B 228 18.60 -66.44 5.83
CA GLU B 228 17.99 -67.20 4.73
C GLU B 228 17.60 -66.31 3.54
N LYS B 229 17.64 -66.89 2.34
CA LYS B 229 17.30 -66.17 1.12
C LYS B 229 15.86 -65.66 1.10
N GLU B 230 14.94 -66.39 1.74
CA GLU B 230 13.52 -65.97 1.74
C GLU B 230 13.37 -64.50 2.09
N HIS B 231 13.86 -64.11 3.27
CA HIS B 231 13.78 -62.73 3.76
C HIS B 231 14.52 -61.75 2.86
N ALA B 232 15.08 -62.24 1.75
CA ALA B 232 15.80 -61.39 0.82
C ALA B 232 15.08 -60.08 0.56
N GLU B 233 14.16 -60.08 -0.40
CA GLU B 233 13.41 -58.88 -0.75
C GLU B 233 12.84 -58.17 0.48
N ALA B 234 12.06 -58.88 1.29
CA ALA B 234 11.48 -58.31 2.50
C ALA B 234 12.34 -57.18 3.08
N TYR B 235 13.52 -57.53 3.57
CA TYR B 235 14.47 -56.60 4.17
C TYR B 235 14.77 -55.43 3.27
N LEU B 236 15.40 -55.73 2.13
CA LEU B 236 15.72 -54.69 1.17
C LEU B 236 14.50 -53.78 1.02
N LYS B 237 13.42 -54.33 0.48
CA LYS B 237 12.19 -53.59 0.26
C LYS B 237 11.88 -52.61 1.38
N GLU B 238 11.88 -53.05 2.64
CA GLU B 238 11.56 -52.13 3.74
C GLU B 238 12.37 -50.84 3.77
N LYS B 239 13.68 -50.96 4.01
CA LYS B 239 14.51 -49.77 4.10
C LYS B 239 14.65 -49.04 2.78
N LEU B 240 14.19 -49.64 1.70
CA LEU B 240 14.29 -48.99 0.40
C LEU B 240 13.08 -48.10 0.14
N GLU B 241 12.10 -48.16 1.04
CA GLU B 241 10.90 -47.35 0.89
C GLU B 241 11.03 -45.99 1.52
N LYS B 242 11.55 -45.90 2.75
CA LYS B 242 11.71 -44.56 3.32
C LYS B 242 13.04 -43.96 2.84
N GLY B 243 13.55 -44.54 1.77
CA GLY B 243 14.77 -44.01 1.19
C GLY B 243 16.10 -44.38 1.81
N GLU B 244 16.12 -45.27 2.81
CA GLU B 244 17.40 -45.67 3.40
C GLU B 244 18.23 -46.24 2.23
N ARG B 245 19.55 -46.19 2.33
CA ARG B 245 20.41 -46.69 1.26
C ARG B 245 20.91 -48.11 1.50
N LEU B 246 21.09 -48.87 0.41
CA LEU B 246 21.57 -50.26 0.48
C LEU B 246 23.10 -50.26 0.46
N MET B 247 23.68 -50.51 1.63
CA MET B 247 25.12 -50.46 1.87
C MET B 247 26.18 -50.91 0.87
N GLY B 248 26.05 -52.08 0.24
CA GLY B 248 27.11 -52.48 -0.66
C GLY B 248 27.03 -52.01 -2.10
N PHE B 249 26.33 -50.91 -2.36
CA PHE B 249 26.19 -50.50 -3.75
C PHE B 249 26.42 -49.06 -4.13
N GLY B 250 26.83 -48.88 -5.38
CA GLY B 250 27.12 -47.57 -5.93
C GLY B 250 28.57 -47.28 -5.66
N HIS B 251 29.17 -46.41 -6.44
CA HIS B 251 30.57 -46.09 -6.21
C HIS B 251 30.95 -44.69 -6.67
N ARG B 252 31.88 -44.07 -5.93
CA ARG B 252 32.36 -42.73 -6.21
C ARG B 252 33.17 -42.61 -7.49
N VAL B 253 34.07 -43.57 -7.69
CA VAL B 253 34.97 -43.57 -8.85
C VAL B 253 34.53 -44.46 -10.02
N TYR B 254 33.70 -45.46 -9.74
CA TYR B 254 33.23 -46.34 -10.81
C TYR B 254 31.87 -45.92 -11.32
N LYS B 255 31.87 -45.26 -12.48
CA LYS B 255 30.63 -44.85 -13.05
C LYS B 255 29.91 -46.13 -13.48
N THR B 256 30.63 -47.03 -14.16
CA THR B 256 30.07 -48.32 -14.57
C THR B 256 30.30 -49.22 -13.36
N LYS B 257 29.86 -50.47 -13.42
CA LYS B 257 30.08 -51.35 -12.28
C LYS B 257 31.55 -51.62 -11.95
N ASP B 258 31.79 -51.98 -10.69
CA ASP B 258 33.11 -52.27 -10.17
C ASP B 258 33.59 -53.62 -10.66
N PRO B 259 34.79 -53.67 -11.26
CA PRO B 259 35.38 -54.91 -11.77
C PRO B 259 35.71 -55.87 -10.65
N ARG B 260 36.19 -55.33 -9.54
CA ARG B 260 36.53 -56.14 -8.38
C ARG B 260 35.27 -56.82 -7.89
N ALA B 261 34.26 -56.02 -7.60
CA ALA B 261 33.00 -56.56 -7.13
C ALA B 261 32.53 -57.59 -8.12
N GLU B 262 32.82 -57.34 -9.39
CA GLU B 262 32.40 -58.24 -10.45
C GLU B 262 33.18 -59.54 -10.38
N ALA B 263 34.50 -59.43 -10.45
CA ALA B 263 35.37 -60.59 -10.40
C ALA B 263 35.07 -61.44 -9.19
N LEU B 264 34.43 -60.85 -8.20
CA LEU B 264 34.09 -61.61 -7.01
C LEU B 264 32.81 -62.37 -7.21
N ARG B 265 31.74 -61.66 -7.54
CA ARG B 265 30.46 -62.33 -7.73
C ARG B 265 30.65 -63.53 -8.63
N GLN B 266 31.54 -63.40 -9.60
CA GLN B 266 31.77 -64.48 -10.53
C GLN B 266 32.37 -65.70 -9.85
N LYS B 267 33.50 -65.54 -9.18
CA LYS B 267 34.13 -66.67 -8.54
C LYS B 267 33.13 -67.34 -7.64
N ALA B 268 32.25 -66.56 -7.05
CA ALA B 268 31.24 -67.11 -6.17
C ALA B 268 30.36 -68.11 -6.89
N GLU B 269 29.88 -67.72 -8.07
CA GLU B 269 29.01 -68.60 -8.85
C GLU B 269 29.74 -69.91 -9.10
N GLU B 270 31.01 -69.81 -9.46
CA GLU B 270 31.79 -71.00 -9.74
C GLU B 270 31.71 -72.00 -8.58
N VAL B 271 31.86 -71.52 -7.37
CA VAL B 271 31.82 -72.39 -6.20
C VAL B 271 30.51 -72.34 -5.45
N ALA B 272 29.42 -72.10 -6.16
CA ALA B 272 28.13 -72.03 -5.52
C ALA B 272 27.83 -73.34 -4.80
N GLY B 273 26.66 -73.41 -4.17
CA GLY B 273 26.24 -74.60 -3.45
C GLY B 273 27.17 -75.23 -2.44
N ASN B 274 28.38 -74.68 -2.31
CA ASN B 274 29.34 -75.25 -1.36
C ASN B 274 29.49 -74.39 -0.13
N ASP B 275 28.88 -73.21 -0.14
CA ASP B 275 28.99 -72.31 1.01
C ASP B 275 27.79 -71.42 1.20
N ARG B 276 26.90 -71.80 2.12
CA ARG B 276 25.69 -71.01 2.39
C ARG B 276 25.91 -69.53 2.65
N ASP B 277 26.95 -69.17 3.40
CA ASP B 277 27.24 -67.76 3.67
C ASP B 277 27.53 -67.04 2.36
N LEU B 278 27.99 -67.77 1.35
CA LEU B 278 28.31 -67.20 0.06
C LEU B 278 27.15 -67.23 -0.91
N ASP B 279 26.52 -68.38 -1.06
CA ASP B 279 25.40 -68.49 -1.97
C ASP B 279 24.27 -67.54 -1.55
N LEU B 280 24.26 -67.16 -0.29
CA LEU B 280 23.25 -66.22 0.20
C LEU B 280 23.56 -64.88 -0.43
N ALA B 281 24.81 -64.44 -0.26
CA ALA B 281 25.22 -63.18 -0.81
C ALA B 281 24.76 -63.13 -2.26
N LEU B 282 25.22 -64.10 -3.04
CA LEU B 282 24.85 -64.16 -4.45
C LEU B 282 23.43 -63.70 -4.61
N HIS B 283 22.52 -64.38 -3.93
CA HIS B 283 21.11 -64.07 -3.99
C HIS B 283 20.89 -62.61 -3.59
N VAL B 284 21.15 -62.29 -2.33
CA VAL B 284 20.95 -60.92 -1.89
C VAL B 284 21.37 -59.94 -2.97
N GLU B 285 22.55 -60.12 -3.56
CA GLU B 285 22.97 -59.20 -4.61
C GLU B 285 21.89 -59.15 -5.66
N ALA B 286 21.85 -60.17 -6.50
CA ALA B 286 20.90 -60.27 -7.60
C ALA B 286 19.49 -59.82 -7.29
N GLU B 287 19.04 -60.05 -6.06
CA GLU B 287 17.69 -59.66 -5.67
C GLU B 287 17.63 -58.18 -5.28
N ALA B 288 18.77 -57.61 -4.93
CA ALA B 288 18.84 -56.21 -4.54
C ALA B 288 19.11 -55.28 -5.72
N ILE B 289 19.90 -55.77 -6.65
CA ILE B 289 20.26 -55.03 -7.85
C ILE B 289 19.05 -54.86 -8.75
N ARG B 290 18.10 -55.80 -8.63
CA ARG B 290 16.88 -55.76 -9.43
C ARG B 290 15.81 -54.94 -8.71
N LEU B 291 16.10 -54.52 -7.49
CA LEU B 291 15.16 -53.73 -6.74
C LEU B 291 15.57 -52.29 -6.85
N LEU B 292 16.82 -52.07 -7.22
CA LEU B 292 17.31 -50.72 -7.38
C LEU B 292 16.78 -50.23 -8.71
N GLU B 293 16.75 -51.16 -9.67
CA GLU B 293 16.24 -50.88 -11.01
C GLU B 293 14.83 -50.32 -10.78
N ILE B 294 14.08 -51.03 -9.95
CA ILE B 294 12.71 -50.68 -9.59
C ILE B 294 12.50 -49.37 -8.82
N TYR B 295 13.10 -49.25 -7.64
CA TYR B 295 12.90 -48.03 -6.86
C TYR B 295 13.63 -46.79 -7.38
N LYS B 296 14.84 -46.98 -7.91
CA LYS B 296 15.59 -45.84 -8.44
C LYS B 296 15.95 -46.19 -9.87
N PRO B 297 14.99 -46.05 -10.80
CA PRO B 297 15.27 -46.36 -12.21
C PRO B 297 16.14 -45.30 -12.86
N GLY B 298 17.02 -45.74 -13.74
CA GLY B 298 17.92 -44.83 -14.43
C GLY B 298 19.31 -44.82 -13.84
N ARG B 299 19.43 -44.34 -12.60
CA ARG B 299 20.71 -44.28 -11.90
C ARG B 299 21.40 -45.62 -11.83
N LYS B 300 22.37 -45.81 -12.73
CA LYS B 300 23.14 -47.03 -12.82
C LYS B 300 23.91 -47.22 -11.51
N LEU B 301 23.30 -47.93 -10.56
CA LEU B 301 23.94 -48.22 -9.29
C LEU B 301 24.33 -49.67 -9.35
N TYR B 302 25.63 -49.95 -9.28
CA TYR B 302 26.08 -51.31 -9.35
C TYR B 302 26.78 -51.74 -8.09
N THR B 303 26.65 -53.02 -7.77
CA THR B 303 27.28 -53.60 -6.61
C THR B 303 28.74 -53.17 -6.59
N ASN B 304 29.23 -52.77 -5.42
CA ASN B 304 30.61 -52.31 -5.24
C ASN B 304 31.43 -53.29 -4.42
N VAL B 305 32.71 -53.42 -4.73
CA VAL B 305 33.59 -54.36 -4.02
C VAL B 305 33.30 -54.55 -2.54
N GLU B 306 33.27 -53.42 -1.82
CA GLU B 306 33.01 -53.45 -0.38
C GLU B 306 31.98 -54.53 -0.04
N PHE B 307 30.93 -54.64 -0.84
CA PHE B 307 29.90 -55.63 -0.59
C PHE B 307 30.49 -57.01 -0.41
N TYR B 308 31.11 -57.55 -1.46
CA TYR B 308 31.65 -58.89 -1.38
C TYR B 308 32.77 -59.10 -0.39
N ALA B 309 33.53 -58.05 -0.12
CA ALA B 309 34.60 -58.19 0.84
C ALA B 309 33.91 -58.53 2.16
N ALA B 310 32.73 -57.97 2.36
CA ALA B 310 31.98 -58.21 3.56
C ALA B 310 31.52 -59.64 3.62
N ALA B 311 31.15 -60.18 2.46
CA ALA B 311 30.64 -61.54 2.36
C ALA B 311 31.70 -62.60 2.57
N VAL B 312 32.77 -62.53 1.78
CA VAL B 312 33.85 -63.50 1.88
C VAL B 312 34.28 -63.65 3.33
N MET B 313 34.46 -62.54 4.03
CA MET B 313 34.85 -62.57 5.44
C MET B 313 33.78 -63.33 6.24
N ARG B 314 32.53 -62.91 6.07
CA ARG B 314 31.43 -63.53 6.78
C ARG B 314 31.50 -65.04 6.68
N ALA B 315 31.91 -65.53 5.53
CA ALA B 315 31.99 -66.97 5.29
C ALA B 315 33.07 -67.66 6.09
N ILE B 316 34.19 -66.97 6.28
CA ILE B 316 35.33 -67.53 6.99
C ILE B 316 35.47 -67.09 8.44
N ASP B 317 34.37 -66.72 9.06
CA ASP B 317 34.40 -66.32 10.47
C ASP B 317 35.55 -65.35 10.77
N PHE B 318 35.80 -64.44 9.84
CA PHE B 318 36.82 -63.41 10.04
C PHE B 318 36.10 -62.19 10.53
N ASP B 319 35.94 -62.09 11.84
CA ASP B 319 35.25 -60.93 12.40
C ASP B 319 35.90 -59.64 11.91
N ASP B 320 35.18 -58.55 12.08
CA ASP B 320 35.63 -57.24 11.63
C ASP B 320 37.05 -56.90 12.06
N GLU B 321 37.44 -57.29 13.28
CA GLU B 321 38.78 -56.96 13.76
C GLU B 321 39.93 -57.37 12.81
N LEU B 322 39.80 -58.53 12.19
CA LEU B 322 40.81 -59.06 11.28
C LEU B 322 40.72 -58.53 9.88
N PHE B 323 39.75 -57.66 9.63
CA PHE B 323 39.61 -57.13 8.29
C PHE B 323 40.84 -56.38 7.80
N THR B 324 40.97 -55.11 8.19
CA THR B 324 42.11 -54.31 7.77
C THR B 324 43.40 -55.10 7.72
N PRO B 325 43.77 -55.78 8.81
CA PRO B 325 45.01 -56.55 8.73
C PRO B 325 45.01 -57.36 7.45
N THR B 326 44.15 -58.36 7.37
CA THR B 326 44.05 -59.19 6.19
C THR B 326 44.21 -58.34 4.95
N PHE B 327 43.49 -57.25 4.88
CA PHE B 327 43.58 -56.38 3.73
C PHE B 327 45.03 -55.94 3.58
N SER B 328 45.61 -55.43 4.66
CA SER B 328 47.00 -54.98 4.62
C SER B 328 47.89 -56.05 4.02
N ALA B 329 47.96 -57.19 4.67
CA ALA B 329 48.78 -58.29 4.18
C ALA B 329 48.73 -58.42 2.67
N SER B 330 47.63 -57.99 2.06
CA SER B 330 47.50 -58.08 0.61
C SER B 330 48.04 -56.84 -0.07
N ARG B 331 47.50 -55.68 0.30
CA ARG B 331 47.97 -54.46 -0.30
C ARG B 331 49.46 -54.36 -0.10
N MET B 332 49.99 -55.22 0.76
CA MET B 332 51.40 -55.25 1.03
C MET B 332 52.15 -55.43 -0.26
N VAL B 333 51.56 -56.20 -1.16
CA VAL B 333 52.18 -56.42 -2.45
C VAL B 333 52.20 -55.08 -3.14
N GLY B 334 51.01 -54.54 -3.35
CA GLY B 334 50.89 -53.26 -4.00
C GLY B 334 51.94 -52.28 -3.52
N TRP B 335 52.09 -52.19 -2.20
CA TRP B 335 53.06 -51.27 -1.61
C TRP B 335 54.45 -51.56 -2.10
N CYS B 336 55.02 -52.68 -1.69
CA CYS B 336 56.35 -53.02 -2.11
C CYS B 336 56.50 -52.68 -3.55
N ALA B 337 55.66 -53.28 -4.37
CA ALA B 337 55.69 -53.00 -5.80
C ALA B 337 55.94 -51.51 -6.02
N HIS B 338 55.07 -50.69 -5.45
CA HIS B 338 55.16 -49.25 -5.56
C HIS B 338 56.44 -48.71 -4.98
N VAL B 339 56.89 -49.25 -3.85
CA VAL B 339 58.13 -48.77 -3.25
C VAL B 339 59.25 -49.04 -4.21
N LEU B 340 59.43 -50.32 -4.52
CA LEU B 340 60.46 -50.77 -5.44
C LEU B 340 60.53 -49.90 -6.69
N GLU B 341 59.39 -49.39 -7.12
CA GLU B 341 59.35 -48.54 -8.31
C GLU B 341 59.71 -47.10 -7.98
N GLN B 342 59.24 -46.62 -6.84
CA GLN B 342 59.53 -45.24 -6.45
C GLN B 342 61.03 -45.05 -6.42
N ALA B 343 61.72 -46.06 -5.92
CA ALA B 343 63.15 -46.01 -5.80
C ALA B 343 63.86 -46.07 -7.15
N GLU B 344 63.22 -46.66 -8.16
CA GLU B 344 63.84 -46.80 -9.48
C GLU B 344 64.21 -45.44 -10.02
N ASN B 345 63.25 -44.52 -9.96
CA ASN B 345 63.49 -43.14 -10.37
C ASN B 345 62.83 -42.36 -9.27
N ASN B 346 63.64 -41.96 -8.29
CA ASN B 346 63.15 -41.23 -7.13
C ASN B 346 62.62 -39.85 -7.47
N MET B 347 62.38 -39.05 -6.43
CA MET B 347 61.86 -37.70 -6.56
C MET B 347 62.01 -37.09 -5.17
N ILE B 348 61.36 -35.96 -4.92
CA ILE B 348 61.44 -35.34 -3.60
C ILE B 348 60.09 -34.64 -3.50
N PHE B 349 59.16 -35.30 -2.80
CA PHE B 349 57.81 -34.77 -2.72
C PHE B 349 57.55 -33.39 -2.15
N ARG B 350 58.61 -32.64 -1.85
CA ARG B 350 58.48 -31.27 -1.33
C ARG B 350 57.30 -30.49 -1.93
N PRO B 351 56.12 -30.49 -1.26
CA PRO B 351 54.99 -29.75 -1.80
C PRO B 351 55.09 -28.51 -0.93
N SER B 352 54.30 -27.48 -1.18
CA SER B 352 54.40 -26.29 -0.33
C SER B 352 52.99 -25.95 0.18
N ALA B 353 52.89 -24.95 1.05
CA ALA B 353 51.61 -24.57 1.63
C ALA B 353 51.44 -23.05 1.78
N GLN B 354 50.19 -22.65 1.98
CA GLN B 354 49.82 -21.24 2.16
C GLN B 354 49.70 -20.96 3.65
N TYR B 355 50.44 -19.95 4.11
CA TYR B 355 50.40 -19.57 5.52
C TYR B 355 49.25 -18.58 5.80
N THR B 356 48.42 -18.95 6.76
CA THR B 356 47.28 -18.14 7.16
C THR B 356 47.75 -16.97 8.00
N GLY B 357 48.19 -17.30 9.21
CA GLY B 357 48.69 -16.35 10.19
C GLY B 357 49.30 -15.02 9.78
N ALA B 358 49.24 -14.06 10.69
CA ALA B 358 49.78 -12.73 10.40
C ALA B 358 51.29 -12.76 10.55
N ILE B 359 51.99 -11.95 9.75
CA ILE B 359 53.45 -11.88 9.84
C ILE B 359 53.93 -10.63 10.57
N PRO B 360 55.05 -10.74 11.32
CA PRO B 360 55.61 -9.60 12.06
C PRO B 360 56.48 -8.73 11.15
N GLU B 361 56.60 -7.45 11.50
CA GLU B 361 57.40 -6.52 10.69
C GLU B 361 58.90 -6.56 11.05
N GLU B 362 59.73 -6.44 10.01
CA GLU B 362 61.19 -6.46 10.14
C GLU B 362 61.76 -5.54 11.24
N VAL B 363 61.15 -4.36 11.39
CA VAL B 363 61.53 -3.34 12.38
C VAL B 363 63.03 -3.34 12.75
N VAL C 1 -53.02 32.91 15.36
CA VAL C 1 -53.68 33.84 14.37
C VAL C 1 -53.04 35.25 14.33
N HIS C 2 -52.47 35.63 13.17
CA HIS C 2 -51.82 36.93 13.00
C HIS C 2 -52.66 37.89 12.14
N TYR C 3 -53.67 38.50 12.76
CA TYR C 3 -54.58 39.45 12.07
C TYR C 3 -53.86 40.62 11.32
N GLY C 4 -54.07 40.69 10.01
CA GLY C 4 -53.43 41.74 9.20
C GLY C 4 -51.93 41.53 9.00
N LEU C 5 -51.41 40.44 9.58
CA LEU C 5 -49.99 40.05 9.51
C LEU C 5 -48.97 41.07 10.07
N LYS C 6 -49.39 41.86 11.07
CA LYS C 6 -48.49 42.86 11.70
C LYS C 6 -47.32 42.15 12.40
N GLY C 7 -46.10 42.59 12.07
CA GLY C 7 -44.93 41.96 12.65
C GLY C 7 -44.52 40.71 11.88
N ILE C 8 -45.35 40.32 10.91
CA ILE C 8 -45.05 39.14 10.08
C ILE C 8 -44.16 39.57 8.89
N THR C 9 -42.94 39.03 8.88
CA THR C 9 -41.93 39.34 7.85
C THR C 9 -41.84 38.29 6.72
N CYS C 10 -42.82 38.31 5.83
CA CYS C 10 -42.86 37.35 4.74
C CYS C 10 -41.99 37.65 3.52
N VAL C 11 -41.07 38.61 3.64
CA VAL C 11 -40.21 38.90 2.49
C VAL C 11 -38.77 39.35 2.75
N GLU C 12 -37.93 39.04 1.78
CA GLU C 12 -36.52 39.37 1.82
C GLU C 12 -36.37 40.34 0.65
N THR C 13 -35.62 41.43 0.82
CA THR C 13 -35.45 42.40 -0.27
C THR C 13 -34.28 43.35 -0.12
N SER C 14 -33.63 43.66 -1.24
CA SER C 14 -32.50 44.58 -1.23
C SER C 14 -32.88 45.87 -1.96
N ILE C 15 -34.14 46.27 -1.82
CA ILE C 15 -34.63 47.48 -2.46
C ILE C 15 -34.73 48.64 -1.51
N SER C 16 -35.30 48.41 -0.33
CA SER C 16 -35.44 49.50 0.60
C SER C 16 -35.64 49.02 2.02
N HIS C 17 -35.32 49.90 2.97
CA HIS C 17 -35.49 49.60 4.39
C HIS C 17 -35.99 50.83 5.12
N ILE C 18 -36.92 50.63 6.03
CA ILE C 18 -37.45 51.74 6.80
C ILE C 18 -37.20 51.39 8.26
N ASP C 19 -36.57 52.31 8.99
CA ASP C 19 -36.26 52.11 10.41
C ASP C 19 -36.95 53.14 11.30
N GLY C 20 -38.06 52.76 11.92
CA GLY C 20 -38.77 53.67 12.79
C GLY C 20 -37.83 54.35 13.78
N GLU C 21 -37.37 53.58 14.77
CA GLU C 21 -36.47 54.09 15.79
C GLU C 21 -35.50 55.11 15.22
N LYS C 22 -34.37 54.65 14.70
CA LYS C 22 -33.42 55.60 14.13
C LYS C 22 -34.20 56.28 13.00
N GLY C 23 -34.18 57.62 12.96
CA GLY C 23 -34.91 58.32 11.91
C GLY C 23 -34.30 58.20 10.52
N ARG C 24 -34.27 56.99 9.95
CA ARG C 24 -33.68 56.80 8.61
C ARG C 24 -34.43 55.86 7.63
N LEU C 25 -34.32 56.17 6.34
CA LEU C 25 -34.95 55.40 5.24
C LEU C 25 -33.93 55.25 4.12
N ILE C 26 -33.62 54.01 3.75
CA ILE C 26 -32.62 53.73 2.73
C ILE C 26 -33.12 53.10 1.46
N TYR C 27 -32.64 53.62 0.34
CA TYR C 27 -32.97 53.11 -0.98
C TYR C 27 -31.69 52.41 -1.45
N ARG C 28 -31.80 51.14 -1.83
CA ARG C 28 -30.67 50.38 -2.34
C ARG C 28 -29.26 50.75 -1.82
N GLY C 29 -29.14 51.06 -0.53
CA GLY C 29 -27.81 51.39 -0.02
C GLY C 29 -27.53 52.87 0.20
N HIS C 30 -28.34 53.74 -0.38
CA HIS C 30 -28.17 55.18 -0.20
C HIS C 30 -29.33 55.69 0.63
N HIS C 31 -29.18 56.91 1.11
CA HIS C 31 -30.22 57.55 1.89
C HIS C 31 -31.22 58.21 0.97
N ALA C 32 -32.47 58.21 1.39
CA ALA C 32 -33.50 58.83 0.57
C ALA C 32 -33.25 60.33 0.52
N LYS C 33 -33.01 60.92 1.71
CA LYS C 33 -32.75 62.36 1.80
C LYS C 33 -31.83 62.79 0.68
N ASP C 34 -30.66 62.15 0.64
CA ASP C 34 -29.67 62.46 -0.37
C ASP C 34 -30.21 62.33 -1.78
N ILE C 35 -30.93 61.26 -2.07
CA ILE C 35 -31.46 61.12 -3.42
C ILE C 35 -32.52 62.17 -3.73
N ALA C 36 -33.43 62.37 -2.79
CA ALA C 36 -34.48 63.35 -2.99
C ALA C 36 -33.91 64.73 -3.28
N LEU C 37 -32.99 65.16 -2.42
CA LEU C 37 -32.36 66.46 -2.51
C LEU C 37 -31.39 66.76 -3.64
N ASN C 38 -30.45 65.85 -3.88
CA ASN C 38 -29.43 66.08 -4.89
C ASN C 38 -29.52 65.33 -6.21
N HIS C 39 -30.64 64.67 -6.48
CA HIS C 39 -30.78 63.93 -7.73
C HIS C 39 -32.09 64.17 -8.45
N SER C 40 -32.18 63.60 -9.65
CA SER C 40 -33.34 63.72 -10.50
C SER C 40 -34.13 62.44 -10.48
N PHE C 41 -35.45 62.55 -10.45
CA PHE C 41 -36.33 61.38 -10.43
C PHE C 41 -35.74 60.23 -11.25
N GLU C 42 -35.34 60.53 -12.48
CA GLU C 42 -34.78 59.51 -13.33
C GLU C 42 -33.60 58.80 -12.70
N GLU C 43 -32.71 59.56 -12.08
CA GLU C 43 -31.58 58.93 -11.44
C GLU C 43 -32.17 58.00 -10.40
N ALA C 44 -33.05 58.54 -9.57
CA ALA C 44 -33.68 57.76 -8.51
C ALA C 44 -34.25 56.47 -9.04
N ALA C 45 -35.19 56.58 -9.97
CA ALA C 45 -35.79 55.41 -10.54
C ALA C 45 -34.70 54.39 -10.84
N TYR C 46 -33.76 54.80 -11.68
CA TYR C 46 -32.65 53.96 -12.08
C TYR C 46 -31.95 53.29 -10.92
N LEU C 47 -32.03 53.89 -9.74
CA LEU C 47 -31.40 53.29 -8.59
C LEU C 47 -32.27 52.16 -8.07
N ILE C 48 -33.48 52.50 -7.62
CA ILE C 48 -34.39 51.49 -7.10
C ILE C 48 -34.49 50.32 -8.04
N LEU C 49 -34.51 50.62 -9.34
CA LEU C 49 -34.61 49.61 -10.38
C LEU C 49 -33.43 48.67 -10.54
N PHE C 50 -32.25 49.25 -10.65
CA PHE C 50 -31.05 48.47 -10.87
C PHE C 50 -30.07 48.27 -9.72
N GLY C 51 -29.99 49.20 -8.78
CA GLY C 51 -29.09 48.96 -7.67
C GLY C 51 -27.97 49.93 -7.36
N LYS C 52 -27.78 50.92 -8.23
CA LYS C 52 -26.72 51.92 -8.05
C LYS C 52 -27.10 53.20 -8.80
N LEU C 53 -26.37 54.29 -8.58
CA LEU C 53 -26.65 55.53 -9.31
C LEU C 53 -26.16 55.28 -10.72
N PRO C 54 -26.57 56.08 -11.69
CA PRO C 54 -26.12 55.84 -13.06
C PRO C 54 -24.92 56.64 -13.54
N SER C 55 -24.14 56.02 -14.44
CA SER C 55 -22.97 56.69 -15.00
C SER C 55 -23.43 57.86 -15.86
N THR C 56 -22.50 58.75 -16.18
CA THR C 56 -22.83 59.91 -16.98
C THR C 56 -23.48 59.47 -18.31
N GLU C 57 -22.95 58.43 -18.95
CA GLU C 57 -23.55 57.94 -20.20
C GLU C 57 -24.68 56.97 -19.84
N GLU C 58 -24.44 56.16 -18.81
CA GLU C 58 -25.41 55.17 -18.33
C GLU C 58 -26.81 55.74 -18.24
N LEU C 59 -26.88 56.97 -17.76
CA LEU C 59 -28.15 57.61 -17.58
C LEU C 59 -28.77 58.04 -18.91
N GLN C 60 -28.10 58.96 -19.60
CA GLN C 60 -28.63 59.46 -20.84
C GLN C 60 -29.41 58.40 -21.65
N VAL C 61 -28.93 57.16 -21.69
CA VAL C 61 -29.67 56.13 -22.45
C VAL C 61 -31.01 55.78 -21.79
N PHE C 62 -30.99 55.66 -20.46
CA PHE C 62 -32.18 55.36 -19.68
C PHE C 62 -33.23 56.39 -20.08
N LYS C 63 -32.86 57.67 -19.98
CA LYS C 63 -33.80 58.73 -20.34
C LYS C 63 -34.39 58.42 -21.71
N ASP C 64 -33.53 58.33 -22.71
CA ASP C 64 -33.99 58.03 -24.06
C ASP C 64 -35.09 56.97 -24.03
N LYS C 65 -34.77 55.79 -23.49
CA LYS C 65 -35.73 54.70 -23.40
C LYS C 65 -37.03 55.18 -22.80
N LEU C 66 -36.93 56.05 -21.80
CA LEU C 66 -38.13 56.59 -21.15
C LEU C 66 -38.84 57.52 -22.11
N ALA C 67 -38.22 58.66 -22.38
CA ALA C 67 -38.77 59.65 -23.27
C ALA C 67 -39.51 59.03 -24.43
N ALA C 68 -39.00 57.91 -24.94
CA ALA C 68 -39.59 57.22 -26.08
C ALA C 68 -40.89 56.51 -25.77
N GLU C 69 -40.97 55.89 -24.59
CA GLU C 69 -42.16 55.16 -24.21
C GLU C 69 -43.26 56.01 -23.55
N ARG C 70 -43.14 57.33 -23.66
CA ARG C 70 -44.13 58.23 -23.08
C ARG C 70 -45.35 58.35 -23.98
N ASN C 71 -45.17 58.19 -25.29
CA ASN C 71 -46.27 58.32 -26.21
C ASN C 71 -47.35 57.31 -25.97
N LEU C 72 -48.59 57.77 -26.04
CA LEU C 72 -49.72 56.90 -25.83
C LEU C 72 -50.10 56.24 -27.12
N PRO C 73 -50.11 54.91 -27.14
CA PRO C 73 -50.47 54.20 -28.35
C PRO C 73 -51.78 54.74 -28.85
N GLU C 74 -51.92 54.63 -30.16
CA GLU C 74 -53.09 55.10 -30.86
C GLU C 74 -54.38 54.75 -30.13
N HIS C 75 -54.66 53.46 -29.97
CA HIS C 75 -55.88 52.98 -29.32
C HIS C 75 -56.07 53.33 -27.85
N ILE C 76 -54.95 53.55 -27.15
CA ILE C 76 -55.00 53.90 -25.73
C ILE C 76 -55.56 55.30 -25.58
N GLU C 77 -54.96 56.24 -26.29
CA GLU C 77 -55.42 57.62 -26.27
C GLU C 77 -56.93 57.56 -26.48
N ARG C 78 -57.34 56.80 -27.47
CA ARG C 78 -58.75 56.66 -27.83
C ARG C 78 -59.59 56.08 -26.69
N LEU C 79 -59.08 55.02 -26.07
CA LEU C 79 -59.76 54.35 -24.96
C LEU C 79 -60.06 55.31 -23.83
N ILE C 80 -59.04 56.03 -23.37
CA ILE C 80 -59.20 56.96 -22.27
C ILE C 80 -60.46 57.78 -22.42
N GLN C 81 -60.81 58.12 -23.66
CA GLN C 81 -62.00 58.91 -23.91
C GLN C 81 -63.25 58.03 -24.00
N SER C 82 -63.07 56.74 -24.28
CA SER C 82 -64.20 55.82 -24.35
C SER C 82 -64.78 55.82 -22.95
N LEU C 83 -63.88 55.70 -21.98
CA LEU C 83 -64.27 55.65 -20.59
C LEU C 83 -65.11 56.82 -20.13
N PRO C 84 -66.37 56.52 -19.75
CA PRO C 84 -67.38 57.46 -19.27
C PRO C 84 -66.93 58.41 -18.17
N ASN C 85 -67.56 59.58 -18.14
CA ASN C 85 -67.26 60.61 -17.18
C ASN C 85 -67.33 60.24 -15.70
N ASN C 86 -67.97 59.12 -15.40
CA ASN C 86 -68.03 58.70 -14.01
C ASN C 86 -66.92 57.67 -13.73
N MET C 87 -65.68 58.14 -13.69
CA MET C 87 -64.57 57.25 -13.42
C MET C 87 -63.36 58.02 -12.88
N ASP C 88 -63.05 57.82 -11.60
CA ASP C 88 -61.93 58.54 -10.99
C ASP C 88 -60.78 58.46 -11.94
N ASP C 89 -59.95 59.48 -11.90
CA ASP C 89 -58.78 59.46 -12.73
C ASP C 89 -58.11 58.14 -12.34
N MET C 90 -58.42 57.68 -11.13
CA MET C 90 -57.86 56.43 -10.60
C MET C 90 -58.51 55.20 -11.19
N SER C 91 -59.83 55.11 -11.07
CA SER C 91 -60.57 53.98 -11.62
C SER C 91 -60.08 53.78 -13.04
N VAL C 92 -59.69 54.86 -13.67
CA VAL C 92 -59.20 54.83 -15.03
C VAL C 92 -57.77 54.31 -15.14
N LEU C 93 -56.84 55.04 -14.52
CA LEU C 93 -55.44 54.66 -14.54
C LEU C 93 -55.38 53.14 -14.41
N ARG C 94 -56.12 52.61 -13.44
CA ARG C 94 -56.16 51.18 -13.19
C ARG C 94 -56.59 50.47 -14.46
N THR C 95 -57.69 50.90 -15.04
CA THR C 95 -58.20 50.27 -16.25
C THR C 95 -57.17 50.38 -17.35
N VAL C 96 -56.99 51.58 -17.85
CA VAL C 96 -56.04 51.83 -18.93
C VAL C 96 -54.76 51.02 -18.81
N VAL C 97 -54.06 51.16 -17.69
CA VAL C 97 -52.83 50.41 -17.52
C VAL C 97 -53.10 48.96 -17.88
N SER C 98 -54.13 48.38 -17.29
CA SER C 98 -54.45 47.01 -17.61
C SER C 98 -54.55 46.83 -19.10
N ALA C 99 -55.08 47.83 -19.78
CA ALA C 99 -55.23 47.76 -21.23
C ALA C 99 -53.90 47.50 -21.93
N LEU C 100 -52.81 47.84 -21.27
CA LEU C 100 -51.50 47.66 -21.87
C LEU C 100 -51.08 46.21 -21.95
N GLY C 101 -51.59 45.40 -21.03
CA GLY C 101 -51.28 43.98 -20.99
C GLY C 101 -51.53 43.26 -22.29
N GLU C 102 -50.49 42.62 -22.81
CA GLU C 102 -50.62 41.91 -24.06
C GLU C 102 -49.97 40.57 -23.92
N ASN C 103 -49.36 40.12 -25.00
CA ASN C 103 -48.67 38.85 -25.00
C ASN C 103 -47.27 39.19 -24.55
N THR C 104 -46.79 40.37 -24.94
CA THR C 104 -45.46 40.82 -24.58
C THR C 104 -45.21 40.67 -23.08
N TYR C 105 -46.28 40.77 -22.29
CA TYR C 105 -46.16 40.65 -20.84
C TYR C 105 -46.51 39.25 -20.38
N THR C 106 -45.44 38.47 -20.20
CA THR C 106 -45.48 37.08 -19.77
C THR C 106 -44.92 36.99 -18.37
N PHE C 107 -44.74 35.76 -17.89
CA PHE C 107 -44.22 35.55 -16.54
C PHE C 107 -43.01 36.38 -16.18
N HIS C 108 -41.83 36.02 -16.69
CA HIS C 108 -40.72 36.86 -16.27
C HIS C 108 -40.84 38.27 -16.82
N PRO C 109 -41.12 39.22 -15.92
CA PRO C 109 -41.27 40.62 -16.28
C PRO C 109 -39.94 41.09 -16.80
N LYS C 110 -39.95 42.10 -17.65
CA LYS C 110 -38.70 42.57 -18.21
C LYS C 110 -38.47 44.08 -18.02
N THR C 111 -37.22 44.45 -17.82
CA THR C 111 -36.91 45.85 -17.64
C THR C 111 -37.63 46.61 -18.77
N GLU C 112 -37.40 46.24 -20.03
CA GLU C 112 -38.07 46.88 -21.16
C GLU C 112 -39.44 47.31 -20.68
N GLU C 113 -40.14 46.35 -20.06
CA GLU C 113 -41.48 46.53 -19.53
C GLU C 113 -41.55 47.50 -18.36
N ALA C 114 -40.86 47.18 -17.29
CA ALA C 114 -40.88 48.03 -16.11
C ALA C 114 -40.70 49.45 -16.52
N ILE C 115 -39.95 49.65 -17.60
CA ILE C 115 -39.72 50.98 -18.08
C ILE C 115 -40.96 51.57 -18.71
N ARG C 116 -41.45 50.95 -19.78
CA ARG C 116 -42.65 51.46 -20.44
C ARG C 116 -43.58 51.96 -19.35
N LEU C 117 -44.02 51.05 -18.48
CA LEU C 117 -44.92 51.46 -17.43
C LEU C 117 -44.54 52.76 -16.73
N ILE C 118 -43.42 52.75 -16.02
CA ILE C 118 -42.96 53.93 -15.30
C ILE C 118 -43.10 55.22 -16.08
N ALA C 119 -42.70 55.14 -17.35
CA ALA C 119 -42.68 56.27 -18.25
C ALA C 119 -44.02 56.75 -18.76
N ILE C 120 -44.89 55.80 -19.04
CA ILE C 120 -46.20 56.11 -19.59
C ILE C 120 -47.23 56.52 -18.56
N THR C 121 -47.12 55.98 -17.36
CA THR C 121 -48.09 56.31 -16.35
C THR C 121 -48.47 57.79 -16.35
N PRO C 122 -47.55 58.69 -16.01
CA PRO C 122 -48.00 60.08 -16.02
C PRO C 122 -48.83 60.49 -17.24
N SER C 123 -48.40 60.09 -18.43
CA SER C 123 -49.14 60.45 -19.62
C SER C 123 -50.61 60.06 -19.53
N ILE C 124 -50.87 58.82 -19.16
CA ILE C 124 -52.26 58.37 -19.01
C ILE C 124 -52.93 59.40 -18.12
N ILE C 125 -52.47 59.45 -16.87
CA ILE C 125 -52.99 60.37 -15.88
C ILE C 125 -53.42 61.69 -16.45
N ALA C 126 -52.48 62.33 -17.14
CA ALA C 126 -52.66 63.64 -17.76
C ALA C 126 -53.69 63.67 -18.87
N TYR C 127 -53.38 62.99 -19.97
CA TYR C 127 -54.33 62.96 -21.07
C TYR C 127 -55.71 62.80 -20.53
N ARG C 128 -55.85 62.00 -19.49
CA ARG C 128 -57.16 61.79 -18.93
C ARG C 128 -57.61 63.07 -18.24
N LYS C 129 -56.79 63.57 -17.34
CA LYS C 129 -57.15 64.78 -16.62
C LYS C 129 -57.60 65.83 -17.61
N ARG C 130 -56.79 66.08 -18.63
CA ARG C 130 -57.16 67.09 -19.61
C ARG C 130 -58.54 66.83 -20.19
N TRP C 131 -58.72 65.69 -20.84
CA TRP C 131 -60.01 65.33 -21.44
C TRP C 131 -61.20 65.65 -20.55
N THR C 132 -61.20 65.16 -19.31
CA THR C 132 -62.31 65.40 -18.40
C THR C 132 -62.55 66.91 -18.25
N ARG C 133 -61.45 67.66 -18.11
CA ARG C 133 -61.51 69.11 -17.96
C ARG C 133 -61.76 69.82 -19.29
N GLY C 134 -62.19 69.07 -20.30
CA GLY C 134 -62.48 69.67 -21.59
C GLY C 134 -61.36 70.50 -22.22
N GLU C 135 -60.15 70.31 -21.73
CA GLU C 135 -59.00 71.03 -22.25
C GLU C 135 -58.50 70.22 -23.44
N GLN C 136 -57.77 70.85 -24.34
CA GLN C 136 -57.24 70.13 -25.51
C GLN C 136 -56.08 69.28 -25.00
N ALA C 137 -55.92 68.09 -25.56
CA ALA C 137 -54.84 67.21 -25.12
C ALA C 137 -53.47 67.78 -25.44
N ILE C 138 -52.51 67.50 -24.57
CA ILE C 138 -51.14 67.97 -24.74
C ILE C 138 -50.22 66.77 -24.85
N ALA C 139 -49.50 66.69 -25.97
CA ALA C 139 -48.60 65.58 -26.23
C ALA C 139 -47.30 65.77 -25.47
N PRO C 140 -46.74 64.67 -24.91
CA PRO C 140 -45.50 64.74 -24.17
C PRO C 140 -44.41 65.20 -25.12
N SER C 141 -43.24 65.50 -24.59
CA SER C 141 -42.17 65.95 -25.46
C SER C 141 -40.83 65.48 -24.96
N SER C 142 -40.10 64.81 -25.83
CA SER C 142 -38.78 64.28 -25.48
C SER C 142 -37.84 65.40 -25.02
N GLN C 143 -38.35 66.63 -24.98
CA GLN C 143 -37.55 67.79 -24.62
C GLN C 143 -37.39 68.15 -23.15
N TYR C 144 -38.43 67.92 -22.34
CA TYR C 144 -38.36 68.25 -20.91
C TYR C 144 -37.93 67.05 -20.06
N GLY C 145 -37.80 67.25 -18.75
CA GLY C 145 -37.42 66.17 -17.86
C GLY C 145 -38.58 65.20 -17.73
N HIS C 146 -38.68 64.46 -16.64
CA HIS C 146 -39.80 63.52 -16.48
C HIS C 146 -40.83 64.19 -15.60
N VAL C 147 -40.39 64.60 -14.42
CA VAL C 147 -41.25 65.25 -13.47
C VAL C 147 -41.75 66.54 -14.08
N GLU C 148 -40.92 67.16 -14.90
CA GLU C 148 -41.29 68.42 -15.54
C GLU C 148 -42.30 68.19 -16.65
N ASN C 149 -42.12 67.11 -17.39
CA ASN C 149 -43.05 66.77 -18.47
C ASN C 149 -44.42 66.49 -17.89
N TYR C 150 -44.45 65.84 -16.73
CA TYR C 150 -45.71 65.54 -16.08
C TYR C 150 -46.49 66.83 -15.86
N TYR C 151 -45.79 67.91 -15.51
CA TYR C 151 -46.45 69.18 -15.28
C TYR C 151 -46.98 69.68 -16.61
N TYR C 152 -46.08 69.77 -17.59
CA TYR C 152 -46.43 70.24 -18.92
C TYR C 152 -47.68 69.60 -19.50
N MET C 153 -47.74 68.27 -19.54
CA MET C 153 -48.90 67.63 -20.12
C MET C 153 -50.14 67.84 -19.31
N LEU C 154 -49.99 68.44 -18.15
CA LEU C 154 -51.13 68.68 -17.29
C LEU C 154 -51.62 70.10 -17.39
N THR C 155 -50.67 71.01 -17.48
CA THR C 155 -50.94 72.44 -17.52
C THR C 155 -50.70 73.12 -18.86
N GLY C 156 -49.53 72.86 -19.44
CA GLY C 156 -49.20 73.46 -20.72
C GLY C 156 -48.09 74.46 -20.52
N GLU C 157 -47.69 74.65 -19.28
CA GLU C 157 -46.64 75.60 -18.98
C GLU C 157 -45.43 74.90 -18.40
N GLN C 158 -44.37 75.66 -18.20
CA GLN C 158 -43.15 75.16 -17.61
C GLN C 158 -43.16 75.73 -16.21
N PRO C 159 -43.07 74.88 -15.20
CA PRO C 159 -43.07 75.23 -13.78
C PRO C 159 -41.89 76.05 -13.25
N SER C 160 -42.12 76.76 -12.15
CA SER C 160 -41.10 77.59 -11.49
C SER C 160 -39.92 76.70 -11.16
N GLU C 161 -38.71 77.26 -11.18
CA GLU C 161 -37.52 76.45 -10.87
C GLU C 161 -37.81 75.83 -9.51
N ALA C 162 -38.50 76.59 -8.66
CA ALA C 162 -38.85 76.11 -7.34
C ALA C 162 -39.97 75.09 -7.44
N LYS C 163 -41.09 75.48 -8.05
CA LYS C 163 -42.21 74.56 -8.21
C LYS C 163 -41.71 73.19 -8.71
N LYS C 164 -40.75 73.20 -9.62
CA LYS C 164 -40.19 71.97 -10.17
C LYS C 164 -39.36 71.21 -9.14
N LYS C 165 -38.19 71.75 -8.82
CA LYS C 165 -37.28 71.13 -7.86
C LYS C 165 -38.04 70.48 -6.69
N ALA C 166 -39.06 71.16 -6.19
CA ALA C 166 -39.86 70.66 -5.08
C ALA C 166 -40.58 69.36 -5.43
N LEU C 167 -41.51 69.46 -6.36
CA LEU C 167 -42.26 68.30 -6.78
C LEU C 167 -41.34 67.11 -6.99
N GLU C 168 -40.28 67.32 -7.77
CA GLU C 168 -39.34 66.25 -8.06
C GLU C 168 -38.89 65.61 -6.76
N THR C 169 -38.32 66.40 -5.86
CA THR C 169 -37.90 65.82 -4.60
C THR C 169 -39.04 65.09 -3.95
N TYR C 170 -40.26 65.55 -4.17
CA TYR C 170 -41.38 64.88 -3.56
C TYR C 170 -41.55 63.51 -4.16
N MET C 171 -41.88 63.45 -5.44
CA MET C 171 -42.08 62.17 -6.09
C MET C 171 -41.02 61.16 -5.75
N ILE C 172 -39.76 61.60 -5.75
CA ILE C 172 -38.67 60.71 -5.41
C ILE C 172 -38.90 60.04 -4.05
N LEU C 173 -39.38 60.81 -3.09
CA LEU C 173 -39.65 60.27 -1.78
C LEU C 173 -40.83 59.33 -1.79
N ALA C 174 -41.71 59.52 -2.76
CA ALA C 174 -42.88 58.69 -2.89
C ALA C 174 -42.56 57.44 -3.69
N THR C 175 -41.43 57.46 -4.36
CA THR C 175 -40.98 56.36 -5.20
C THR C 175 -41.08 54.97 -4.59
N GLU C 176 -40.38 54.77 -3.49
CA GLU C 176 -40.39 53.49 -2.85
C GLU C 176 -40.46 53.77 -1.39
N HIS C 177 -41.12 52.89 -0.65
CA HIS C 177 -41.22 53.05 0.78
C HIS C 177 -41.57 51.70 1.38
N GLY C 178 -40.61 50.80 1.30
CA GLY C 178 -40.76 49.46 1.84
C GLY C 178 -42.00 48.69 1.44
N MET C 179 -42.36 47.74 2.29
CA MET C 179 -43.50 46.88 2.07
C MET C 179 -44.78 47.52 2.55
N ASN C 180 -45.64 47.85 1.62
CA ASN C 180 -46.89 48.48 2.00
C ASN C 180 -47.99 47.94 1.14
N ALA C 181 -49.17 47.91 1.73
CA ALA C 181 -50.36 47.43 1.06
C ALA C 181 -50.19 47.09 -0.42
N SER C 182 -50.13 48.12 -1.26
CA SER C 182 -49.99 47.92 -2.70
C SER C 182 -48.74 47.15 -3.07
N THR C 183 -47.57 47.72 -2.82
CA THR C 183 -46.33 47.02 -3.15
C THR C 183 -46.44 45.55 -2.80
N PHE C 184 -47.07 45.25 -1.67
CA PHE C 184 -47.26 43.87 -1.25
C PHE C 184 -48.26 43.22 -2.17
N SER C 185 -49.26 43.99 -2.57
CA SER C 185 -50.29 43.49 -3.45
C SER C 185 -49.68 42.97 -4.74
N ALA C 186 -48.82 43.76 -5.35
CA ALA C 186 -48.21 43.33 -6.59
C ALA C 186 -47.44 42.05 -6.38
N ARG C 187 -46.55 42.04 -5.40
CA ARG C 187 -45.78 40.84 -5.16
C ARG C 187 -46.75 39.68 -5.12
N VAL C 188 -47.71 39.73 -4.20
CA VAL C 188 -48.69 38.66 -4.09
C VAL C 188 -49.20 38.25 -5.44
N THR C 189 -49.67 39.22 -6.22
CA THR C 189 -50.19 38.93 -7.54
C THR C 189 -49.18 38.27 -8.47
N LEU C 190 -47.93 38.72 -8.45
CA LEU C 190 -46.97 38.10 -9.34
C LEU C 190 -46.63 36.72 -8.84
N SER C 191 -46.94 36.47 -7.57
CA SER C 191 -46.67 35.20 -6.93
C SER C 191 -47.06 33.98 -7.74
N THR C 192 -48.09 34.09 -8.59
CA THR C 192 -48.56 32.97 -9.40
C THR C 192 -48.05 33.01 -10.83
N GLU C 193 -46.80 33.43 -11.00
CA GLU C 193 -46.17 33.54 -12.30
C GLU C 193 -46.97 34.39 -13.27
N SER C 194 -47.54 35.49 -12.75
CA SER C 194 -48.34 36.39 -13.56
C SER C 194 -47.51 37.48 -14.23
N ASP C 195 -48.15 38.48 -14.84
CA ASP C 195 -47.42 39.55 -15.56
C ASP C 195 -47.22 40.85 -14.80
N LEU C 196 -46.26 41.64 -15.25
CA LEU C 196 -45.97 42.90 -14.60
C LEU C 196 -47.23 43.72 -14.54
N VAL C 197 -47.90 43.86 -15.68
CA VAL C 197 -49.13 44.64 -15.76
C VAL C 197 -50.18 44.17 -14.75
N SER C 198 -50.49 42.89 -14.77
CA SER C 198 -51.49 42.40 -13.85
C SER C 198 -51.10 42.77 -12.42
N ALA C 199 -49.81 42.87 -12.15
CA ALA C 199 -49.34 43.22 -10.81
C ALA C 199 -49.57 44.69 -10.55
N VAL C 200 -49.06 45.53 -11.43
CA VAL C 200 -49.25 46.96 -11.26
C VAL C 200 -50.76 47.22 -11.19
N THR C 201 -51.50 46.66 -12.13
CA THR C 201 -52.95 46.84 -12.16
C THR C 201 -53.55 46.51 -10.82
N ALA C 202 -52.99 45.50 -10.18
CA ALA C 202 -53.45 45.10 -8.88
C ALA C 202 -53.10 46.22 -7.92
N ALA C 203 -51.81 46.45 -7.78
CA ALA C 203 -51.32 47.49 -6.90
C ALA C 203 -52.13 48.76 -7.07
N LEU C 204 -52.28 49.20 -8.32
CA LEU C 204 -53.04 50.39 -8.61
C LEU C 204 -54.40 50.28 -7.93
N GLY C 205 -55.14 49.23 -8.25
CA GLY C 205 -56.45 49.04 -7.66
C GLY C 205 -56.36 49.19 -6.16
N THR C 206 -55.26 48.75 -5.58
CA THR C 206 -55.07 48.84 -4.15
C THR C 206 -54.76 50.24 -3.68
N MET C 207 -54.12 51.04 -4.52
CA MET C 207 -53.80 52.40 -4.14
C MET C 207 -55.07 53.23 -4.05
N LYS C 208 -55.98 53.05 -5.01
CA LYS C 208 -57.24 53.80 -5.03
C LYS C 208 -57.80 53.98 -3.63
N GLY C 209 -57.72 52.91 -2.84
CA GLY C 209 -58.22 52.95 -1.48
C GLY C 209 -57.84 54.24 -0.80
N PRO C 210 -58.66 54.72 0.15
CA PRO C 210 -58.33 55.97 0.84
C PRO C 210 -57.31 55.85 1.97
N LEU C 211 -57.08 54.63 2.45
CA LEU C 211 -56.13 54.44 3.55
C LEU C 211 -54.68 54.42 3.11
N HIS C 212 -54.47 54.48 1.80
CA HIS C 212 -53.13 54.48 1.25
C HIS C 212 -53.06 55.64 0.27
N GLY C 213 -52.04 56.48 0.41
CA GLY C 213 -51.87 57.61 -0.48
C GLY C 213 -53.09 58.46 -0.77
N GLY C 214 -53.82 58.85 0.26
CA GLY C 214 -54.97 59.70 0.03
C GLY C 214 -54.48 61.11 0.20
N ALA C 215 -55.16 62.07 -0.39
CA ALA C 215 -54.75 63.45 -0.27
C ALA C 215 -54.81 63.88 1.18
N PRO C 216 -53.90 64.79 1.59
CA PRO C 216 -53.81 65.32 2.95
C PRO C 216 -54.79 66.46 3.09
N SER C 217 -55.92 66.33 2.44
CA SER C 217 -56.98 67.33 2.50
C SER C 217 -57.02 68.01 3.86
N ALA C 218 -57.00 67.22 4.93
CA ALA C 218 -57.03 67.76 6.29
C ALA C 218 -56.00 68.86 6.49
N VAL C 219 -54.82 68.67 5.89
CA VAL C 219 -53.76 69.65 5.99
C VAL C 219 -54.00 70.74 4.98
N THR C 220 -54.17 70.36 3.71
CA THR C 220 -54.40 71.35 2.66
C THR C 220 -55.33 72.45 3.15
N LYS C 221 -56.39 72.10 3.89
CA LYS C 221 -57.31 73.14 4.38
C LYS C 221 -56.60 74.02 5.40
N MET C 222 -55.85 73.40 6.30
CA MET C 222 -55.13 74.15 7.30
C MET C 222 -54.42 75.32 6.65
N LEU C 223 -53.65 75.04 5.62
CA LEU C 223 -52.91 76.08 4.93
C LEU C 223 -53.84 77.07 4.25
N GLU C 224 -54.78 76.56 3.47
CA GLU C 224 -55.73 77.38 2.73
C GLU C 224 -56.47 78.36 3.63
N ASP C 225 -56.48 78.09 4.94
CA ASP C 225 -57.18 78.95 5.88
C ASP C 225 -56.36 80.13 6.39
N ILE C 226 -55.10 80.21 5.97
CA ILE C 226 -54.26 81.31 6.45
C ILE C 226 -53.23 81.81 5.45
N GLY C 227 -53.68 82.08 4.23
CA GLY C 227 -52.79 82.56 3.18
C GLY C 227 -51.55 83.35 3.57
N GLU C 228 -51.59 84.05 4.71
CA GLU C 228 -50.43 84.84 5.14
C GLU C 228 -49.78 84.30 6.42
N LYS C 229 -48.47 84.50 6.55
CA LYS C 229 -47.73 84.03 7.71
C LYS C 229 -48.20 84.65 9.03
N GLU C 230 -48.69 85.89 9.00
CA GLU C 230 -49.14 86.56 10.22
C GLU C 230 -50.06 85.67 11.04
N HIS C 231 -51.17 85.24 10.44
CA HIS C 231 -52.17 84.38 11.10
C HIS C 231 -51.58 83.04 11.52
N ALA C 232 -50.28 82.84 11.30
CA ALA C 232 -49.62 81.59 11.66
C ALA C 232 -50.04 81.11 13.04
N GLU C 233 -49.37 81.60 14.09
CA GLU C 233 -49.69 81.19 15.46
C GLU C 233 -51.18 81.26 15.76
N ALA C 234 -51.79 82.41 15.55
CA ALA C 234 -53.22 82.59 15.80
C ALA C 234 -53.99 81.29 15.62
N TYR C 235 -54.05 80.81 14.37
CA TYR C 235 -54.77 79.57 14.00
C TYR C 235 -54.34 78.41 14.86
N LEU C 236 -53.08 78.02 14.71
CA LEU C 236 -52.56 76.92 15.48
C LEU C 236 -53.02 77.07 16.92
N LYS C 237 -52.54 78.11 17.58
CA LYS C 237 -52.88 78.40 18.96
C LYS C 237 -54.35 78.07 19.30
N GLU C 238 -55.29 78.58 18.52
CA GLU C 238 -56.71 78.30 18.82
C GLU C 238 -57.07 76.84 18.99
N LYS C 239 -56.98 76.07 17.91
CA LYS C 239 -57.35 74.66 17.98
C LYS C 239 -56.42 73.84 18.84
N LEU C 240 -55.31 74.43 19.27
CA LEU C 240 -54.38 73.70 20.11
C LEU C 240 -54.73 73.86 21.59
N GLU C 241 -55.73 74.69 21.87
CA GLU C 241 -56.14 74.90 23.25
C GLU C 241 -57.22 73.95 23.68
N LYS C 242 -58.25 73.71 22.86
CA LYS C 242 -59.25 72.73 23.30
C LYS C 242 -58.77 71.32 22.91
N GLY C 243 -57.47 71.22 22.65
CA GLY C 243 -56.91 69.93 22.35
C GLY C 243 -57.05 69.38 20.95
N GLU C 244 -57.60 70.15 20.00
CA GLU C 244 -57.70 69.66 18.63
C GLU C 244 -56.27 69.32 18.21
N ARG C 245 -56.10 68.40 17.26
CA ARG C 245 -54.76 68.00 16.81
C ARG C 245 -54.33 68.72 15.53
N LEU C 246 -53.02 68.97 15.41
CA LEU C 246 -52.44 69.65 14.24
C LEU C 246 -52.11 68.61 13.17
N MET C 247 -52.95 68.56 12.14
CA MET C 247 -52.88 67.58 11.06
C MET C 247 -51.58 67.03 10.46
N GLY C 248 -50.60 67.85 10.14
CA GLY C 248 -49.42 67.28 9.53
C GLY C 248 -48.33 66.78 10.46
N PHE C 249 -48.65 66.43 11.70
CA PHE C 249 -47.59 66.03 12.60
C PHE C 249 -47.76 64.77 13.44
N GLY C 250 -46.62 64.17 13.77
CA GLY C 250 -46.59 62.96 14.56
C GLY C 250 -46.64 61.81 13.59
N HIS C 251 -46.15 60.65 14.00
CA HIS C 251 -46.19 59.51 13.10
C HIS C 251 -46.25 58.17 13.86
N ARG C 252 -46.96 57.23 13.26
CA ARG C 252 -47.14 55.87 13.81
C ARG C 252 -45.86 55.05 13.84
N VAL C 253 -45.11 55.09 12.73
CA VAL C 253 -43.89 54.30 12.58
C VAL C 253 -42.59 55.06 12.85
N TYR C 254 -42.62 56.39 12.75
CA TYR C 254 -41.42 57.17 13.00
C TYR C 254 -41.39 57.73 14.42
N LYS C 255 -40.62 57.07 15.27
CA LYS C 255 -40.51 57.54 16.62
C LYS C 255 -39.78 58.88 16.56
N THR C 256 -38.68 58.92 15.80
CA THR C 256 -37.93 60.17 15.61
C THR C 256 -38.61 60.84 14.43
N LYS C 257 -38.16 62.02 14.04
CA LYS C 257 -38.81 62.68 12.90
C LYS C 257 -38.68 61.92 11.58
N ASP C 258 -39.63 62.21 10.69
CA ASP C 258 -39.71 61.59 9.38
C ASP C 258 -38.65 62.16 8.44
N PRO C 259 -37.84 61.28 7.83
CA PRO C 259 -36.79 61.68 6.91
C PRO C 259 -37.36 62.32 5.66
N ARG C 260 -38.45 61.77 5.17
CA ARG C 260 -39.11 62.29 3.99
C ARG C 260 -39.55 63.71 4.27
N ALA C 261 -40.33 63.88 5.33
CA ALA C 261 -40.80 65.20 5.70
C ALA C 261 -39.61 66.10 5.84
N GLU C 262 -38.52 65.53 6.31
CA GLU C 262 -37.30 66.30 6.52
C GLU C 262 -36.68 66.71 5.19
N ALA C 263 -36.40 65.72 4.35
CA ALA C 263 -35.80 65.97 3.04
C ALA C 263 -36.63 66.96 2.26
N LEU C 264 -37.88 67.12 2.64
CA LEU C 264 -38.73 68.08 1.95
C LEU C 264 -38.52 69.47 2.49
N ARG C 265 -38.72 69.65 3.79
CA ARG C 265 -38.55 70.96 4.37
C ARG C 265 -37.24 71.55 3.90
N GLN C 266 -36.23 70.70 3.77
CA GLN C 266 -34.93 71.18 3.35
C GLN C 266 -34.93 71.75 1.95
N LYS C 267 -35.37 70.96 0.98
CA LYS C 267 -35.38 71.44 -0.39
C LYS C 267 -36.12 72.74 -0.45
N ALA C 268 -37.14 72.86 0.38
CA ALA C 268 -37.94 74.09 0.40
C ALA C 268 -37.07 75.29 0.74
N GLU C 269 -36.28 75.16 1.79
CA GLU C 269 -35.42 76.26 2.20
C GLU C 269 -34.53 76.66 1.03
N GLU C 270 -33.98 75.67 0.35
CA GLU C 270 -33.10 75.95 -0.77
C GLU C 270 -33.77 76.89 -1.77
N VAL C 271 -35.02 76.63 -2.10
CA VAL C 271 -35.73 77.46 -3.06
C VAL C 271 -36.71 78.43 -2.43
N ALA C 272 -36.38 78.88 -1.23
CA ALA C 272 -37.25 79.82 -0.55
C ALA C 272 -37.45 81.07 -1.41
N GLY C 273 -38.23 82.01 -0.88
CA GLY C 273 -38.51 83.27 -1.56
C GLY C 273 -38.97 83.23 -3.01
N ASN C 274 -39.06 82.04 -3.60
CA ASN C 274 -39.49 81.94 -4.98
C ASN C 274 -40.90 81.39 -5.10
N ASP C 275 -41.48 80.97 -3.97
CA ASP C 275 -42.83 80.43 -4.01
C ASP C 275 -43.60 80.63 -2.73
N ARG C 276 -44.46 81.66 -2.69
CA ARG C 276 -45.26 81.96 -1.50
C ARG C 276 -46.03 80.78 -0.90
N ASP C 277 -46.62 79.93 -1.74
CA ASP C 277 -47.35 78.77 -1.23
C ASP C 277 -46.39 77.86 -0.46
N LEU C 278 -45.11 77.92 -0.81
CA LEU C 278 -44.09 77.10 -0.17
C LEU C 278 -43.47 77.76 1.03
N ASP C 279 -43.01 78.99 0.86
CA ASP C 279 -42.38 79.70 1.97
C ASP C 279 -43.35 79.85 3.13
N LEU C 280 -44.64 79.77 2.84
CA LEU C 280 -45.65 79.87 3.89
C LEU C 280 -45.55 78.59 4.71
N ALA C 281 -45.61 77.47 4.02
CA ALA C 281 -45.52 76.20 4.70
C ALA C 281 -44.33 76.26 5.64
N LEU C 282 -43.16 76.52 5.09
CA LEU C 282 -41.95 76.59 5.88
C LEU C 282 -42.27 77.22 7.22
N HIS C 283 -42.81 78.43 7.17
CA HIS C 283 -43.17 79.15 8.37
C HIS C 283 -44.14 78.32 9.21
N VAL C 284 -45.34 78.10 8.70
CA VAL C 284 -46.30 77.33 9.45
C VAL C 284 -45.63 76.18 10.17
N GLU C 285 -44.79 75.42 9.48
CA GLU C 285 -44.12 74.31 10.15
C GLU C 285 -43.41 74.84 11.38
N ALA C 286 -42.27 75.48 11.15
CA ALA C 286 -41.43 76.04 12.22
C ALA C 286 -42.18 76.73 13.34
N GLU C 287 -43.29 77.38 13.02
CA GLU C 287 -44.08 78.08 14.03
C GLU C 287 -45.01 77.12 14.77
N ALA C 288 -45.31 75.98 14.15
CA ALA C 288 -46.19 74.99 14.76
C ALA C 288 -45.44 73.99 15.61
N ILE C 289 -44.24 73.64 15.15
CA ILE C 289 -43.39 72.68 15.82
C ILE C 289 -42.89 73.25 17.14
N ARG C 290 -42.83 74.58 17.21
CA ARG C 290 -42.38 75.28 18.41
C ARG C 290 -43.56 75.54 19.34
N LEU C 291 -44.76 75.22 18.88
CA LEU C 291 -45.95 75.40 19.70
C LEU C 291 -46.31 74.08 20.29
N LEU C 292 -45.80 73.02 19.70
CA LEU C 292 -46.09 71.69 20.19
C LEU C 292 -45.19 71.49 21.40
N GLU C 293 -43.98 72.04 21.29
CA GLU C 293 -42.99 71.98 22.35
C GLU C 293 -43.70 72.57 23.57
N ILE C 294 -44.33 73.73 23.35
CA ILE C 294 -45.06 74.47 24.36
C ILE C 294 -46.30 73.78 24.94
N TYR C 295 -47.29 73.48 24.12
CA TYR C 295 -48.51 72.85 24.64
C TYR C 295 -48.37 71.39 25.07
N LYS C 296 -47.58 70.62 24.33
CA LYS C 296 -47.39 69.21 24.68
C LYS C 296 -45.89 69.00 24.82
N PRO C 297 -45.31 69.41 25.96
CA PRO C 297 -43.86 69.24 26.16
C PRO C 297 -43.51 67.79 26.43
N GLY C 298 -42.36 67.37 25.92
CA GLY C 298 -41.92 65.99 26.11
C GLY C 298 -42.16 65.12 24.89
N ARG C 299 -43.43 64.90 24.58
CA ARG C 299 -43.82 64.08 23.44
C ARG C 299 -43.22 64.57 22.13
N LYS C 300 -42.14 63.92 21.73
CA LYS C 300 -41.43 64.25 20.50
C LYS C 300 -42.37 64.06 19.31
N LEU C 301 -43.07 65.12 18.94
CA LEU C 301 -43.98 65.09 17.80
C LEU C 301 -43.27 65.85 16.70
N TYR C 302 -42.97 65.17 15.61
CA TYR C 302 -42.29 65.83 14.52
C TYR C 302 -43.10 65.86 13.25
N THR C 303 -42.91 66.90 12.48
CA THR C 303 -43.60 67.06 11.22
C THR C 303 -43.47 65.75 10.44
N ASN C 304 -44.59 65.32 9.84
CA ASN C 304 -44.63 64.07 9.07
C ASN C 304 -44.83 64.34 7.58
N VAL C 305 -44.23 63.51 6.74
CA VAL C 305 -44.32 63.70 5.28
C VAL C 305 -45.64 64.24 4.77
N GLU C 306 -46.74 63.58 5.15
CA GLU C 306 -48.07 63.99 4.72
C GLU C 306 -48.16 65.52 4.67
N PHE C 307 -47.62 66.18 5.68
CA PHE C 307 -47.67 67.63 5.72
C PHE C 307 -47.18 68.25 4.43
N TYR C 308 -45.91 68.06 4.11
CA TYR C 308 -45.35 68.65 2.92
C TYR C 308 -45.92 68.19 1.61
N ALA C 309 -46.41 66.97 1.57
CA ALA C 309 -47.00 66.48 0.34
C ALA C 309 -48.19 67.39 0.08
N ALA C 310 -48.83 67.83 1.15
CA ALA C 310 -49.98 68.69 1.05
C ALA C 310 -49.57 70.05 0.51
N ALA C 311 -48.39 70.50 0.94
CA ALA C 311 -47.88 71.80 0.54
C ALA C 311 -47.43 71.88 -0.90
N VAL C 312 -46.55 70.98 -1.29
CA VAL C 312 -46.03 70.94 -2.64
C VAL C 312 -47.19 70.98 -3.64
N MET C 313 -48.21 70.17 -3.41
CA MET C 313 -49.38 70.14 -4.28
C MET C 313 -50.02 71.53 -4.29
N ARG C 314 -50.29 72.05 -3.11
CA ARG C 314 -50.92 73.36 -2.99
C ARG C 314 -50.23 74.38 -3.87
N ALA C 315 -48.91 74.27 -3.97
CA ALA C 315 -48.13 75.21 -4.77
C ALA C 315 -48.35 75.08 -6.26
N ILE C 316 -48.56 73.86 -6.72
CA ILE C 316 -48.75 73.60 -8.14
C ILE C 316 -50.19 73.40 -8.58
N ASP C 317 -51.13 73.98 -7.85
CA ASP C 317 -52.53 73.88 -8.23
C ASP C 317 -52.95 72.45 -8.57
N PHE C 318 -52.41 71.49 -7.84
CA PHE C 318 -52.77 70.10 -8.05
C PHE C 318 -53.84 69.78 -7.03
N ASP C 319 -55.09 70.02 -7.39
CA ASP C 319 -56.18 69.74 -6.47
C ASP C 319 -56.11 68.31 -5.97
N ASP C 320 -56.83 68.04 -4.90
CA ASP C 320 -56.84 66.74 -4.29
C ASP C 320 -57.08 65.59 -5.26
N GLU C 321 -57.93 65.78 -6.25
CA GLU C 321 -58.21 64.70 -7.21
C GLU C 321 -56.97 64.07 -7.85
N LEU C 322 -55.98 64.90 -8.18
CA LEU C 322 -54.75 64.45 -8.82
C LEU C 322 -53.72 63.91 -7.87
N PHE C 323 -54.03 63.92 -6.59
CA PHE C 323 -53.06 63.43 -5.62
C PHE C 323 -52.67 61.98 -5.85
N THR C 324 -53.48 61.05 -5.36
CA THR C 324 -53.19 59.63 -5.52
C THR C 324 -52.55 59.30 -6.87
N PRO C 325 -53.19 59.71 -7.97
CA PRO C 325 -52.58 59.40 -9.25
C PRO C 325 -51.10 59.78 -9.19
N THR C 326 -50.83 61.07 -9.14
CA THR C 326 -49.47 61.55 -9.07
C THR C 326 -48.64 60.65 -8.18
N PHE C 327 -49.16 60.35 -7.01
CA PHE C 327 -48.43 59.49 -6.10
C PHE C 327 -48.17 58.17 -6.80
N SER C 328 -49.22 57.56 -7.34
CA SER C 328 -49.08 56.30 -8.05
C SER C 328 -47.93 56.35 -9.04
N ALA C 329 -48.06 57.23 -10.02
CA ALA C 329 -47.04 57.38 -11.03
C ALA C 329 -45.63 57.28 -10.45
N SER C 330 -45.48 57.63 -9.18
CA SER C 330 -44.16 57.56 -8.53
C SER C 330 -43.93 56.20 -7.91
N ARG C 331 -44.82 55.80 -7.02
CA ARG C 331 -44.67 54.52 -6.38
C ARG C 331 -44.56 53.45 -7.47
N MET C 332 -44.90 53.84 -8.69
CA MET C 332 -44.84 52.94 -9.81
C MET C 332 -43.44 52.36 -9.89
N VAL C 333 -42.46 53.17 -9.57
CA VAL C 333 -41.09 52.71 -9.61
C VAL C 333 -40.99 51.64 -8.54
N GLY C 334 -41.26 52.03 -7.31
CA GLY C 334 -41.20 51.09 -6.21
C GLY C 334 -41.80 49.76 -6.57
N TRP C 335 -42.97 49.78 -7.17
CA TRP C 335 -43.66 48.56 -7.57
C TRP C 335 -42.83 47.73 -8.50
N CYS C 336 -42.65 48.22 -9.72
CA CYS C 336 -41.86 47.49 -10.68
C CYS C 336 -40.67 46.92 -9.98
N ALA C 337 -39.87 47.79 -9.40
CA ALA C 337 -38.70 47.37 -8.68
C ALA C 337 -39.02 46.09 -7.90
N HIS C 338 -40.03 46.19 -7.05
CA HIS C 338 -40.47 45.08 -6.23
C HIS C 338 -40.94 43.91 -7.06
N VAL C 339 -41.65 44.17 -8.15
CA VAL C 339 -42.12 43.07 -8.99
C VAL C 339 -40.91 42.35 -9.53
N LEU C 340 -40.10 43.09 -10.27
CA LEU C 340 -38.89 42.57 -10.88
C LEU C 340 -38.08 41.72 -9.91
N GLU C 341 -38.13 42.05 -8.63
CA GLU C 341 -37.41 41.30 -7.62
C GLU C 341 -38.18 40.08 -7.17
N GLN C 342 -39.50 40.22 -7.03
CA GLN C 342 -40.32 39.10 -6.60
C GLN C 342 -40.11 37.94 -7.55
N ALA C 343 -40.03 38.28 -8.82
CA ALA C 343 -39.86 37.28 -9.85
C ALA C 343 -38.47 36.63 -9.84
N GLU C 344 -37.47 37.34 -9.30
CA GLU C 344 -36.10 36.82 -9.27
C GLU C 344 -36.07 35.51 -8.51
N ASN C 345 -36.68 35.51 -7.34
CA ASN C 345 -36.79 34.30 -6.54
C ASN C 345 -38.23 34.36 -6.06
N ASN C 346 -39.09 33.66 -6.81
CA ASN C 346 -40.51 33.64 -6.51
C ASN C 346 -40.86 32.97 -5.20
N MET C 347 -42.15 32.73 -5.00
CA MET C 347 -42.66 32.10 -3.79
C MET C 347 -44.12 31.78 -4.12
N ILE C 348 -44.91 31.45 -3.12
CA ILE C 348 -46.33 31.16 -3.35
C ILE C 348 -46.97 31.59 -2.05
N PHE C 349 -47.54 32.80 -2.05
CA PHE C 349 -48.09 33.35 -0.84
C PHE C 349 -49.19 32.63 -0.08
N ARG C 350 -49.52 31.40 -0.53
CA ARG C 350 -50.56 30.60 0.15
C ARG C 350 -50.56 30.77 1.69
N PRO C 351 -51.41 31.67 2.22
CA PRO C 351 -51.44 31.82 3.68
C PRO C 351 -52.69 31.00 3.97
N SER C 352 -53.02 30.77 5.24
CA SER C 352 -54.23 29.99 5.50
C SER C 352 -55.10 30.78 6.48
N ALA C 353 -56.31 30.26 6.75
CA ALA C 353 -57.23 30.94 7.64
C ALA C 353 -57.99 30.01 8.59
N GLN C 354 -58.59 30.61 9.62
CA GLN C 354 -59.36 29.88 10.61
C GLN C 354 -60.84 29.98 10.26
N TYR C 355 -61.50 28.82 10.13
CA TYR C 355 -62.93 28.79 9.80
C TYR C 355 -63.79 28.91 11.07
N THR C 356 -64.69 29.89 11.04
CA THR C 356 -65.60 30.15 12.14
C THR C 356 -66.69 29.12 12.14
N GLY C 357 -67.56 29.24 11.15
CA GLY C 357 -68.72 28.37 10.94
C GLY C 357 -68.73 26.94 11.47
N ALA C 358 -69.93 26.42 11.68
CA ALA C 358 -70.09 25.07 12.19
C ALA C 358 -69.90 24.09 11.06
N ILE C 359 -69.36 22.90 11.36
CA ILE C 359 -69.16 21.87 10.34
C ILE C 359 -70.20 20.76 10.43
N PRO C 360 -70.59 20.19 9.28
CA PRO C 360 -71.59 19.11 9.25
C PRO C 360 -70.92 17.75 9.52
N GLU C 361 -71.71 16.81 10.04
CA GLU C 361 -71.19 15.47 10.35
C GLU C 361 -71.19 14.53 9.13
N GLU C 362 -70.12 13.72 9.04
CA GLU C 362 -69.93 12.75 7.95
C GLU C 362 -71.15 11.88 7.63
N VAL C 363 -71.87 11.47 8.69
CA VAL C 363 -73.09 10.63 8.60
C VAL C 363 -73.11 9.66 7.40
N VAL D 1 -38.15 34.93 9.75
CA VAL D 1 -38.58 35.12 8.32
C VAL D 1 -39.51 33.98 7.81
N HIS D 2 -40.76 34.33 7.44
CA HIS D 2 -41.73 33.35 6.95
C HIS D 2 -41.95 33.47 5.44
N TYR D 3 -41.04 32.90 4.65
CA TYR D 3 -41.11 32.94 3.18
C TYR D 3 -42.45 32.41 2.57
N GLY D 4 -43.15 33.28 1.83
CA GLY D 4 -44.42 32.92 1.23
C GLY D 4 -45.57 32.77 2.25
N LEU D 5 -45.24 33.02 3.53
CA LEU D 5 -46.18 32.96 4.66
C LEU D 5 -46.87 31.60 4.89
N LYS D 6 -46.20 30.49 4.54
CA LYS D 6 -46.75 29.13 4.74
C LYS D 6 -46.94 28.85 6.24
N GLY D 7 -48.15 28.43 6.60
CA GLY D 7 -48.43 28.17 8.00
C GLY D 7 -48.81 29.44 8.74
N ILE D 8 -48.73 30.58 8.05
CA ILE D 8 -49.08 31.87 8.65
C ILE D 8 -50.60 32.11 8.46
N THR D 9 -51.32 32.16 9.57
CA THR D 9 -52.79 32.35 9.59
C THR D 9 -53.23 33.80 9.86
N CYS D 10 -53.09 34.64 8.84
CA CYS D 10 -53.44 36.05 8.97
C CYS D 10 -54.92 36.40 8.82
N VAL D 11 -55.81 35.41 8.85
CA VAL D 11 -57.24 35.72 8.71
C VAL D 11 -58.23 34.85 9.47
N GLU D 12 -59.36 35.46 9.80
CA GLU D 12 -60.44 34.84 10.52
C GLU D 12 -61.58 34.88 9.50
N THR D 13 -62.34 33.79 9.35
CA THR D 13 -63.45 33.79 8.38
C THR D 13 -64.48 32.70 8.59
N SER D 14 -65.74 33.05 8.33
CA SER D 14 -66.83 32.10 8.47
C SER D 14 -67.42 31.77 7.09
N ILE D 15 -66.55 31.74 6.08
CA ILE D 15 -66.97 31.44 4.71
C ILE D 15 -66.66 30.02 4.31
N SER D 16 -65.45 29.57 4.60
CA SER D 16 -65.10 28.23 4.19
C SER D 16 -63.93 27.68 4.97
N HIS D 17 -63.82 26.35 5.00
CA HIS D 17 -62.72 25.67 5.68
C HIS D 17 -62.29 24.46 4.89
N ILE D 18 -60.99 24.27 4.79
CA ILE D 18 -60.48 23.12 4.07
C ILE D 18 -59.63 22.34 5.06
N ASP D 19 -59.90 21.04 5.18
CA ASP D 19 -59.17 20.17 6.11
C ASP D 19 -58.46 19.04 5.38
N GLY D 20 -57.15 19.21 5.16
CA GLY D 20 -56.38 18.19 4.49
C GLY D 20 -56.64 16.80 5.07
N GLU D 21 -56.11 16.56 6.28
CA GLU D 21 -56.28 15.28 6.95
C GLU D 21 -57.65 14.68 6.68
N LYS D 22 -58.64 15.04 7.48
CA LYS D 22 -59.97 14.50 7.25
C LYS D 22 -60.33 14.96 5.83
N GLY D 23 -60.78 14.05 4.98
CA GLY D 23 -61.12 14.45 3.62
C GLY D 23 -62.40 15.28 3.50
N ARG D 24 -62.41 16.50 4.05
CA ARG D 24 -63.61 17.35 4.00
C ARG D 24 -63.39 18.85 3.71
N LEU D 25 -64.37 19.46 3.03
CA LEU D 25 -64.37 20.89 2.66
C LEU D 25 -65.76 21.46 2.95
N ILE D 26 -65.82 22.49 3.79
CA ILE D 26 -67.09 23.09 4.17
C ILE D 26 -67.33 24.51 3.73
N TYR D 27 -68.55 24.75 3.24
CA TYR D 27 -68.98 26.06 2.79
C TYR D 27 -69.96 26.52 3.87
N ARG D 28 -69.74 27.69 4.45
CA ARG D 28 -70.63 28.26 5.46
C ARG D 28 -71.42 27.26 6.34
N GLY D 29 -70.81 26.16 6.75
CA GLY D 29 -71.54 25.23 7.60
C GLY D 29 -72.06 23.97 6.94
N HIS D 30 -72.11 23.97 5.61
CA HIS D 30 -72.57 22.78 4.88
C HIS D 30 -71.37 22.19 4.15
N HIS D 31 -71.55 20.98 3.66
CA HIS D 31 -70.51 20.31 2.92
C HIS D 31 -70.57 20.72 1.47
N ALA D 32 -69.42 20.79 0.83
CA ALA D 32 -69.38 21.17 -0.57
C ALA D 32 -70.05 20.08 -1.39
N LYS D 33 -69.67 18.83 -1.12
CA LYS D 33 -70.24 17.68 -1.83
C LYS D 33 -71.73 17.87 -1.98
N ASP D 34 -72.40 18.04 -0.86
CA ASP D 34 -73.84 18.20 -0.83
C ASP D 34 -74.29 19.37 -1.70
N ILE D 35 -73.63 20.50 -1.58
CA ILE D 35 -74.05 21.64 -2.41
C ILE D 35 -73.80 21.39 -3.88
N ALA D 36 -72.62 20.89 -4.21
CA ALA D 36 -72.29 20.61 -5.60
C ALA D 36 -73.31 19.68 -6.23
N LEU D 37 -73.56 18.56 -5.56
CA LEU D 37 -74.48 17.53 -6.03
C LEU D 37 -75.97 17.82 -6.08
N ASN D 38 -76.51 18.35 -4.99
CA ASN D 38 -77.94 18.57 -4.91
C ASN D 38 -78.48 20.00 -5.03
N HIS D 39 -77.64 20.94 -5.45
CA HIS D 39 -78.09 22.31 -5.58
C HIS D 39 -77.68 22.99 -6.87
N SER D 40 -78.19 24.20 -7.07
CA SER D 40 -77.92 24.99 -8.25
C SER D 40 -76.95 26.09 -7.93
N PHE D 41 -76.02 26.34 -8.83
CA PHE D 41 -75.02 27.39 -8.64
C PHE D 41 -75.59 28.57 -7.87
N GLU D 42 -76.74 29.07 -8.31
CA GLU D 42 -77.37 30.20 -7.65
C GLU D 42 -77.61 29.95 -6.18
N GLU D 43 -78.08 28.77 -5.83
CA GLU D 43 -78.30 28.48 -4.44
C GLU D 43 -76.93 28.61 -3.78
N ALA D 44 -75.95 27.92 -4.35
CA ALA D 44 -74.60 27.94 -3.81
C ALA D 44 -74.13 29.35 -3.57
N ALA D 45 -74.07 30.15 -4.64
CA ALA D 45 -73.63 31.51 -4.50
C ALA D 45 -74.28 32.13 -3.28
N TYR D 46 -75.61 32.13 -3.29
CA TYR D 46 -76.41 32.69 -2.20
C TYR D 46 -75.96 32.19 -0.83
N LEU D 47 -75.35 31.02 -0.78
CA LEU D 47 -74.92 30.51 0.49
C LEU D 47 -73.61 31.20 0.87
N ILE D 48 -72.57 31.01 0.08
CA ILE D 48 -71.27 31.61 0.36
C ILE D 48 -71.44 33.09 0.66
N LEU D 49 -72.32 33.73 -0.11
CA LEU D 49 -72.59 35.15 0.04
C LEU D 49 -73.24 35.60 1.34
N PHE D 50 -74.35 34.94 1.68
CA PHE D 50 -75.10 35.31 2.85
C PHE D 50 -75.01 34.43 4.10
N GLY D 51 -74.79 33.13 3.94
CA GLY D 51 -74.65 32.32 5.14
C GLY D 51 -75.57 31.14 5.37
N LYS D 52 -76.55 30.96 4.50
CA LYS D 52 -77.50 29.85 4.60
C LYS D 52 -78.09 29.55 3.22
N LEU D 53 -78.82 28.44 3.08
CA LEU D 53 -79.45 28.13 1.80
C LEU D 53 -80.61 29.09 1.69
N PRO D 54 -81.17 29.29 0.49
CA PRO D 54 -82.27 30.24 0.37
C PRO D 54 -83.69 29.67 0.43
N SER D 55 -84.61 30.47 0.95
CA SER D 55 -86.01 30.06 1.03
C SER D 55 -86.57 29.93 -0.37
N THR D 56 -87.71 29.26 -0.49
CA THR D 56 -88.34 29.07 -1.78
C THR D 56 -88.57 30.43 -2.47
N GLU D 57 -89.03 31.44 -1.73
CA GLU D 57 -89.23 32.76 -2.33
C GLU D 57 -87.89 33.52 -2.28
N GLU D 58 -87.17 33.34 -1.17
CA GLU D 58 -85.87 33.99 -0.96
C GLU D 58 -84.98 33.91 -2.17
N LEU D 59 -85.01 32.74 -2.82
CA LEU D 59 -84.19 32.52 -3.97
C LEU D 59 -84.70 33.25 -5.20
N GLN D 60 -85.90 32.89 -5.64
CA GLN D 60 -86.46 33.50 -6.84
C GLN D 60 -86.07 34.98 -6.99
N VAL D 61 -86.05 35.75 -5.90
CA VAL D 61 -85.69 37.17 -6.03
C VAL D 61 -84.21 37.35 -6.39
N PHE D 62 -83.36 36.56 -5.74
CA PHE D 62 -81.92 36.59 -5.98
C PHE D 62 -81.72 36.40 -7.49
N LYS D 63 -82.32 35.34 -8.03
CA LYS D 63 -82.21 35.10 -9.47
C LYS D 63 -82.54 36.37 -10.22
N ASP D 64 -83.76 36.86 -10.04
CA ASP D 64 -84.17 38.09 -10.70
C ASP D 64 -83.05 39.10 -10.71
N LYS D 65 -82.57 39.49 -9.52
CA LYS D 65 -81.49 40.46 -9.40
C LYS D 65 -80.34 40.08 -10.29
N LEU D 66 -80.04 38.78 -10.36
CA LEU D 66 -78.95 38.30 -11.21
C LEU D 66 -79.33 38.47 -12.68
N ALA D 67 -80.29 37.68 -13.11
CA ALA D 67 -80.76 37.71 -14.48
C ALA D 67 -80.76 39.12 -15.05
N ALA D 68 -81.10 40.10 -14.21
CA ALA D 68 -81.18 41.50 -14.62
C ALA D 68 -79.83 42.16 -14.86
N GLU D 69 -78.84 41.83 -14.03
CA GLU D 69 -77.52 42.42 -14.16
C GLU D 69 -76.59 41.68 -15.14
N ARG D 70 -77.16 40.80 -15.95
CA ARG D 70 -76.36 40.07 -16.92
C ARG D 70 -76.08 40.90 -18.16
N ASN D 71 -76.98 41.81 -18.49
CA ASN D 71 -76.81 42.63 -19.67
C ASN D 71 -75.57 43.47 -19.61
N LEU D 72 -74.86 43.53 -20.73
CA LEU D 72 -73.66 44.32 -20.81
C LEU D 72 -73.99 45.73 -21.17
N PRO D 73 -73.58 46.67 -20.33
CA PRO D 73 -73.86 48.07 -20.61
C PRO D 73 -73.40 48.38 -22.01
N GLU D 74 -74.08 49.36 -22.58
CA GLU D 74 -73.83 49.81 -23.93
C GLU D 74 -72.33 49.93 -24.23
N HIS D 75 -71.64 50.80 -23.50
CA HIS D 75 -70.21 51.04 -23.72
C HIS D 75 -69.27 49.87 -23.44
N ILE D 76 -69.69 48.96 -22.57
CA ILE D 76 -68.88 47.80 -22.22
C ILE D 76 -68.82 46.87 -23.43
N GLU D 77 -69.98 46.51 -23.95
CA GLU D 77 -70.06 45.66 -25.12
C GLU D 77 -69.10 46.24 -26.13
N ARG D 78 -69.19 47.55 -26.32
CA ARG D 78 -68.36 48.26 -27.28
C ARG D 78 -66.87 48.15 -26.98
N LEU D 79 -66.52 48.35 -25.70
CA LEU D 79 -65.13 48.26 -25.25
C LEU D 79 -64.50 46.93 -25.58
N ILE D 80 -65.17 45.85 -25.20
CA ILE D 80 -64.66 44.51 -25.44
C ILE D 80 -64.10 44.38 -26.84
N GLN D 81 -64.72 45.05 -27.79
CA GLN D 81 -64.27 44.98 -29.17
C GLN D 81 -63.15 46.00 -29.45
N SER D 82 -63.07 47.04 -28.62
CA SER D 82 -62.01 48.04 -28.78
C SER D 82 -60.72 47.28 -28.57
N LEU D 83 -60.72 46.48 -27.51
CA LEU D 83 -59.57 45.70 -27.15
C LEU D 83 -59.03 44.82 -28.25
N PRO D 84 -57.80 45.11 -28.69
CA PRO D 84 -57.07 44.41 -29.75
C PRO D 84 -56.99 42.90 -29.60
N ASN D 85 -56.87 42.23 -30.76
CA ASN D 85 -56.81 40.79 -30.82
C ASN D 85 -55.74 40.10 -30.01
N ASN D 86 -54.74 40.86 -29.57
CA ASN D 86 -53.69 40.26 -28.75
C ASN D 86 -54.00 40.51 -27.27
N MET D 87 -55.00 39.80 -26.76
CA MET D 87 -55.37 39.94 -25.36
C MET D 87 -56.13 38.72 -24.85
N ASP D 88 -55.48 37.93 -23.98
CA ASP D 88 -56.12 36.73 -23.47
C ASP D 88 -57.52 37.10 -23.08
N ASP D 89 -58.41 36.13 -23.18
CA ASP D 89 -59.77 36.36 -22.77
C ASP D 89 -59.59 36.85 -21.33
N MET D 90 -58.46 36.46 -20.73
CA MET D 90 -58.15 36.84 -19.35
C MET D 90 -57.67 38.27 -19.21
N SER D 91 -56.63 38.61 -19.96
CA SER D 91 -56.09 39.97 -19.94
C SER D 91 -57.27 40.91 -20.08
N VAL D 92 -58.27 40.45 -20.80
CA VAL D 92 -59.46 41.24 -21.03
C VAL D 92 -60.40 41.29 -19.83
N LEU D 93 -60.90 40.12 -19.43
CA LEU D 93 -61.80 40.01 -18.30
C LEU D 93 -61.30 40.97 -17.24
N ARG D 94 -60.00 40.91 -16.96
CA ARG D 94 -59.38 41.77 -15.97
C ARG D 94 -59.64 43.22 -16.31
N THR D 95 -59.34 43.60 -17.54
CA THR D 95 -59.54 44.96 -17.98
C THR D 95 -61.01 45.34 -17.85
N VAL D 96 -61.82 44.78 -18.72
CA VAL D 96 -63.24 45.05 -18.71
C VAL D 96 -63.84 45.20 -17.32
N VAL D 97 -63.69 44.18 -16.50
CA VAL D 97 -64.24 44.25 -15.15
C VAL D 97 -63.82 45.57 -14.54
N SER D 98 -62.54 45.87 -14.59
CA SER D 98 -62.07 47.14 -14.04
C SER D 98 -62.88 48.26 -14.62
N ALA D 99 -63.24 48.16 -15.89
CA ALA D 99 -64.02 49.21 -16.54
C ALA D 99 -65.32 49.49 -15.81
N LEU D 100 -65.81 48.52 -15.07
CA LEU D 100 -67.05 48.68 -14.36
C LEU D 100 -66.96 49.64 -13.18
N GLY D 101 -65.77 49.74 -12.62
CA GLY D 101 -65.53 50.61 -11.48
C GLY D 101 -65.94 52.06 -11.73
N GLU D 102 -66.81 52.56 -10.87
CA GLU D 102 -67.28 53.92 -11.02
C GLU D 102 -67.25 54.59 -9.68
N ASN D 103 -68.22 55.45 -9.46
CA ASN D 103 -68.33 56.16 -8.20
C ASN D 103 -69.15 55.24 -7.33
N THR D 104 -70.11 54.54 -7.95
CA THR D 104 -70.98 53.62 -7.23
C THR D 104 -70.17 52.67 -6.34
N TYR D 105 -68.94 52.36 -6.76
CA TYR D 105 -68.07 51.47 -6.00
C TYR D 105 -67.11 52.24 -5.12
N THR D 106 -67.52 52.38 -3.87
CA THR D 106 -66.80 53.09 -2.82
C THR D 106 -66.30 52.08 -1.81
N PHE D 107 -65.75 52.57 -0.71
CA PHE D 107 -65.22 51.69 0.33
C PHE D 107 -66.11 50.54 0.72
N HIS D 108 -67.17 50.80 1.50
CA HIS D 108 -67.96 49.65 1.85
C HIS D 108 -68.66 49.05 0.63
N PRO D 109 -68.18 47.86 0.21
CA PRO D 109 -68.73 47.16 -0.92
C PRO D 109 -70.16 46.81 -0.60
N LYS D 110 -70.99 46.66 -1.61
CA LYS D 110 -72.38 46.36 -1.35
C LYS D 110 -72.89 45.12 -2.08
N THR D 111 -73.78 44.38 -1.43
CA THR D 111 -74.32 43.20 -2.05
C THR D 111 -74.75 43.60 -3.49
N GLU D 112 -75.58 44.63 -3.62
CA GLU D 112 -76.01 45.10 -4.95
C GLU D 112 -74.86 44.86 -5.90
N GLU D 113 -73.67 45.31 -5.47
CA GLU D 113 -72.43 45.22 -6.22
C GLU D 113 -71.94 43.78 -6.40
N ALA D 114 -71.67 43.11 -5.30
CA ALA D 114 -71.19 41.73 -5.35
C ALA D 114 -72.00 40.96 -6.33
N ILE D 115 -73.27 41.33 -6.43
CA ILE D 115 -74.17 40.65 -7.34
C ILE D 115 -73.84 40.99 -8.78
N ARG D 116 -73.97 42.26 -9.14
CA ARG D 116 -73.68 42.66 -10.51
C ARG D 116 -72.49 41.84 -10.98
N LEU D 117 -71.36 42.03 -10.32
CA LEU D 117 -70.16 41.30 -10.70
C LEU D 117 -70.41 39.83 -11.01
N ILE D 118 -70.76 39.06 -9.99
CA ILE D 118 -71.01 37.64 -10.15
C ILE D 118 -71.80 37.28 -11.40
N ALA D 119 -72.85 38.05 -11.61
CA ALA D 119 -73.78 37.85 -12.72
C ALA D 119 -73.28 38.21 -14.09
N ILE D 120 -72.54 39.31 -14.16
CA ILE D 120 -72.04 39.80 -15.42
C ILE D 120 -70.77 39.12 -15.92
N THR D 121 -69.95 38.68 -14.99
CA THR D 121 -68.72 38.05 -15.41
C THR D 121 -68.89 37.12 -16.61
N PRO D 122 -69.62 36.01 -16.45
CA PRO D 122 -69.74 35.16 -17.63
C PRO D 122 -70.03 35.91 -18.93
N SER D 123 -70.96 36.84 -18.91
CA SER D 123 -71.29 37.58 -20.11
C SER D 123 -70.06 38.20 -20.77
N ILE D 124 -69.25 38.90 -19.99
CA ILE D 124 -68.03 39.48 -20.52
C ILE D 124 -67.31 38.36 -21.25
N ILE D 125 -66.88 37.38 -20.47
CA ILE D 125 -66.16 36.22 -20.97
C ILE D 125 -66.62 35.78 -22.33
N ALA D 126 -67.92 35.53 -22.42
CA ALA D 126 -68.58 35.07 -23.64
C ALA D 126 -68.55 36.06 -24.78
N TYR D 127 -69.24 37.18 -24.61
CA TYR D 127 -69.26 38.18 -25.66
C TYR D 127 -67.86 38.32 -26.22
N ARG D 128 -66.87 38.24 -25.36
CA ARG D 128 -65.52 38.37 -25.83
C ARG D 128 -65.15 37.15 -26.64
N LYS D 129 -65.34 35.97 -26.07
CA LYS D 129 -65.00 34.75 -26.77
C LYS D 129 -65.62 34.78 -28.15
N ARG D 130 -66.91 35.06 -28.23
CA ARG D 130 -67.58 35.10 -29.51
C ARG D 130 -66.87 36.03 -30.48
N TRP D 131 -66.79 37.31 -30.13
CA TRP D 131 -66.14 38.30 -30.98
C TRP D 131 -64.82 37.82 -31.58
N THR D 132 -63.90 37.36 -30.74
CA THR D 132 -62.61 36.88 -31.23
C THR D 132 -62.81 35.80 -32.28
N ARG D 133 -63.73 34.88 -32.01
CA ARG D 133 -64.04 33.78 -32.91
C ARG D 133 -64.91 34.21 -34.09
N GLY D 134 -65.01 35.52 -34.31
CA GLY D 134 -65.79 36.04 -35.41
C GLY D 134 -67.25 35.56 -35.50
N GLU D 135 -67.75 35.04 -34.39
CA GLU D 135 -69.13 34.57 -34.34
C GLU D 135 -69.98 35.79 -34.01
N GLN D 136 -71.27 35.74 -34.31
CA GLN D 136 -72.14 36.86 -34.00
C GLN D 136 -72.39 36.81 -32.49
N ALA D 137 -72.48 37.98 -31.86
CA ALA D 137 -72.72 38.01 -30.42
C ALA D 137 -74.08 37.45 -30.04
N ILE D 138 -74.14 36.81 -28.88
CA ILE D 138 -75.37 36.21 -28.37
C ILE D 138 -75.73 36.89 -27.06
N ALA D 139 -76.92 37.48 -27.02
CA ALA D 139 -77.38 38.17 -25.83
C ALA D 139 -77.89 37.20 -24.80
N PRO D 140 -77.61 37.45 -23.51
CA PRO D 140 -78.06 36.57 -22.43
C PRO D 140 -79.57 36.58 -22.43
N SER D 141 -80.19 35.69 -21.66
CA SER D 141 -81.63 35.67 -21.62
C SER D 141 -82.13 35.31 -20.25
N SER D 142 -83.00 36.15 -19.72
CA SER D 142 -83.56 35.93 -18.39
C SER D 142 -84.29 34.58 -18.30
N GLN D 143 -84.29 33.84 -19.41
CA GLN D 143 -84.98 32.57 -19.50
C GLN D 143 -84.28 31.30 -18.99
N TYR D 144 -82.97 31.21 -19.18
CA TYR D 144 -82.23 30.02 -18.74
C TYR D 144 -81.64 30.19 -17.34
N GLY D 145 -80.97 29.14 -16.84
CA GLY D 145 -80.35 29.22 -15.53
C GLY D 145 -79.15 30.13 -15.60
N HIS D 146 -78.16 29.96 -14.72
CA HIS D 146 -76.96 30.82 -14.77
C HIS D 146 -75.88 30.05 -15.50
N VAL D 147 -75.60 28.86 -14.98
CA VAL D 147 -74.58 28.02 -15.56
C VAL D 147 -75.01 27.65 -16.95
N GLU D 148 -76.31 27.52 -17.16
CA GLU D 148 -76.83 27.16 -18.47
C GLU D 148 -76.72 28.32 -19.45
N ASN D 149 -76.98 29.53 -18.95
CA ASN D 149 -76.89 30.74 -19.78
C ASN D 149 -75.45 30.92 -20.23
N TYR D 150 -74.51 30.62 -19.35
CA TYR D 150 -73.10 30.74 -19.69
C TYR D 150 -72.81 29.90 -20.94
N TYR D 151 -73.41 28.73 -21.02
CA TYR D 151 -73.20 27.86 -22.17
C TYR D 151 -73.80 28.54 -23.39
N TYR D 152 -75.08 28.88 -23.28
CA TYR D 152 -75.81 29.51 -24.37
C TYR D 152 -75.08 30.68 -25.00
N MET D 153 -74.65 31.66 -24.20
CA MET D 153 -73.98 32.81 -24.78
C MET D 153 -72.66 32.47 -25.37
N LEU D 154 -72.22 31.23 -25.17
CA LEU D 154 -70.94 30.82 -25.69
C LEU D 154 -71.09 30.01 -26.96
N THR D 155 -72.11 29.17 -26.98
CA THR D 155 -72.38 28.27 -28.09
C THR D 155 -73.60 28.61 -28.93
N GLY D 156 -74.72 28.86 -28.26
CA GLY D 156 -75.94 29.18 -28.96
C GLY D 156 -76.92 28.06 -28.82
N GLU D 157 -76.49 27.00 -28.16
CA GLU D 157 -77.34 25.85 -27.97
C GLU D 157 -77.63 25.62 -26.49
N GLN D 158 -78.51 24.67 -26.22
CA GLN D 158 -78.85 24.31 -24.87
C GLN D 158 -78.15 22.98 -24.65
N PRO D 159 -77.31 22.89 -23.63
CA PRO D 159 -76.55 21.70 -23.26
C PRO D 159 -77.31 20.46 -22.80
N SER D 160 -76.68 19.30 -22.95
CA SER D 160 -77.25 18.01 -22.56
C SER D 160 -77.62 18.09 -21.09
N GLU D 161 -78.68 17.40 -20.67
CA GLU D 161 -79.08 17.42 -19.26
C GLU D 161 -77.82 17.05 -18.47
N ALA D 162 -77.03 16.15 -19.05
CA ALA D 162 -75.81 15.70 -18.42
C ALA D 162 -74.76 16.79 -18.52
N LYS D 163 -74.47 17.23 -19.75
CA LYS D 163 -73.48 18.28 -19.94
C LYS D 163 -73.72 19.43 -18.95
N LYS D 164 -74.99 19.77 -18.72
CA LYS D 164 -75.35 20.84 -17.80
C LYS D 164 -75.07 20.46 -16.36
N LYS D 165 -75.88 19.56 -15.81
CA LYS D 165 -75.73 19.11 -14.43
C LYS D 165 -74.26 19.01 -14.01
N ALA D 166 -73.42 18.48 -14.89
CA ALA D 166 -71.99 18.32 -14.62
C ALA D 166 -71.31 19.65 -14.39
N LEU D 167 -71.24 20.44 -15.44
CA LEU D 167 -70.62 21.75 -15.36
C LEU D 167 -71.04 22.47 -14.08
N GLU D 168 -72.35 22.55 -13.87
CA GLU D 168 -72.88 23.23 -12.70
C GLU D 168 -72.19 22.71 -11.46
N THR D 169 -72.27 21.41 -11.22
CA THR D 169 -71.62 20.87 -10.05
C THR D 169 -70.16 21.25 -10.04
N TYR D 170 -69.57 21.42 -11.21
CA TYR D 170 -68.17 21.79 -11.24
C TYR D 170 -68.00 23.19 -10.72
N MET D 171 -68.55 24.17 -11.43
CA MET D 171 -68.43 25.54 -11.02
C MET D 171 -68.66 25.73 -9.54
N ILE D 172 -69.69 25.10 -9.02
CA ILE D 172 -69.99 25.20 -7.60
C ILE D 172 -68.77 24.82 -6.75
N LEU D 173 -68.06 23.79 -7.16
CA LEU D 173 -66.89 23.37 -6.41
C LEU D 173 -65.75 24.37 -6.58
N ALA D 174 -65.79 25.11 -7.68
CA ALA D 174 -64.77 26.10 -7.95
C ALA D 174 -65.12 27.42 -7.28
N THR D 175 -66.36 27.53 -6.85
CA THR D 175 -66.86 28.74 -6.21
C THR D 175 -65.99 29.34 -5.13
N GLU D 176 -65.75 28.57 -4.08
CA GLU D 176 -64.94 29.05 -2.99
C GLU D 176 -64.06 27.90 -2.60
N HIS D 177 -62.85 28.21 -2.15
CA HIS D 177 -61.94 27.18 -1.71
C HIS D 177 -60.90 27.84 -0.83
N GLY D 178 -61.35 28.25 0.34
CA GLY D 178 -60.49 28.88 1.33
C GLY D 178 -59.62 30.02 0.86
N MET D 179 -58.53 30.23 1.59
CA MET D 179 -57.59 31.29 1.32
C MET D 179 -56.57 30.88 0.30
N ASN D 180 -56.64 31.49 -0.87
CA ASN D 180 -55.70 31.14 -1.91
C ASN D 180 -55.27 32.38 -2.63
N ALA D 181 -54.06 32.34 -3.12
CA ALA D 181 -53.47 33.43 -3.86
C ALA D 181 -54.42 34.60 -4.15
N SER D 182 -55.30 34.42 -5.13
CA SER D 182 -56.23 35.47 -5.50
C SER D 182 -57.12 35.91 -4.37
N THR D 183 -57.98 35.03 -3.88
CA THR D 183 -58.87 35.40 -2.78
C THR D 183 -58.12 36.23 -1.76
N PHE D 184 -56.87 35.87 -1.51
CA PHE D 184 -56.04 36.61 -0.55
C PHE D 184 -55.70 37.95 -1.17
N SER D 185 -55.46 37.94 -2.47
CA SER D 185 -55.12 39.16 -3.18
C SER D 185 -56.21 40.19 -3.00
N ALA D 186 -57.46 39.81 -3.20
CA ALA D 186 -58.54 40.76 -3.06
C ALA D 186 -58.56 41.33 -1.65
N ARG D 187 -58.58 40.44 -0.66
CA ARG D 187 -58.61 40.91 0.71
C ARG D 187 -57.54 41.96 0.84
N VAL D 188 -56.30 41.58 0.58
CA VAL D 188 -55.18 42.53 0.68
C VAL D 188 -55.54 43.84 0.04
N THR D 189 -55.99 43.80 -1.20
CA THR D 189 -56.35 45.02 -1.90
C THR D 189 -57.46 45.82 -1.21
N LEU D 190 -58.46 45.15 -0.69
CA LEU D 190 -59.53 45.90 -0.06
C LEU D 190 -59.02 46.45 1.26
N SER D 191 -57.93 45.88 1.75
CA SER D 191 -57.34 46.28 3.01
C SER D 191 -57.19 47.79 3.20
N THR D 192 -57.02 48.52 2.11
CA THR D 192 -56.85 49.98 2.20
C THR D 192 -58.13 50.75 1.90
N GLU D 193 -59.24 50.24 2.36
CA GLU D 193 -60.55 50.84 2.15
C GLU D 193 -60.84 51.10 0.67
N SER D 194 -60.45 50.14 -0.17
CA SER D 194 -60.66 50.26 -1.61
C SER D 194 -62.01 49.71 -2.05
N ASP D 195 -62.24 49.59 -3.37
CA ASP D 195 -63.53 49.10 -3.89
C ASP D 195 -63.60 47.64 -4.27
N LEU D 196 -64.83 47.13 -4.35
CA LEU D 196 -65.01 45.73 -4.70
C LEU D 196 -64.32 45.46 -6.02
N VAL D 197 -64.60 46.30 -7.01
CA VAL D 197 -64.00 46.14 -8.34
C VAL D 197 -62.48 46.08 -8.29
N SER D 198 -61.88 47.07 -7.67
CA SER D 198 -60.44 47.08 -7.60
C SER D 198 -59.93 45.79 -7.00
N ALA D 199 -60.72 45.19 -6.11
CA ALA D 199 -60.32 43.93 -5.49
C ALA D 199 -60.45 42.78 -6.47
N VAL D 200 -61.63 42.64 -7.05
CA VAL D 200 -61.83 41.58 -8.01
C VAL D 200 -60.79 41.75 -9.12
N THR D 201 -60.66 42.97 -9.63
CA THR D 201 -59.69 43.26 -10.70
C THR D 201 -58.33 42.77 -10.30
N ALA D 202 -58.02 42.90 -9.02
CA ALA D 202 -56.75 42.46 -8.52
C ALA D 202 -56.75 40.95 -8.60
N ALA D 203 -57.66 40.33 -7.86
CA ALA D 203 -57.77 38.89 -7.85
C ALA D 203 -57.69 38.34 -9.26
N LEU D 204 -58.50 38.89 -10.16
CA LEU D 204 -58.50 38.46 -11.54
C LEU D 204 -57.07 38.45 -12.05
N GLY D 205 -56.42 39.61 -11.99
CA GLY D 205 -55.05 39.71 -12.45
C GLY D 205 -54.22 38.59 -11.87
N THR D 206 -54.52 38.22 -10.64
CA THR D 206 -53.78 37.16 -9.96
C THR D 206 -54.14 35.78 -10.48
N MET D 207 -55.37 35.60 -10.93
CA MET D 207 -55.79 34.30 -11.46
C MET D 207 -55.07 34.01 -12.75
N LYS D 208 -54.96 35.01 -13.62
CA LYS D 208 -54.31 34.84 -14.92
C LYS D 208 -53.08 33.95 -14.80
N GLY D 209 -52.31 34.15 -13.74
CA GLY D 209 -51.13 33.37 -13.52
C GLY D 209 -51.37 31.91 -13.81
N PRO D 210 -50.33 31.17 -14.24
CA PRO D 210 -50.52 29.76 -14.55
C PRO D 210 -50.51 28.83 -13.35
N LEU D 211 -50.01 29.30 -12.22
CA LEU D 211 -49.93 28.45 -11.02
C LEU D 211 -51.25 28.36 -10.26
N HIS D 212 -52.24 29.11 -10.71
CA HIS D 212 -53.54 29.12 -10.08
C HIS D 212 -54.56 28.93 -11.19
N GLY D 213 -55.45 27.97 -11.02
CA GLY D 213 -56.49 27.72 -12.01
C GLY D 213 -56.06 27.64 -13.46
N GLY D 214 -55.02 26.89 -13.74
CA GLY D 214 -54.59 26.76 -15.12
C GLY D 214 -55.27 25.52 -15.65
N ALA D 215 -55.45 25.42 -16.96
CA ALA D 215 -56.10 24.26 -17.52
C ALA D 215 -55.28 23.02 -17.22
N PRO D 216 -55.95 21.86 -17.06
CA PRO D 216 -55.33 20.58 -16.77
C PRO D 216 -54.89 19.95 -18.07
N SER D 217 -54.45 20.78 -18.99
CA SER D 217 -53.97 20.32 -20.28
C SER D 217 -53.29 18.95 -20.18
N ALA D 218 -52.39 18.81 -19.21
CA ALA D 218 -51.68 17.55 -19.01
C ALA D 218 -52.65 16.35 -18.96
N VAL D 219 -53.79 16.56 -18.34
CA VAL D 219 -54.80 15.52 -18.24
C VAL D 219 -55.60 15.49 -19.53
N THR D 220 -56.15 16.63 -19.92
CA THR D 220 -56.94 16.70 -21.13
C THR D 220 -56.31 15.85 -22.24
N LYS D 221 -54.99 15.90 -22.38
CA LYS D 221 -54.33 15.10 -23.43
C LYS D 221 -54.48 13.62 -23.11
N MET D 222 -54.26 13.26 -21.86
CA MET D 222 -54.39 11.87 -21.46
C MET D 222 -55.66 11.29 -22.03
N LEU D 223 -56.77 11.95 -21.77
CA LEU D 223 -58.05 11.48 -22.27
C LEU D 223 -58.13 11.48 -23.79
N GLU D 224 -57.78 12.61 -24.38
CA GLU D 224 -57.81 12.77 -25.84
C GLU D 224 -57.01 11.69 -26.57
N ASP D 225 -56.11 11.03 -25.84
CA ASP D 225 -55.28 9.99 -26.45
C ASP D 225 -55.92 8.61 -26.46
N ILE D 226 -57.11 8.47 -25.89
CA ILE D 226 -57.75 7.17 -25.86
C ILE D 226 -59.26 7.19 -25.93
N GLY D 227 -59.79 7.93 -26.91
CA GLY D 227 -61.22 8.05 -27.09
C GLY D 227 -62.12 6.90 -26.63
N GLU D 228 -61.61 5.67 -26.64
CA GLU D 228 -62.40 4.51 -26.22
C GLU D 228 -61.90 3.87 -24.91
N LYS D 229 -62.82 3.28 -24.15
CA LYS D 229 -62.48 2.65 -22.88
C LYS D 229 -61.51 1.47 -23.03
N GLU D 230 -61.56 0.77 -24.16
CA GLU D 230 -60.68 -0.39 -24.37
C GLU D 230 -59.24 -0.05 -24.03
N HIS D 231 -58.69 0.95 -24.72
CA HIS D 231 -57.29 1.39 -24.53
C HIS D 231 -57.03 1.89 -23.11
N ALA D 232 -58.04 1.82 -22.25
CA ALA D 232 -57.91 2.27 -20.88
C ALA D 232 -56.59 1.83 -20.25
N GLU D 233 -56.56 0.61 -19.70
CA GLU D 233 -55.36 0.08 -19.07
C GLU D 233 -54.12 0.23 -19.94
N ALA D 234 -54.17 -0.27 -21.17
CA ALA D 234 -53.04 -0.16 -22.09
C ALA D 234 -52.20 1.08 -21.82
N TYR D 235 -52.78 2.25 -22.08
CA TYR D 235 -52.13 3.56 -21.90
C TYR D 235 -51.54 3.70 -20.52
N LEU D 236 -52.41 3.73 -19.53
CA LEU D 236 -51.97 3.85 -18.16
C LEU D 236 -50.78 2.92 -17.95
N LYS D 237 -51.04 1.62 -18.03
CA LYS D 237 -50.02 0.60 -17.85
C LYS D 237 -48.66 1.00 -18.44
N GLU D 238 -48.61 1.42 -19.71
CA GLU D 238 -47.33 1.81 -20.31
C GLU D 238 -46.51 2.83 -19.53
N LYS D 239 -47.03 4.04 -19.43
CA LYS D 239 -46.28 5.09 -18.74
C LYS D 239 -46.15 4.84 -17.25
N LEU D 240 -46.86 3.85 -16.73
CA LEU D 240 -46.78 3.55 -15.31
C LEU D 240 -45.66 2.56 -15.02
N GLU D 241 -45.03 2.07 -16.07
CA GLU D 241 -43.93 1.13 -15.91
C GLU D 241 -42.59 1.81 -15.79
N LYS D 242 -42.29 2.78 -16.65
CA LYS D 242 -41.00 3.46 -16.49
C LYS D 242 -41.15 4.57 -15.44
N GLY D 243 -42.20 4.46 -14.65
CA GLY D 243 -42.41 5.41 -13.57
C GLY D 243 -43.01 6.76 -13.90
N GLU D 244 -43.44 6.99 -15.15
CA GLU D 244 -44.07 8.27 -15.47
C GLU D 244 -45.26 8.40 -14.51
N ARG D 245 -45.69 9.62 -14.22
CA ARG D 245 -46.80 9.83 -13.29
C ARG D 245 -48.14 10.05 -14.01
N LEU D 246 -49.24 9.60 -13.38
CA LEU D 246 -50.59 9.74 -13.93
C LEU D 246 -51.17 11.08 -13.49
N MET D 247 -51.20 12.02 -14.44
CA MET D 247 -51.63 13.40 -14.22
C MET D 247 -52.76 13.83 -13.28
N GLY D 248 -53.92 13.19 -13.32
CA GLY D 248 -54.97 13.67 -12.44
C GLY D 248 -55.02 13.12 -11.04
N PHE D 249 -53.90 12.63 -10.51
CA PHE D 249 -53.97 12.04 -9.18
C PHE D 249 -52.94 12.41 -8.14
N GLY D 250 -53.37 12.30 -6.88
CA GLY D 250 -52.53 12.63 -5.75
C GLY D 250 -52.74 14.09 -5.46
N HIS D 251 -52.48 14.49 -4.22
CA HIS D 251 -52.65 15.90 -3.89
C HIS D 251 -51.74 16.35 -2.75
N ARG D 252 -51.31 17.61 -2.85
CA ARG D 252 -50.42 18.24 -1.87
C ARG D 252 -51.06 18.46 -0.50
N VAL D 253 -52.30 18.95 -0.51
CA VAL D 253 -53.02 19.27 0.71
C VAL D 253 -54.03 18.20 1.17
N TYR D 254 -54.47 17.36 0.25
CA TYR D 254 -55.42 16.31 0.63
C TYR D 254 -54.73 14.98 0.88
N LYS D 255 -54.56 14.67 2.15
CA LYS D 255 -53.92 13.41 2.49
C LYS D 255 -54.90 12.32 2.08
N THR D 256 -56.17 12.48 2.43
CA THR D 256 -57.22 11.53 2.05
C THR D 256 -57.67 12.03 0.68
N LYS D 257 -58.60 11.34 0.04
CA LYS D 257 -59.07 11.79 -1.26
C LYS D 257 -59.74 13.16 -1.27
N ASP D 258 -59.70 13.80 -2.42
CA ASP D 258 -60.29 15.13 -2.63
C ASP D 258 -61.79 15.05 -2.70
N PRO D 259 -62.49 15.86 -1.89
CA PRO D 259 -63.95 15.89 -1.85
C PRO D 259 -64.52 16.42 -3.14
N ARG D 260 -63.86 17.43 -3.71
CA ARG D 260 -64.29 18.02 -4.96
C ARG D 260 -64.23 16.95 -6.03
N ALA D 261 -63.07 16.36 -6.19
CA ALA D 261 -62.90 15.32 -7.19
C ALA D 261 -63.95 14.26 -6.95
N GLU D 262 -64.27 14.06 -5.68
CA GLU D 262 -65.25 13.06 -5.30
C GLU D 262 -66.64 13.47 -5.73
N ALA D 263 -67.07 14.64 -5.27
CA ALA D 263 -68.38 15.16 -5.59
C ALA D 263 -68.59 15.20 -7.09
N LEU D 264 -67.50 15.18 -7.84
CA LEU D 264 -67.62 15.20 -9.29
C LEU D 264 -67.87 13.81 -9.82
N ARG D 265 -66.96 12.88 -9.51
CA ARG D 265 -67.12 11.53 -10.00
C ARG D 265 -68.55 11.06 -9.73
N GLN D 266 -69.09 11.48 -8.60
CA GLN D 266 -70.42 11.05 -8.24
C GLN D 266 -71.48 11.59 -9.20
N LYS D 267 -71.52 12.89 -9.39
CA LYS D 267 -72.52 13.47 -10.28
C LYS D 267 -72.42 12.80 -11.62
N ALA D 268 -71.21 12.44 -12.00
CA ALA D 268 -71.01 11.78 -13.28
C ALA D 268 -71.79 10.48 -13.37
N GLU D 269 -71.67 9.66 -12.33
CA GLU D 269 -72.36 8.38 -12.31
C GLU D 269 -73.85 8.63 -12.48
N GLU D 270 -74.37 9.62 -11.79
CA GLU D 270 -75.78 9.93 -11.87
C GLU D 270 -76.22 10.10 -13.33
N VAL D 271 -75.45 10.85 -14.09
CA VAL D 271 -75.80 11.10 -15.49
C VAL D 271 -75.00 10.26 -16.46
N ALA D 272 -74.62 9.06 -16.05
CA ALA D 272 -73.86 8.18 -16.93
C ALA D 272 -74.64 7.93 -18.22
N GLY D 273 -74.04 7.14 -19.10
CA GLY D 273 -74.66 6.78 -20.37
C GLY D 273 -75.22 7.88 -21.24
N ASN D 274 -75.15 9.13 -20.78
CA ASN D 274 -75.68 10.23 -21.58
C ASN D 274 -74.57 11.07 -22.18
N ASP D 275 -73.33 10.79 -21.81
CA ASP D 275 -72.22 11.57 -22.35
C ASP D 275 -70.91 10.79 -22.44
N ARG D 276 -70.60 10.28 -23.63
CA ARG D 276 -69.38 9.51 -23.84
C ARG D 276 -68.09 10.14 -23.32
N ASP D 277 -67.93 11.45 -23.49
CA ASP D 277 -66.72 12.12 -23.01
C ASP D 277 -66.65 12.00 -21.49
N LEU D 278 -67.80 11.83 -20.85
CA LEU D 278 -67.87 11.72 -19.40
C LEU D 278 -67.78 10.30 -18.92
N ASP D 279 -68.60 9.41 -19.49
CA ASP D 279 -68.57 8.02 -19.08
C ASP D 279 -67.19 7.42 -19.31
N LEU D 280 -66.43 8.00 -20.21
CA LEU D 280 -65.08 7.52 -20.48
C LEU D 280 -64.25 7.85 -19.25
N ALA D 281 -64.28 9.10 -18.86
CA ALA D 281 -63.54 9.53 -17.70
C ALA D 281 -63.82 8.55 -16.58
N LEU D 282 -65.09 8.42 -16.23
CA LEU D 282 -65.48 7.51 -15.17
C LEU D 282 -64.61 6.28 -15.21
N HIS D 283 -64.62 5.60 -16.35
CA HIS D 283 -63.83 4.40 -16.55
C HIS D 283 -62.37 4.70 -16.28
N VAL D 284 -61.75 5.51 -17.13
CA VAL D 284 -60.35 5.83 -16.93
C VAL D 284 -60.03 5.98 -15.46
N GLU D 285 -60.83 6.74 -14.72
CA GLU D 285 -60.55 6.88 -13.30
C GLU D 285 -60.46 5.51 -12.68
N ALA D 286 -61.61 4.91 -12.44
CA ALA D 286 -61.71 3.59 -11.82
C ALA D 286 -60.69 2.56 -12.28
N GLU D 287 -60.30 2.62 -13.54
CA GLU D 287 -59.32 1.68 -14.07
C GLU D 287 -57.90 2.12 -13.74
N ALA D 288 -57.71 3.40 -13.46
CA ALA D 288 -56.39 3.94 -13.13
C ALA D 288 -56.10 3.88 -11.65
N ILE D 289 -57.13 4.10 -10.86
CA ILE D 289 -57.03 4.10 -9.42
C ILE D 289 -56.74 2.70 -8.91
N ARG D 290 -57.16 1.70 -9.69
CA ARG D 290 -56.93 0.29 -9.34
C ARG D 290 -55.58 -0.18 -9.87
N LEU D 291 -54.91 0.68 -10.63
CA LEU D 291 -53.62 0.33 -11.17
C LEU D 291 -52.57 0.97 -10.31
N LEU D 292 -52.99 1.97 -9.55
CA LEU D 292 -52.05 2.65 -8.67
C LEU D 292 -51.88 1.75 -7.46
N GLU D 293 -52.99 1.12 -7.08
CA GLU D 293 -53.01 0.18 -5.97
C GLU D 293 -51.92 -0.84 -6.29
N ILE D 294 -51.97 -1.33 -7.52
CA ILE D 294 -51.04 -2.33 -8.05
C ILE D 294 -49.57 -1.89 -8.16
N TYR D 295 -49.28 -0.86 -8.95
CA TYR D 295 -47.89 -0.43 -9.10
C TYR D 295 -47.28 0.28 -7.90
N LYS D 296 -48.07 1.08 -7.20
CA LYS D 296 -47.56 1.79 -6.03
C LYS D 296 -48.48 1.44 -4.87
N PRO D 297 -48.32 0.24 -4.28
CA PRO D 297 -49.17 -0.16 -3.16
C PRO D 297 -48.80 0.59 -1.89
N GLY D 298 -49.81 0.90 -1.10
CA GLY D 298 -49.59 1.62 0.16
C GLY D 298 -49.91 3.10 0.05
N ARG D 299 -49.12 3.81 -0.77
CA ARG D 299 -49.30 5.25 -0.97
C ARG D 299 -50.71 5.59 -1.45
N LYS D 300 -51.54 6.02 -0.51
CA LYS D 300 -52.91 6.40 -0.78
C LYS D 300 -52.93 7.58 -1.75
N LEU D 301 -52.97 7.26 -3.04
CA LEU D 301 -53.03 8.29 -4.08
C LEU D 301 -54.46 8.29 -4.58
N TYR D 302 -55.15 9.40 -4.41
CA TYR D 302 -56.53 9.46 -4.84
C TYR D 302 -56.74 10.51 -5.92
N THR D 303 -57.69 10.23 -6.79
CA THR D 303 -58.03 11.13 -7.87
C THR D 303 -58.19 12.53 -7.28
N ASN D 304 -57.64 13.53 -7.96
CA ASN D 304 -57.70 14.92 -7.51
C ASN D 304 -58.58 15.77 -8.43
N VAL D 305 -59.28 16.74 -7.87
CA VAL D 305 -60.18 17.61 -8.66
C VAL D 305 -59.71 17.92 -10.08
N GLU D 306 -58.50 18.43 -10.20
CA GLU D 306 -57.93 18.78 -11.48
C GLU D 306 -58.36 17.77 -12.55
N PHE D 307 -58.33 16.49 -12.21
CA PHE D 307 -58.71 15.46 -13.16
C PHE D 307 -60.06 15.74 -13.77
N TYR D 308 -61.11 15.74 -12.97
CA TYR D 308 -62.46 15.96 -13.49
C TYR D 308 -62.72 17.30 -14.11
N ALA D 309 -62.01 18.31 -13.65
CA ALA D 309 -62.20 19.62 -14.23
C ALA D 309 -61.79 19.48 -15.70
N ALA D 310 -60.80 18.65 -15.93
CA ALA D 310 -60.31 18.42 -17.28
C ALA D 310 -61.35 17.71 -18.10
N ALA D 311 -62.07 16.79 -17.46
CA ALA D 311 -63.09 16.00 -18.14
C ALA D 311 -64.33 16.78 -18.51
N VAL D 312 -64.94 17.42 -17.52
CA VAL D 312 -66.14 18.20 -17.74
C VAL D 312 -65.94 19.13 -18.92
N MET D 313 -64.82 19.84 -18.95
CA MET D 313 -64.51 20.74 -20.06
C MET D 313 -64.49 19.95 -21.36
N ARG D 314 -63.72 18.89 -21.38
CA ARG D 314 -63.60 18.05 -22.57
C ARG D 314 -64.96 17.73 -23.15
N ALA D 315 -65.93 17.51 -22.28
CA ALA D 315 -67.27 17.17 -22.71
C ALA D 315 -68.01 18.29 -23.40
N ILE D 316 -67.77 19.52 -22.94
CA ILE D 316 -68.45 20.69 -23.48
C ILE D 316 -67.63 21.50 -24.48
N ASP D 317 -66.67 20.87 -25.14
CA ASP D 317 -65.87 21.58 -26.13
C ASP D 317 -65.35 22.92 -25.63
N PHE D 318 -64.98 22.96 -24.35
CA PHE D 318 -64.43 24.18 -23.78
C PHE D 318 -62.92 24.02 -23.85
N ASP D 319 -62.32 24.44 -24.95
CA ASP D 319 -60.89 24.32 -25.08
C ASP D 319 -60.18 24.97 -23.91
N ASP D 320 -58.91 24.65 -23.75
CA ASP D 320 -58.10 25.17 -22.66
C ASP D 320 -58.21 26.69 -22.48
N GLU D 321 -58.27 27.43 -23.57
CA GLU D 321 -58.33 28.89 -23.46
C GLU D 321 -59.43 29.42 -22.52
N LEU D 322 -60.60 28.79 -22.56
CA LEU D 322 -61.75 29.19 -21.75
C LEU D 322 -61.73 28.66 -20.34
N PHE D 323 -60.71 27.90 -20.01
CA PHE D 323 -60.64 27.34 -18.67
C PHE D 323 -60.62 28.40 -17.57
N THR D 324 -59.45 28.96 -17.29
CA THR D 324 -59.32 29.97 -16.26
C THR D 324 -60.51 30.92 -16.22
N PRO D 325 -60.86 31.53 -17.35
CA PRO D 325 -62.02 32.43 -17.29
C PRO D 325 -63.16 31.72 -16.57
N THR D 326 -63.72 30.71 -17.21
CA THR D 326 -64.80 29.95 -16.60
C THR D 326 -64.56 29.78 -15.12
N PHE D 327 -63.36 29.35 -14.76
CA PHE D 327 -63.04 29.16 -13.37
C PHE D 327 -63.26 30.48 -12.64
N SER D 328 -62.67 31.55 -13.17
CA SER D 328 -62.81 32.86 -12.54
C SER D 328 -64.28 33.17 -12.27
N ALA D 329 -65.06 33.22 -13.33
CA ALA D 329 -66.48 33.50 -13.19
C ALA D 329 -67.09 32.81 -11.97
N SER D 330 -66.52 31.69 -11.57
CA SER D 330 -67.04 30.96 -10.42
C SER D 330 -66.39 31.44 -9.13
N ARG D 331 -65.08 31.38 -9.08
CA ARG D 331 -64.39 31.82 -7.88
C ARG D 331 -64.81 33.24 -7.58
N MET D 332 -65.45 33.87 -8.56
CA MET D 332 -65.92 35.23 -8.41
C MET D 332 -66.80 35.31 -7.19
N VAL D 333 -67.55 34.25 -6.94
CA VAL D 333 -68.41 34.22 -5.77
C VAL D 333 -67.50 34.26 -4.57
N GLY D 334 -66.65 33.25 -4.49
CA GLY D 334 -65.72 33.17 -3.39
C GLY D 334 -65.10 34.50 -3.06
N TRP D 335 -64.64 35.19 -4.08
CA TRP D 335 -64.01 36.50 -3.91
C TRP D 335 -64.95 37.47 -3.24
N CYS D 336 -65.99 37.88 -3.94
CA CYS D 336 -66.92 38.82 -3.37
C CYS D 336 -67.17 38.43 -1.95
N ALA D 337 -67.65 37.21 -1.76
CA ALA D 337 -67.91 36.72 -0.42
C ALA D 337 -66.80 37.18 0.51
N HIS D 338 -65.57 36.83 0.16
CA HIS D 338 -64.40 37.19 0.94
C HIS D 338 -64.21 38.69 1.04
N VAL D 339 -64.47 39.42 -0.04
CA VAL D 339 -64.31 40.88 0.01
C VAL D 339 -65.30 41.41 1.03
N LEU D 340 -66.57 41.15 0.75
CA LEU D 340 -67.66 41.58 1.62
C LEU D 340 -67.37 41.34 3.09
N GLU D 341 -66.64 40.27 3.37
CA GLU D 341 -66.30 39.94 4.74
C GLU D 341 -65.08 40.71 5.22
N GLN D 342 -64.09 40.86 4.34
CA GLN D 342 -62.89 41.59 4.72
C GLN D 342 -63.29 42.97 5.20
N ALA D 343 -64.24 43.56 4.49
CA ALA D 343 -64.70 44.89 4.82
C ALA D 343 -65.48 44.95 6.13
N GLU D 344 -66.08 43.83 6.54
CA GLU D 344 -66.88 43.80 7.76
C GLU D 344 -66.03 44.22 8.95
N ASN D 345 -64.86 43.62 9.05
CA ASN D 345 -63.91 43.97 10.09
C ASN D 345 -62.60 44.00 9.33
N ASN D 346 -62.23 45.22 8.91
CA ASN D 346 -61.02 45.42 8.13
C ASN D 346 -59.74 45.13 8.89
N MET D 347 -58.62 45.51 8.30
CA MET D 347 -57.29 45.30 8.88
C MET D 347 -56.36 46.14 8.02
N ILE D 348 -55.06 45.93 8.14
CA ILE D 348 -54.11 46.67 7.33
C ILE D 348 -52.96 45.68 7.18
N PHE D 349 -52.94 45.00 6.04
CA PHE D 349 -51.95 43.95 5.84
C PHE D 349 -50.47 44.26 5.91
N ARG D 350 -50.12 45.50 6.30
CA ARG D 350 -48.71 45.90 6.44
C ARG D 350 -47.80 44.78 6.97
N PRO D 351 -47.13 44.02 6.08
CA PRO D 351 -46.25 42.97 6.56
C PRO D 351 -44.92 43.69 6.42
N SER D 352 -43.82 43.10 6.88
CA SER D 352 -42.54 43.81 6.73
C SER D 352 -41.55 42.85 6.06
N ALA D 353 -40.36 43.35 5.74
CA ALA D 353 -39.35 42.54 5.08
C ALA D 353 -37.93 42.79 5.59
N GLN D 354 -37.04 41.86 5.26
CA GLN D 354 -35.63 41.92 5.64
C GLN D 354 -34.83 42.49 4.48
N TYR D 355 -34.07 43.56 4.74
CA TYR D 355 -33.25 44.18 3.72
C TYR D 355 -31.88 43.50 3.61
N THR D 356 -31.55 43.08 2.40
CA THR D 356 -30.29 42.41 2.11
C THR D 356 -29.18 43.44 2.06
N GLY D 357 -29.22 44.25 1.01
CA GLY D 357 -28.25 45.31 0.74
C GLY D 357 -27.48 45.98 1.87
N ALA D 358 -26.32 46.51 1.53
CA ALA D 358 -25.47 47.16 2.51
C ALA D 358 -26.02 48.56 2.79
N ILE D 359 -25.84 49.04 4.03
CA ILE D 359 -26.32 50.38 4.39
C ILE D 359 -25.17 51.38 4.47
N PRO D 360 -25.43 52.65 4.11
CA PRO D 360 -24.40 53.70 4.14
C PRO D 360 -24.29 54.30 5.56
N GLU D 361 -23.11 54.83 5.87
CA GLU D 361 -22.88 55.42 7.20
C GLU D 361 -23.36 56.88 7.29
N GLU D 362 -23.93 57.22 8.46
CA GLU D 362 -24.44 58.56 8.75
C GLU D 362 -23.49 59.72 8.39
N VAL D 363 -22.19 59.51 8.64
CA VAL D 363 -21.12 60.49 8.36
C VAL D 363 -21.55 61.96 8.46
#